data_4JVB
# 
_entry.id   4JVB 
# 
_audit_conform.dict_name       mmcif_pdbx.dic 
_audit_conform.dict_version    5.379 
_audit_conform.dict_location   http://mmcif.pdb.org/dictionaries/ascii/mmcif_pdbx.dic 
# 
loop_
_database_2.database_id 
_database_2.database_code 
_database_2.pdbx_database_accession 
_database_2.pdbx_DOI 
PDB   4JVB         pdb_00004jvb 10.2210/pdb4jvb/pdb 
RCSB  RCSB078549   ?            ?                   
WWPDB D_1000078549 ?            ?                   
# 
loop_
_pdbx_database_related.db_name 
_pdbx_database_related.db_id 
_pdbx_database_related.details 
_pdbx_database_related.content_type 
PDB 4JV6 . unspecified 
PDB 4JV8 . unspecified 
PDB 4JVF . unspecified 
# 
_pdbx_database_status.status_code                     REL 
_pdbx_database_status.entry_id                        4JVB 
_pdbx_database_status.recvd_initial_deposition_date   2013-03-25 
_pdbx_database_status.deposit_site                    RCSB 
_pdbx_database_status.process_site                    RCSB 
_pdbx_database_status.status_code_sf                  REL 
_pdbx_database_status.status_code_mr                  ? 
_pdbx_database_status.SG_entry                        ? 
_pdbx_database_status.status_code_cs                  ? 
_pdbx_database_status.methods_development_category    ? 
_pdbx_database_status.pdb_format_compatible           Y 
_pdbx_database_status.status_code_nmr_data            ? 
# 
loop_
_audit_author.name 
_audit_author.pdbx_ordinal 
'Gunther, Z.'      1  
'Papke, B.'        2  
'Ismail, S.'       3  
'Vartak, N.'       4  
'Chandra, A.'      5  
'Hoffmann, M.'     6  
'Hahn, S.'         7  
'Triola, G.'       8  
'Wittinghofer, A.' 9  
'Bastiaens, P.'    10 
'Waldmann, H.'     11 
# 
_citation.id                        primary 
_citation.title                     'Small molecule inhibition of the KRAS PDEd interaction impairs oncogenic KRAS signalling' 
_citation.journal_abbrev            Nature 
_citation.journal_volume            497 
_citation.page_first                638 
_citation.page_last                 642 
_citation.year                      2013 
_citation.journal_id_ASTM           NATUAS 
_citation.country                   UK 
_citation.journal_id_ISSN           0028-0836 
_citation.journal_id_CSD            0006 
_citation.book_publisher            ? 
_citation.pdbx_database_id_PubMed   23698361 
_citation.pdbx_database_id_DOI      10.1038/nature12205 
# 
loop_
_citation_author.citation_id 
_citation_author.name 
_citation_author.ordinal 
_citation_author.identifier_ORCID 
primary 'Zimmermann, G.'   1  ? 
primary 'Papke, B.'        2  ? 
primary 'Ismail, S.'       3  ? 
primary 'Vartak, N.'       4  ? 
primary 'Chandra, A.'      5  ? 
primary 'Hoffmann, M.'     6  ? 
primary 'Hahn, S.A.'       7  ? 
primary 'Triola, G.'       8  ? 
primary 'Wittinghofer, A.' 9  ? 
primary 'Bastiaens, P.I.'  10 ? 
primary 'Waldmann, H.'     11 ? 
# 
_cell.entry_id           4JVB 
_cell.length_a           55.680 
_cell.length_b           55.680 
_cell.length_c           116.550 
_cell.angle_alpha        90.00 
_cell.angle_beta         90.00 
_cell.angle_gamma        120.00 
_cell.Z_PDB              6 
_cell.pdbx_unique_axis   ? 
_cell.length_a_esd       ? 
_cell.length_b_esd       ? 
_cell.length_c_esd       ? 
_cell.angle_alpha_esd    ? 
_cell.angle_beta_esd     ? 
_cell.angle_gamma_esd    ? 
# 
_symmetry.entry_id                         4JVB 
_symmetry.space_group_name_H-M             'P 32 2 1' 
_symmetry.pdbx_full_space_group_name_H-M   ? 
_symmetry.cell_setting                     ? 
_symmetry.Int_Tables_number                154 
_symmetry.space_group_name_Hall            ? 
# 
loop_
_entity.id 
_entity.type 
_entity.src_method 
_entity.pdbx_description 
_entity.formula_weight 
_entity.pdbx_number_of_molecules 
_entity.pdbx_ec 
_entity.pdbx_mutation 
_entity.pdbx_fragment 
_entity.details 
1 polymer     man 
;Retinal rod rhodopsin-sensitive cGMP 3',5'-cyclic phosphodiesterase subunit delta
;
17585.121 1   ? ? ? ? 
2 non-polymer syn '1-benzyl-2-(4-{[(2R)-2-(2-phenyl-1H-benzimidazol-1-yl)pent-4-en-1-yl]oxy}phenyl)-1H-benzimidazole' 560.687   1 
? ? ? ? 
3 water       nat water                                                                                               18.015    
156 ? ? ? ? 
# 
_entity_name_com.entity_id   1 
_entity_name_com.name        'GMP-PDE delta, Protein p17' 
# 
_entity_poly.entity_id                      1 
_entity_poly.type                           'polypeptide(L)' 
_entity_poly.nstd_linkage                   no 
_entity_poly.nstd_monomer                   no 
_entity_poly.pdbx_seq_one_letter_code       
;GSMSAKDERAREILRGFKLNWMNLRDAETGKILWQGTEDLSVPGVEHEARVPKKILKCKAVSRELNFSSTEQMEKFRLEQ
KVYFKGQCLEEWFFEFGFVIPNSTNTWQSLIEAAPESQMMPASVLTGNVIIETKFFDDDLLVSTSRVRLFYV
;
_entity_poly.pdbx_seq_one_letter_code_can   
;GSMSAKDERAREILRGFKLNWMNLRDAETGKILWQGTEDLSVPGVEHEARVPKKILKCKAVSRELNFSSTEQMEKFRLEQ
KVYFKGQCLEEWFFEFGFVIPNSTNTWQSLIEAAPESQMMPASVLTGNVIIETKFFDDDLLVSTSRVRLFYV
;
_entity_poly.pdbx_strand_id                 B 
_entity_poly.pdbx_target_identifier         ? 
# 
loop_
_entity_poly_seq.entity_id 
_entity_poly_seq.num 
_entity_poly_seq.mon_id 
_entity_poly_seq.hetero 
1 1   GLY n 
1 2   SER n 
1 3   MET n 
1 4   SER n 
1 5   ALA n 
1 6   LYS n 
1 7   ASP n 
1 8   GLU n 
1 9   ARG n 
1 10  ALA n 
1 11  ARG n 
1 12  GLU n 
1 13  ILE n 
1 14  LEU n 
1 15  ARG n 
1 16  GLY n 
1 17  PHE n 
1 18  LYS n 
1 19  LEU n 
1 20  ASN n 
1 21  TRP n 
1 22  MET n 
1 23  ASN n 
1 24  LEU n 
1 25  ARG n 
1 26  ASP n 
1 27  ALA n 
1 28  GLU n 
1 29  THR n 
1 30  GLY n 
1 31  LYS n 
1 32  ILE n 
1 33  LEU n 
1 34  TRP n 
1 35  GLN n 
1 36  GLY n 
1 37  THR n 
1 38  GLU n 
1 39  ASP n 
1 40  LEU n 
1 41  SER n 
1 42  VAL n 
1 43  PRO n 
1 44  GLY n 
1 45  VAL n 
1 46  GLU n 
1 47  HIS n 
1 48  GLU n 
1 49  ALA n 
1 50  ARG n 
1 51  VAL n 
1 52  PRO n 
1 53  LYS n 
1 54  LYS n 
1 55  ILE n 
1 56  LEU n 
1 57  LYS n 
1 58  CYS n 
1 59  LYS n 
1 60  ALA n 
1 61  VAL n 
1 62  SER n 
1 63  ARG n 
1 64  GLU n 
1 65  LEU n 
1 66  ASN n 
1 67  PHE n 
1 68  SER n 
1 69  SER n 
1 70  THR n 
1 71  GLU n 
1 72  GLN n 
1 73  MET n 
1 74  GLU n 
1 75  LYS n 
1 76  PHE n 
1 77  ARG n 
1 78  LEU n 
1 79  GLU n 
1 80  GLN n 
1 81  LYS n 
1 82  VAL n 
1 83  TYR n 
1 84  PHE n 
1 85  LYS n 
1 86  GLY n 
1 87  GLN n 
1 88  CYS n 
1 89  LEU n 
1 90  GLU n 
1 91  GLU n 
1 92  TRP n 
1 93  PHE n 
1 94  PHE n 
1 95  GLU n 
1 96  PHE n 
1 97  GLY n 
1 98  PHE n 
1 99  VAL n 
1 100 ILE n 
1 101 PRO n 
1 102 ASN n 
1 103 SER n 
1 104 THR n 
1 105 ASN n 
1 106 THR n 
1 107 TRP n 
1 108 GLN n 
1 109 SER n 
1 110 LEU n 
1 111 ILE n 
1 112 GLU n 
1 113 ALA n 
1 114 ALA n 
1 115 PRO n 
1 116 GLU n 
1 117 SER n 
1 118 GLN n 
1 119 MET n 
1 120 MET n 
1 121 PRO n 
1 122 ALA n 
1 123 SER n 
1 124 VAL n 
1 125 LEU n 
1 126 THR n 
1 127 GLY n 
1 128 ASN n 
1 129 VAL n 
1 130 ILE n 
1 131 ILE n 
1 132 GLU n 
1 133 THR n 
1 134 LYS n 
1 135 PHE n 
1 136 PHE n 
1 137 ASP n 
1 138 ASP n 
1 139 ASP n 
1 140 LEU n 
1 141 LEU n 
1 142 VAL n 
1 143 SER n 
1 144 THR n 
1 145 SER n 
1 146 ARG n 
1 147 VAL n 
1 148 ARG n 
1 149 LEU n 
1 150 PHE n 
1 151 TYR n 
1 152 VAL n 
# 
_entity_src_gen.entity_id                          1 
_entity_src_gen.pdbx_src_id                        1 
_entity_src_gen.pdbx_alt_source_flag               sample 
_entity_src_gen.pdbx_seq_type                      ? 
_entity_src_gen.pdbx_beg_seq_num                   ? 
_entity_src_gen.pdbx_end_seq_num                   ? 
_entity_src_gen.gene_src_common_name               human 
_entity_src_gen.gene_src_genus                     ? 
_entity_src_gen.pdbx_gene_src_gene                 'PDE6D, PDED' 
_entity_src_gen.gene_src_species                   ? 
_entity_src_gen.gene_src_strain                    ? 
_entity_src_gen.gene_src_tissue                    ? 
_entity_src_gen.gene_src_tissue_fraction           ? 
_entity_src_gen.gene_src_details                   ? 
_entity_src_gen.pdbx_gene_src_fragment             ? 
_entity_src_gen.pdbx_gene_src_scientific_name      'Homo sapiens' 
_entity_src_gen.pdbx_gene_src_ncbi_taxonomy_id     9606 
_entity_src_gen.pdbx_gene_src_variant              ? 
_entity_src_gen.pdbx_gene_src_cell_line            ? 
_entity_src_gen.pdbx_gene_src_atcc                 ? 
_entity_src_gen.pdbx_gene_src_organ                ? 
_entity_src_gen.pdbx_gene_src_organelle            ? 
_entity_src_gen.pdbx_gene_src_cell                 ? 
_entity_src_gen.pdbx_gene_src_cellular_location    ? 
_entity_src_gen.host_org_common_name               ? 
_entity_src_gen.pdbx_host_org_scientific_name      'Escherichia coli' 
_entity_src_gen.pdbx_host_org_ncbi_taxonomy_id     562 
_entity_src_gen.host_org_genus                     ? 
_entity_src_gen.pdbx_host_org_gene                 ? 
_entity_src_gen.pdbx_host_org_organ                ? 
_entity_src_gen.host_org_species                   ? 
_entity_src_gen.pdbx_host_org_tissue               ? 
_entity_src_gen.pdbx_host_org_tissue_fraction      ? 
_entity_src_gen.pdbx_host_org_strain               ? 
_entity_src_gen.pdbx_host_org_variant              ? 
_entity_src_gen.pdbx_host_org_cell_line            ? 
_entity_src_gen.pdbx_host_org_atcc                 ? 
_entity_src_gen.pdbx_host_org_culture_collection   ? 
_entity_src_gen.pdbx_host_org_cell                 ? 
_entity_src_gen.pdbx_host_org_organelle            ? 
_entity_src_gen.pdbx_host_org_cellular_location    ? 
_entity_src_gen.pdbx_host_org_vector_type          ? 
_entity_src_gen.pdbx_host_org_vector               ? 
_entity_src_gen.host_org_details                   ? 
_entity_src_gen.expression_system_id               ? 
_entity_src_gen.plasmid_name                       ? 
_entity_src_gen.plasmid_details                    ? 
_entity_src_gen.pdbx_description                   ? 
# 
_struct_ref.id                         1 
_struct_ref.db_name                    UNP 
_struct_ref.db_code                    PDE6D_HUMAN 
_struct_ref.pdbx_db_accession          O43924 
_struct_ref.entity_id                  1 
_struct_ref.pdbx_seq_one_letter_code   
;MSAKDERAREILRGFKLNWMNLRDAETGKILWQGTEDLSVPGVEHEARVPKKILKCKAVSRELNFSSTEQMEKFRLEQKV
YFKGQCLEEWFFEFGFVIPNSTNTWQSLIEAAPESQMMPASVLTGNVIIETKFFDDDLLVSTSRVRLFYV
;
_struct_ref.pdbx_align_begin           1 
_struct_ref.pdbx_db_isoform            ? 
# 
_struct_ref_seq.align_id                      1 
_struct_ref_seq.ref_id                        1 
_struct_ref_seq.pdbx_PDB_id_code              4JVB 
_struct_ref_seq.pdbx_strand_id                B 
_struct_ref_seq.seq_align_beg                 3 
_struct_ref_seq.pdbx_seq_align_beg_ins_code   ? 
_struct_ref_seq.seq_align_end                 152 
_struct_ref_seq.pdbx_seq_align_end_ins_code   ? 
_struct_ref_seq.pdbx_db_accession             O43924 
_struct_ref_seq.db_align_beg                  1 
_struct_ref_seq.pdbx_db_align_beg_ins_code    ? 
_struct_ref_seq.db_align_end                  150 
_struct_ref_seq.pdbx_db_align_end_ins_code    ? 
_struct_ref_seq.pdbx_auth_seq_align_beg       1 
_struct_ref_seq.pdbx_auth_seq_align_end       150 
# 
loop_
_struct_ref_seq_dif.align_id 
_struct_ref_seq_dif.pdbx_pdb_id_code 
_struct_ref_seq_dif.mon_id 
_struct_ref_seq_dif.pdbx_pdb_strand_id 
_struct_ref_seq_dif.seq_num 
_struct_ref_seq_dif.pdbx_pdb_ins_code 
_struct_ref_seq_dif.pdbx_seq_db_name 
_struct_ref_seq_dif.pdbx_seq_db_accession_code 
_struct_ref_seq_dif.db_mon_id 
_struct_ref_seq_dif.pdbx_seq_db_seq_num 
_struct_ref_seq_dif.details 
_struct_ref_seq_dif.pdbx_auth_seq_num 
_struct_ref_seq_dif.pdbx_ordinal 
1 4JVB GLY B 1 ? UNP O43924 ? ? 'expression tag' -1 1 
1 4JVB SER B 2 ? UNP O43924 ? ? 'expression tag' 0  2 
# 
loop_
_chem_comp.id 
_chem_comp.type 
_chem_comp.mon_nstd_flag 
_chem_comp.name 
_chem_comp.pdbx_synonyms 
_chem_comp.formula 
_chem_comp.formula_weight 
1M0 non-polymer         . '1-benzyl-2-(4-{[(2R)-2-(2-phenyl-1H-benzimidazol-1-yl)pent-4-en-1-yl]oxy}phenyl)-1H-benzimidazole' ? 
'C38 H32 N4 O'   560.687 
ALA 'L-peptide linking' y ALANINE                                                                                             ? 
'C3 H7 N O2'     89.093  
ARG 'L-peptide linking' y ARGININE                                                                                            ? 
'C6 H15 N4 O2 1' 175.209 
ASN 'L-peptide linking' y ASPARAGINE                                                                                          ? 
'C4 H8 N2 O3'    132.118 
ASP 'L-peptide linking' y 'ASPARTIC ACID'                                                                                     ? 
'C4 H7 N O4'     133.103 
CYS 'L-peptide linking' y CYSTEINE                                                                                            ? 
'C3 H7 N O2 S'   121.158 
GLN 'L-peptide linking' y GLUTAMINE                                                                                           ? 
'C5 H10 N2 O3'   146.144 
GLU 'L-peptide linking' y 'GLUTAMIC ACID'                                                                                     ? 
'C5 H9 N O4'     147.129 
GLY 'peptide linking'   y GLYCINE                                                                                             ? 
'C2 H5 N O2'     75.067  
HIS 'L-peptide linking' y HISTIDINE                                                                                           ? 
'C6 H10 N3 O2 1' 156.162 
HOH non-polymer         . WATER                                                                                               ? 
'H2 O'           18.015  
ILE 'L-peptide linking' y ISOLEUCINE                                                                                          ? 
'C6 H13 N O2'    131.173 
LEU 'L-peptide linking' y LEUCINE                                                                                             ? 
'C6 H13 N O2'    131.173 
LYS 'L-peptide linking' y LYSINE                                                                                              ? 
'C6 H15 N2 O2 1' 147.195 
MET 'L-peptide linking' y METHIONINE                                                                                          ? 
'C5 H11 N O2 S'  149.211 
PHE 'L-peptide linking' y PHENYLALANINE                                                                                       ? 
'C9 H11 N O2'    165.189 
PRO 'L-peptide linking' y PROLINE                                                                                             ? 
'C5 H9 N O2'     115.130 
SER 'L-peptide linking' y SERINE                                                                                              ? 
'C3 H7 N O3'     105.093 
THR 'L-peptide linking' y THREONINE                                                                                           ? 
'C4 H9 N O3'     119.119 
TRP 'L-peptide linking' y TRYPTOPHAN                                                                                          ? 
'C11 H12 N2 O2'  204.225 
TYR 'L-peptide linking' y TYROSINE                                                                                            ? 
'C9 H11 N O3'    181.189 
VAL 'L-peptide linking' y VALINE                                                                                              ? 
'C5 H11 N O2'    117.146 
# 
_exptl.entry_id          4JVB 
_exptl.method            'X-RAY DIFFRACTION' 
_exptl.crystals_number   1 
# 
_exptl_crystal.id                    1 
_exptl_crystal.density_meas          ? 
_exptl_crystal.density_Matthews      2.97 
_exptl_crystal.density_percent_sol   58.53 
_exptl_crystal.description           ? 
_exptl_crystal.F_000                 ? 
_exptl_crystal.preparation           ? 
# 
_exptl_crystal_grow.crystal_id      1 
_exptl_crystal_grow.method          'VAPOR DIFFUSION, SITTING DROP' 
_exptl_crystal_grow.temp            293 
_exptl_crystal_grow.temp_details    ? 
_exptl_crystal_grow.pH              4.6 
_exptl_crystal_grow.pdbx_pH_range   ? 
_exptl_crystal_grow.pdbx_details    '100mM Sodium Acetate, 2.0M NaCl, pH 4.6, VAPOR DIFFUSION, SITTING DROP, temperature 293K' 
# 
_diffrn.id                     1 
_diffrn.ambient_temp           100 
_diffrn.ambient_temp_details   ? 
_diffrn.crystal_id             1 
# 
_diffrn_detector.diffrn_id              1 
_diffrn_detector.detector               PIXEL 
_diffrn_detector.type                   'DECTRIS PILATUS 6M' 
_diffrn_detector.pdbx_collection_date   2011-08-12 
_diffrn_detector.details                ? 
# 
_diffrn_radiation.diffrn_id                        1 
_diffrn_radiation.wavelength_id                    1 
_diffrn_radiation.pdbx_monochromatic_or_laue_m_l   M 
_diffrn_radiation.monochromator                    'SAGITALLY - HORIZONTALLY FOCUSED SI(111) MONOCHROMATOR' 
_diffrn_radiation.pdbx_diffrn_protocol             'SINGLE WAVELENGTH' 
_diffrn_radiation.pdbx_scattering_type             x-ray 
# 
_diffrn_radiation_wavelength.id           1 
_diffrn_radiation_wavelength.wavelength   1 
_diffrn_radiation_wavelength.wt           1.0 
# 
_diffrn_source.diffrn_id                   1 
_diffrn_source.source                      SYNCHROTRON 
_diffrn_source.type                        'SLS BEAMLINE X10SA' 
_diffrn_source.pdbx_synchrotron_site       SLS 
_diffrn_source.pdbx_synchrotron_beamline   X10SA 
_diffrn_source.pdbx_wavelength             ? 
_diffrn_source.pdbx_wavelength_list        1 
# 
_reflns.pdbx_diffrn_id               1 
_reflns.pdbx_ordinal                 1 
_reflns.entry_id                     4JVB 
_reflns.observed_criterion_sigma_I   -3 
_reflns.observed_criterion_sigma_F   -3 
_reflns.d_resolution_low             27.842 
_reflns.d_resolution_high            1.75 
_reflns.number_obs                   21768 
_reflns.number_all                   21768 
_reflns.percent_possible_obs         99.8 
_reflns.pdbx_Rmerge_I_obs            ? 
_reflns.pdbx_Rsym_value              ? 
_reflns.pdbx_netI_over_sigmaI        ? 
_reflns.B_iso_Wilson_estimate        ? 
_reflns.pdbx_redundancy              ? 
_reflns.R_free_details               ? 
_reflns.limit_h_max                  ? 
_reflns.limit_h_min                  ? 
_reflns.limit_k_max                  ? 
_reflns.limit_k_min                  ? 
_reflns.limit_l_max                  ? 
_reflns.limit_l_min                  ? 
_reflns.observed_criterion_F_max     ? 
_reflns.observed_criterion_F_min     ? 
_reflns.pdbx_chi_squared             ? 
_reflns.pdbx_scaling_rejects         ? 
# 
_reflns_shell.pdbx_diffrn_id         1 
_reflns_shell.pdbx_ordinal           1 
_reflns_shell.d_res_high             1.75 
_reflns_shell.d_res_low              1.8 
_reflns_shell.percent_possible_all   99.5 
_reflns_shell.Rmerge_I_obs           ? 
_reflns_shell.pdbx_Rsym_value        ? 
_reflns_shell.meanI_over_sigI_obs    ? 
_reflns_shell.pdbx_redundancy        ? 
_reflns_shell.percent_possible_obs   ? 
_reflns_shell.number_unique_all      ? 
_reflns_shell.number_measured_all    ? 
_reflns_shell.number_measured_obs    ? 
_reflns_shell.number_unique_obs      ? 
_reflns_shell.pdbx_chi_squared       ? 
# 
_refine.pdbx_refine_id                           'X-RAY DIFFRACTION' 
_refine.entry_id                                 4JVB 
_refine.pdbx_diffrn_id                           1 
_refine.pdbx_TLS_residual_ADP_flag               ? 
_refine.ls_number_reflns_obs                     20677 
_refine.ls_number_reflns_all                     20677 
_refine.pdbx_ls_sigma_I                          ? 
_refine.pdbx_ls_sigma_F                          . 
_refine.pdbx_data_cutoff_high_absF               ? 
_refine.pdbx_data_cutoff_low_absF                ? 
_refine.pdbx_data_cutoff_high_rms_absF           ? 
_refine.ls_d_res_low                             27.84 
_refine.ls_d_res_high                            1.75 
_refine.ls_percent_reflns_obs                    99.75 
_refine.ls_R_factor_obs                          0.19011 
_refine.ls_R_factor_all                          ? 
_refine.ls_R_factor_R_work                       0.18771 
_refine.ls_R_factor_R_free                       0.23588 
_refine.ls_R_factor_R_free_error                 ? 
_refine.ls_R_factor_R_free_error_details         ? 
_refine.ls_percent_reflns_R_free                 5.0 
_refine.ls_number_reflns_R_free                  1089 
_refine.ls_number_parameters                     ? 
_refine.ls_number_restraints                     ? 
_refine.occupancy_min                            ? 
_refine.occupancy_max                            ? 
_refine.correlation_coeff_Fo_to_Fc               0.965 
_refine.correlation_coeff_Fo_to_Fc_free          0.937 
_refine.B_iso_mean                               31.822 
_refine.aniso_B[1][1]                            1.11 
_refine.aniso_B[2][2]                            1.11 
_refine.aniso_B[3][3]                            -1.66 
_refine.aniso_B[1][2]                            0.55 
_refine.aniso_B[1][3]                            0.00 
_refine.aniso_B[2][3]                            0.00 
_refine.solvent_model_details                    MASK 
_refine.solvent_model_param_ksol                 ? 
_refine.solvent_model_param_bsol                 ? 
_refine.pdbx_solvent_vdw_probe_radii             1.20 
_refine.pdbx_solvent_ion_probe_radii             0.80 
_refine.pdbx_solvent_shrinkage_radii             0.80 
_refine.pdbx_ls_cross_valid_method               THROUGHOUT 
_refine.details                                  'HYDROGENS HAVE BEEN USED IF PRESENT IN THE INPUT' 
_refine.pdbx_starting_model                      3T5g 
_refine.pdbx_method_to_determine_struct          'MOLECULAR REPLACEMENT' 
_refine.pdbx_isotropic_thermal_model             ? 
_refine.pdbx_stereochemistry_target_values       'MAXIMUM LIKELIHOOD' 
_refine.pdbx_stereochem_target_val_spec_case     ? 
_refine.pdbx_R_Free_selection_details            RANDOM 
_refine.pdbx_overall_ESU_R                       0.102 
_refine.pdbx_overall_ESU_R_Free                  0.109 
_refine.overall_SU_ML                            0.075 
_refine.pdbx_overall_phase_error                 ? 
_refine.overall_SU_B                             2.328 
_refine.overall_SU_R_Cruickshank_DPI             ? 
_refine.pdbx_overall_SU_R_free_Cruickshank_DPI   ? 
_refine.pdbx_overall_SU_R_Blow_DPI               ? 
_refine.pdbx_overall_SU_R_free_Blow_DPI          ? 
_refine.ls_redundancy_reflns_obs                 ? 
_refine.B_iso_min                                ? 
_refine.B_iso_max                                ? 
_refine.overall_SU_R_free                        ? 
_refine.ls_wR_factor_R_free                      ? 
_refine.ls_wR_factor_R_work                      ? 
_refine.overall_FOM_free_R_set                   ? 
_refine.overall_FOM_work_R_set                   ? 
# 
_refine_hist.pdbx_refine_id                   'X-RAY DIFFRACTION' 
_refine_hist.cycle_id                         LAST 
_refine_hist.pdbx_number_atoms_protein        1189 
_refine_hist.pdbx_number_atoms_nucleic_acid   0 
_refine_hist.pdbx_number_atoms_ligand         43 
_refine_hist.number_atoms_solvent             156 
_refine_hist.number_atoms_total               1388 
_refine_hist.d_res_high                       1.75 
_refine_hist.d_res_low                        27.84 
# 
loop_
_refine_ls_restr.type 
_refine_ls_restr.dev_ideal 
_refine_ls_restr.dev_ideal_target 
_refine_ls_restr.weight 
_refine_ls_restr.number 
_refine_ls_restr.pdbx_refine_id 
_refine_ls_restr.pdbx_restraint_function 
r_bond_refined_d             0.026  0.022  ? 1279 'X-RAY DIFFRACTION' ? 
r_bond_other_d               ?      ?      ? ?    'X-RAY DIFFRACTION' ? 
r_angle_refined_deg          2.483  1.995  ? 1726 'X-RAY DIFFRACTION' ? 
r_angle_other_deg            ?      ?      ? ?    'X-RAY DIFFRACTION' ? 
r_dihedral_angle_1_deg       6.962  5.000  ? 148  'X-RAY DIFFRACTION' ? 
r_dihedral_angle_2_deg       39.310 23.934 ? 61   'X-RAY DIFFRACTION' ? 
r_dihedral_angle_3_deg       15.982 15.000 ? 228  'X-RAY DIFFRACTION' ? 
r_dihedral_angle_4_deg       20.153 15.000 ? 9    'X-RAY DIFFRACTION' ? 
r_chiral_restr               0.183  0.200  ? 181  'X-RAY DIFFRACTION' ? 
r_gen_planes_refined         0.012  0.020  ? 967  'X-RAY DIFFRACTION' ? 
r_gen_planes_other           ?      ?      ? ?    'X-RAY DIFFRACTION' ? 
r_nbd_refined                ?      ?      ? ?    'X-RAY DIFFRACTION' ? 
r_nbd_other                  ?      ?      ? ?    'X-RAY DIFFRACTION' ? 
r_nbtor_refined              ?      ?      ? ?    'X-RAY DIFFRACTION' ? 
r_nbtor_other                ?      ?      ? ?    'X-RAY DIFFRACTION' ? 
r_xyhbond_nbd_refined        ?      ?      ? ?    'X-RAY DIFFRACTION' ? 
r_xyhbond_nbd_other          ?      ?      ? ?    'X-RAY DIFFRACTION' ? 
r_metal_ion_refined          ?      ?      ? ?    'X-RAY DIFFRACTION' ? 
r_metal_ion_other            ?      ?      ? ?    'X-RAY DIFFRACTION' ? 
r_symmetry_vdw_refined       ?      ?      ? ?    'X-RAY DIFFRACTION' ? 
r_symmetry_vdw_other         ?      ?      ? ?    'X-RAY DIFFRACTION' ? 
r_symmetry_hbond_refined     ?      ?      ? ?    'X-RAY DIFFRACTION' ? 
r_symmetry_hbond_other       ?      ?      ? ?    'X-RAY DIFFRACTION' ? 
r_symmetry_metal_ion_refined ?      ?      ? ?    'X-RAY DIFFRACTION' ? 
r_symmetry_metal_ion_other   ?      ?      ? ?    'X-RAY DIFFRACTION' ? 
r_mcbond_it                  ?      ?      ? ?    'X-RAY DIFFRACTION' ? 
r_mcbond_other               ?      ?      ? ?    'X-RAY DIFFRACTION' ? 
r_mcangle_it                 ?      ?      ? ?    'X-RAY DIFFRACTION' ? 
r_scbond_it                  ?      ?      ? ?    'X-RAY DIFFRACTION' ? 
r_scangle_it                 ?      ?      ? ?    'X-RAY DIFFRACTION' ? 
r_rigid_bond_restr           ?      ?      ? ?    'X-RAY DIFFRACTION' ? 
r_sphericity_free            ?      ?      ? ?    'X-RAY DIFFRACTION' ? 
r_sphericity_bonded          ?      ?      ? ?    'X-RAY DIFFRACTION' ? 
# 
_refine_ls_shell.pdbx_refine_id                   'X-RAY DIFFRACTION' 
_refine_ls_shell.pdbx_total_number_of_bins_used   20 
_refine_ls_shell.d_res_high                       1.750 
_refine_ls_shell.d_res_low                        1.795 
_refine_ls_shell.number_reflns_R_work             1368 
_refine_ls_shell.R_factor_R_work                  0.293 
_refine_ls_shell.percent_reflns_obs               99.59 
_refine_ls_shell.R_factor_R_free                  0.319 
_refine_ls_shell.R_factor_R_free_error            ? 
_refine_ls_shell.percent_reflns_R_free            ? 
_refine_ls_shell.number_reflns_R_free             79 
_refine_ls_shell.number_reflns_all                ? 
_refine_ls_shell.R_factor_all                     ? 
_refine_ls_shell.redundancy_reflns_obs            ? 
_refine_ls_shell.number_reflns_obs                ? 
# 
_struct.entry_id                  4JVB 
_struct.title                     'Crystal structure of PDE6D in complex with the inhibitor rac-2' 
_struct.pdbx_model_details        ? 
_struct.pdbx_CASP_flag            ? 
_struct.pdbx_model_type_details   ? 
# 
_struct_keywords.entry_id        4JVB 
_struct_keywords.pdbx_keywords   'Protein binding/inhibitor' 
_struct_keywords.text            
'Immunoglobulin-like beta-sandwich, GDI-like solubilizing factor, prenyl binding, Protein binding-inhibitor complex' 
# 
loop_
_struct_asym.id 
_struct_asym.pdbx_blank_PDB_chainid_flag 
_struct_asym.pdbx_modified 
_struct_asym.entity_id 
_struct_asym.details 
A N N 1 ? 
B N N 2 ? 
C N N 3 ? 
# 
_struct_biol.id        1 
_struct_biol.details   Monomer 
# 
loop_
_struct_conf.conf_type_id 
_struct_conf.id 
_struct_conf.pdbx_PDB_helix_id 
_struct_conf.beg_label_comp_id 
_struct_conf.beg_label_asym_id 
_struct_conf.beg_label_seq_id 
_struct_conf.pdbx_beg_PDB_ins_code 
_struct_conf.end_label_comp_id 
_struct_conf.end_label_asym_id 
_struct_conf.end_label_seq_id 
_struct_conf.pdbx_end_PDB_ins_code 
_struct_conf.beg_auth_comp_id 
_struct_conf.beg_auth_asym_id 
_struct_conf.beg_auth_seq_id 
_struct_conf.end_auth_comp_id 
_struct_conf.end_auth_asym_id 
_struct_conf.end_auth_seq_id 
_struct_conf.pdbx_PDB_helix_class 
_struct_conf.details 
_struct_conf.pdbx_PDB_helix_length 
HELX_P HELX_P1 1 SER A 4   ? GLY A 16  ? SER B 2   GLY B 14  1 ? 13 
HELX_P HELX_P2 2 LYS A 54  ? CYS A 58  ? LYS B 52  CYS B 56  5 ? 5  
HELX_P HELX_P3 3 PRO A 121 ? THR A 126 ? PRO B 119 THR B 124 1 ? 6  
# 
_struct_conf_type.id          HELX_P 
_struct_conf_type.criteria    ? 
_struct_conf_type.reference   ? 
# 
loop_
_struct_sheet.id 
_struct_sheet.type 
_struct_sheet.number_strands 
_struct_sheet.details 
A ? 4 ? 
B ? 5 ? 
# 
loop_
_struct_sheet_order.sheet_id 
_struct_sheet_order.range_id_1 
_struct_sheet_order.range_id_2 
_struct_sheet_order.offset 
_struct_sheet_order.sense 
A 1 2 ? anti-parallel 
A 2 3 ? anti-parallel 
A 3 4 ? anti-parallel 
B 1 2 ? parallel      
B 2 3 ? anti-parallel 
B 3 4 ? anti-parallel 
B 4 5 ? anti-parallel 
# 
loop_
_struct_sheet_range.sheet_id 
_struct_sheet_range.id 
_struct_sheet_range.beg_label_comp_id 
_struct_sheet_range.beg_label_asym_id 
_struct_sheet_range.beg_label_seq_id 
_struct_sheet_range.pdbx_beg_PDB_ins_code 
_struct_sheet_range.end_label_comp_id 
_struct_sheet_range.end_label_asym_id 
_struct_sheet_range.end_label_seq_id 
_struct_sheet_range.pdbx_end_PDB_ins_code 
_struct_sheet_range.beg_auth_comp_id 
_struct_sheet_range.beg_auth_asym_id 
_struct_sheet_range.beg_auth_seq_id 
_struct_sheet_range.end_auth_comp_id 
_struct_sheet_range.end_auth_asym_id 
_struct_sheet_range.end_auth_seq_id 
A 1 ILE A 32  ? GLY A 36  ? ILE B 30  GLY B 34  
A 2 PHE A 17  ? ASP A 26  ? PHE B 15  ASP B 24  
A 3 ALA A 60  ? SER A 69  ? ALA B 58  SER B 67  
A 4 SER A 103 ? GLU A 112 ? SER B 101 GLU B 110 
B 1 GLU A 46  ? PRO A 52  ? GLU B 44  PRO B 50  
B 2 LEU A 140 ? VAL A 152 ? LEU B 138 VAL B 150 
B 3 VAL A 129 ? ASP A 137 ? VAL B 127 ASP B 135 
B 4 MET A 73  ? PHE A 84  ? MET B 71  PHE B 82  
B 5 GLN A 87  ? VAL A 99  ? GLN B 85  VAL B 97  
# 
loop_
_pdbx_struct_sheet_hbond.sheet_id 
_pdbx_struct_sheet_hbond.range_id_1 
_pdbx_struct_sheet_hbond.range_id_2 
_pdbx_struct_sheet_hbond.range_1_label_atom_id 
_pdbx_struct_sheet_hbond.range_1_label_comp_id 
_pdbx_struct_sheet_hbond.range_1_label_asym_id 
_pdbx_struct_sheet_hbond.range_1_label_seq_id 
_pdbx_struct_sheet_hbond.range_1_PDB_ins_code 
_pdbx_struct_sheet_hbond.range_1_auth_atom_id 
_pdbx_struct_sheet_hbond.range_1_auth_comp_id 
_pdbx_struct_sheet_hbond.range_1_auth_asym_id 
_pdbx_struct_sheet_hbond.range_1_auth_seq_id 
_pdbx_struct_sheet_hbond.range_2_label_atom_id 
_pdbx_struct_sheet_hbond.range_2_label_comp_id 
_pdbx_struct_sheet_hbond.range_2_label_asym_id 
_pdbx_struct_sheet_hbond.range_2_label_seq_id 
_pdbx_struct_sheet_hbond.range_2_PDB_ins_code 
_pdbx_struct_sheet_hbond.range_2_auth_atom_id 
_pdbx_struct_sheet_hbond.range_2_auth_comp_id 
_pdbx_struct_sheet_hbond.range_2_auth_asym_id 
_pdbx_struct_sheet_hbond.range_2_auth_seq_id 
A 1 2 O LEU A 33  ? O LEU B 31  N LEU A 24  ? N LEU B 22  
A 2 3 N ASN A 20  ? N ASN B 18  O ASN A 66  ? O ASN B 64  
A 3 4 N VAL A 61  ? N VAL B 59  O ILE A 111 ? O ILE B 109 
B 1 2 N VAL A 51  ? N VAL B 49  O PHE A 150 ? O PHE B 148 
B 2 3 O VAL A 142 ? O VAL B 140 N PHE A 135 ? N PHE B 133 
B 3 4 O LYS A 134 ? O LYS B 132 N GLU A 79  ? N GLU B 77  
B 4 5 N MET A 73  ? N MET B 71  O VAL A 99  ? O VAL B 97  
# 
_struct_site.id                   AC1 
_struct_site.pdbx_evidence_code   Software 
_struct_site.pdbx_auth_asym_id    B 
_struct_site.pdbx_auth_comp_id    1M0 
_struct_site.pdbx_auth_seq_id     201 
_struct_site.pdbx_auth_ins_code   ? 
_struct_site.pdbx_num_residues    15 
_struct_site.details              'BINDING SITE FOR RESIDUE 1M0 B 201' 
# 
loop_
_struct_site_gen.id 
_struct_site_gen.site_id 
_struct_site_gen.pdbx_num_res 
_struct_site_gen.label_comp_id 
_struct_site_gen.label_asym_id 
_struct_site_gen.label_seq_id 
_struct_site_gen.pdbx_auth_ins_code 
_struct_site_gen.auth_comp_id 
_struct_site_gen.auth_asym_id 
_struct_site_gen.auth_seq_id 
_struct_site_gen.label_atom_id 
_struct_site_gen.label_alt_id 
_struct_site_gen.symmetry 
_struct_site_gen.details 
1  AC1 15 LEU A 19  ? LEU B 17  . ? 1_555 ? 
2  AC1 15 LEU A 24  ? LEU B 22  . ? 1_555 ? 
3  AC1 15 TRP A 34  ? TRP B 32  . ? 1_555 ? 
4  AC1 15 ALA A 49  ? ALA B 47  . ? 1_555 ? 
5  AC1 15 VAL A 51  ? VAL B 49  . ? 1_555 ? 
6  AC1 15 ILE A 55  ? ILE B 53  . ? 1_555 ? 
7  AC1 15 ARG A 63  ? ARG B 61  . ? 1_555 ? 
8  AC1 15 GLN A 80  ? GLN B 78  . ? 1_555 ? 
9  AC1 15 GLU A 90  ? GLU B 88  . ? 1_555 ? 
10 AC1 15 ILE A 111 ? ILE B 109 . ? 1_555 ? 
11 AC1 15 ALA A 113 ? ALA B 111 . ? 1_555 ? 
12 AC1 15 MET A 119 ? MET B 117 . ? 1_555 ? 
13 AC1 15 ILE A 131 ? ILE B 129 . ? 1_555 ? 
14 AC1 15 LEU A 149 ? LEU B 147 . ? 1_555 ? 
15 AC1 15 TYR A 151 ? TYR B 149 . ? 1_555 ? 
# 
_atom_sites.entry_id                    4JVB 
_atom_sites.fract_transf_matrix[1][1]   0.01763891 
_atom_sites.fract_transf_matrix[1][2]   0.00997383 
_atom_sites.fract_transf_matrix[1][3]   -0.00441242 
_atom_sites.fract_transf_matrix[2][1]   0.00191512 
_atom_sites.fract_transf_matrix[2][2]   0.01023979 
_atom_sites.fract_transf_matrix[2][3]   -0.01793164 
_atom_sites.fract_transf_matrix[3][1]   -0.00307915 
_atom_sites.fract_transf_matrix[3][2]   0.00709162 
_atom_sites.fract_transf_matrix[3][3]   0.00372078 
_atom_sites.fract_transf_vector[1]      0.409258 
_atom_sites.fract_transf_vector[2]      -0.159659 
_atom_sites.fract_transf_vector[3]      -0.090403 
# 
loop_
_atom_type.symbol 
C 
N 
O 
S 
# 
loop_
_atom_site.group_PDB 
_atom_site.id 
_atom_site.type_symbol 
_atom_site.label_atom_id 
_atom_site.label_alt_id 
_atom_site.label_comp_id 
_atom_site.label_asym_id 
_atom_site.label_entity_id 
_atom_site.label_seq_id 
_atom_site.pdbx_PDB_ins_code 
_atom_site.Cartn_x 
_atom_site.Cartn_y 
_atom_site.Cartn_z 
_atom_site.occupancy 
_atom_site.B_iso_or_equiv 
_atom_site.pdbx_formal_charge 
_atom_site.auth_seq_id 
_atom_site.auth_comp_id 
_atom_site.auth_asym_id 
_atom_site.auth_atom_id 
_atom_site.pdbx_PDB_model_num 
ATOM   1    N N   . SER A 1 4   ? 21.572  15.570  5.527   1.00 40.58  ? 2   SER B N   1 
ATOM   2    C CA  . SER A 1 4   ? 20.413  16.520  5.535   1.00 38.90  ? 2   SER B CA  1 
ATOM   3    C C   . SER A 1 4   ? 19.597  16.243  6.784   1.00 45.67  ? 2   SER B C   1 
ATOM   4    O O   . SER A 1 4   ? 19.531  15.055  7.229   1.00 40.33  ? 2   SER B O   1 
ATOM   5    C CB  . SER A 1 4   ? 19.554  16.300  4.290   1.00 61.96  ? 2   SER B CB  1 
ATOM   6    O OG  . SER A 1 4   ? 19.800  14.999  3.742   1.00 60.30  ? 2   SER B OG  1 
ATOM   7    N N   . ALA A 1 5   ? 19.010  17.299  7.367   1.00 38.33  ? 3   ALA B N   1 
ATOM   8    C CA  . ALA A 1 5   ? 18.079  17.132  8.497   1.00 48.88  ? 3   ALA B CA  1 
ATOM   9    C C   . ALA A 1 5   ? 16.876  16.331  7.985   1.00 42.38  ? 3   ALA B C   1 
ATOM   10   O O   . ALA A 1 5   ? 16.336  15.490  8.705   1.00 35.80  ? 3   ALA B O   1 
ATOM   11   C CB  . ALA A 1 5   ? 17.613  18.466  9.055   1.00 45.20  ? 3   ALA B CB  1 
ATOM   12   N N   . LYS A 1 6   ? 16.512  16.593  6.731   1.00 47.19  ? 4   LYS B N   1 
ATOM   13   C CA  . LYS A 1 6   ? 15.374  15.934  6.067   1.00 43.65  ? 4   LYS B CA  1 
ATOM   14   C C   . LYS A 1 6   ? 15.565  14.416  5.860   1.00 36.10  ? 4   LYS B C   1 
ATOM   15   O O   . LYS A 1 6   ? 14.624  13.655  6.146   1.00 31.97  ? 4   LYS B O   1 
ATOM   16   C CB  . LYS A 1 6   ? 15.009  16.671  4.750   1.00 49.93  ? 4   LYS B CB  1 
ATOM   17   C CG  . LYS A 1 6   ? 14.071  17.892  4.934   1.00 57.65  ? 4   LYS B CG  1 
ATOM   18   C CD  . LYS A 1 6   ? 14.031  18.774  3.653   1.00 67.37  ? 4   LYS B CD  1 
ATOM   19   C CE  . LYS A 1 6   ? 12.793  19.698  3.550   1.00 71.71  ? 4   LYS B CE  1 
ATOM   20   N NZ  . LYS A 1 6   ? 12.491  20.565  4.745   1.00 70.06  ? 4   LYS B NZ  1 
ATOM   21   N N   . ASP A 1 7   ? 16.723  13.972  5.341   1.00 35.27  ? 5   ASP B N   1 
ATOM   22   C CA  . ASP A 1 7   ? 17.096  12.543  5.302   1.00 36.99  ? 5   ASP B CA  1 
ATOM   23   C C   . ASP A 1 7   ? 17.164  11.890  6.692   1.00 30.07  ? 5   ASP B C   1 
ATOM   24   O O   . ASP A 1 7   ? 16.811  10.722  6.856   1.00 23.83  ? 5   ASP B O   1 
ATOM   25   C CB  . ASP A 1 7   ? 18.437  12.307  4.673   1.00 38.22  ? 5   ASP B CB  1 
ATOM   26   C CG  . ASP A 1 7   ? 18.480  12.665  3.203   1.00 67.62  ? 5   ASP B CG  1 
ATOM   27   O OD1 . ASP A 1 7   ? 17.563  13.382  2.709   1.00 62.33  ? 5   ASP B OD1 1 
ATOM   28   O OD2 . ASP A 1 7   ? 19.469  12.242  2.555   1.00 80.00  ? 5   ASP B OD2 1 
ATOM   29   N N   . GLU A 1 8   ? 17.678  12.623  7.682   1.00 24.90  ? 6   GLU B N   1 
ATOM   30   C CA  . GLU A 1 8   ? 17.687  12.085  9.057   1.00 23.86  ? 6   GLU B CA  1 
ATOM   31   C C   . GLU A 1 8   ? 16.233  11.927  9.517   1.00 21.44  ? 6   GLU B C   1 
ATOM   32   O O   . GLU A 1 8   ? 15.859  10.945  10.185  1.00 19.51  ? 6   GLU B O   1 
ATOM   33   C CB  . GLU A 1 8   ? 18.512  13.028  10.006  1.00 22.54  ? 6   GLU B CB  1 
ATOM   34   C CG  . GLU A 1 8   ? 18.479  12.649  11.453  1.00 27.33  ? 6   GLU B CG  1 
ATOM   35   C CD  . GLU A 1 8   ? 19.249  11.335  11.678  1.00 37.73  ? 6   GLU B CD  1 
ATOM   36   O OE1 . GLU A 1 8   ? 20.141  11.020  10.829  1.00 39.32  ? 6   GLU B OE1 1 
ATOM   37   O OE2 . GLU A 1 8   ? 18.925  10.640  12.653  1.00 50.09  ? 6   GLU B OE2 1 
ATOM   38   N N   . ARG A 1 9   ? 15.398  12.915  9.175   1.00 19.93  ? 7   ARG B N   1 
ATOM   39   C CA  . ARG A 1 9   ? 14.029  12.880  9.627   1.00 18.77  ? 7   ARG B CA  1 
ATOM   40   C C   . ARG A 1 9   ? 13.280  11.716  8.965   1.00 19.62  ? 7   ARG B C   1 
ATOM   41   O O   . ARG A 1 9   ? 12.497  11.015  9.632   1.00 19.61  ? 7   ARG B O   1 
ATOM   42   C CB  . ARG A 1 9   ? 13.318  14.209  9.286   1.00 22.56  ? 7   ARG B CB  1 
ATOM   43   C CG  . ARG A 1 9   ? 11.893  14.177  9.569   1.00 26.75  ? 7   ARG B CG  1 
ATOM   44   C CD  . ARG A 1 9   ? 11.670  14.094  11.016  1.00 33.85  ? 7   ARG B CD  1 
ATOM   45   N NE  . ARG A 1 9   ? 10.276  14.162  11.434  1.00 38.64  ? 7   ARG B NE  1 
ATOM   46   C CZ  . ARG A 1 9   ? 9.836   13.621  12.593  1.00 37.99  ? 7   ARG B CZ  1 
ATOM   47   N NH1 . ARG A 1 9   ? 10.691  12.952  13.401  1.00 29.63  ? 7   ARG B NH1 1 
ATOM   48   N NH2 . ARG A 1 9   ? 8.556   13.709  12.918  1.00 36.10  ? 7   ARG B NH2 1 
ATOM   49   N N   . ALA A 1 10  ? 13.506  11.549  7.656   1.00 21.32  ? 8   ALA B N   1 
ATOM   50   C CA  . ALA A 1 10  ? 12.966  10.360  6.954   1.00 20.99  ? 8   ALA B CA  1 
ATOM   51   C C   . ALA A 1 10  ? 13.322  9.054   7.673   1.00 19.79  ? 8   ALA B C   1 
ATOM   52   O O   . ALA A 1 10  ? 12.419  8.212   7.919   1.00 18.43  ? 8   ALA B O   1 
ATOM   53   C CB  . ALA A 1 10  ? 13.384  10.335  5.473   1.00 22.57  ? 8   ALA B CB  1 
ATOM   54   N N   . ARG A 1 11  ? 14.608  8.918   8.035   1.00 17.80  ? 9   ARG B N   1 
ATOM   55   C CA  . ARG A 1 11  ? 15.028  7.668   8.746   1.00 18.22  ? 9   ARG B CA  1 
ATOM   56   C C   . ARG A 1 11  ? 14.335  7.537   10.106  1.00 18.22  ? 9   ARG B C   1 
ATOM   57   O O   . ARG A 1 11  ? 14.040  6.450   10.565  1.00 17.10  ? 9   ARG B O   1 
ATOM   58   C CB  . ARG A 1 11  ? 16.541  7.614   8.874   1.00 19.07  ? 9   ARG B CB  1 
ATOM   59   C CG  . ARG A 1 11  ? 17.194  7.383   7.529   1.00 23.23  ? 9   ARG B CG  1 
ATOM   60   C CD  . ARG A 1 11  ? 18.675  7.177   7.667   1.00 29.53  ? 9   ARG B CD  1 
ATOM   61   N NE  . ARG A 1 11  ? 19.242  7.974   6.597   1.00 60.26  ? 9   ARG B NE  1 
ATOM   62   C CZ  . ARG A 1 11  ? 19.822  9.175   6.702   1.00 50.89  ? 9   ARG B CZ  1 
ATOM   63   N NH1 . ARG A 1 11  ? 20.098  9.757   7.868   1.00 50.35  ? 9   ARG B NH1 1 
ATOM   64   N NH2 . ARG A 1 11  ? 20.196  9.761   5.586   1.00 47.86  ? 9   ARG B NH2 1 
ATOM   65   N N   . GLU A 1 12  ? 14.133  8.669   10.825  1.00 20.00  ? 10  GLU B N   1 
ATOM   66   C CA  . GLU A 1 12  ? 13.436  8.584   12.102  1.00 18.73  ? 10  GLU B CA  1 
ATOM   67   C C   . GLU A 1 12  ? 11.966  8.125   11.995  1.00 17.55  ? 10  GLU B C   1 
ATOM   68   O O   . GLU A 1 12  ? 11.488  7.341   12.830  1.00 17.33  ? 10  GLU B O   1 
ATOM   69   C CB  . GLU A 1 12  ? 13.515  9.939   12.855  1.00 21.24  ? 10  GLU B CB  1 
ATOM   70   C CG  . GLU A 1 12  ? 13.232  9.688   14.338  1.00 23.80  ? 10  GLU B CG  1 
ATOM   71   C CD  . GLU A 1 12  ? 14.241  8.815   15.252  1.00 45.02  ? 10  GLU B CD  1 
ATOM   72   O OE1 . GLU A 1 12  ? 15.307  8.280   14.877  1.00 36.02  ? 10  GLU B OE1 1 
ATOM   73   O OE2 . GLU A 1 12  ? 13.927  8.644   16.439  1.00 60.65  ? 10  GLU B OE2 1 
ATOM   74   N N   . ILE A 1 13  ? 11.239  8.623   10.969  1.00 16.76  ? 11  ILE B N   1 
ATOM   75   C CA  . ILE A 1 13  ? 9.840   8.267   10.789  1.00 16.63  ? 11  ILE B CA  1 
ATOM   76   C C   . ILE A 1 13  ? 9.807   6.802   10.428  1.00 16.61  ? 11  ILE B C   1 
ATOM   77   O O   . ILE A 1 13  ? 9.037   6.063   10.986  1.00 17.28  ? 11  ILE B O   1 
ATOM   78   C CB  . ILE A 1 13  ? 9.189   9.105   9.660   1.00 18.34  ? 11  ILE B CB  1 
ATOM   79   C CG1 . ILE A 1 13  ? 9.069   10.580  10.165  1.00 19.63  ? 11  ILE B CG1 1 
ATOM   80   C CG2 . ILE A 1 13  ? 7.797   8.595   9.425   1.00 17.59  ? 11  ILE B CG2 1 
ATOM   81   C CD1 . ILE A 1 13  ? 8.851   11.607  9.080   1.00 21.26  ? 11  ILE B CD1 1 
ATOM   82   N N   . LEU A 1 14  ? 10.702  6.409   9.504   1.00 15.75  ? 12  LEU B N   1 
ATOM   83   C CA  . LEU A 1 14  ? 10.709  4.958   9.134   1.00 16.35  ? 12  LEU B CA  1 
ATOM   84   C C   . LEU A 1 14  ? 10.988  4.049   10.379  1.00 15.31  ? 12  LEU B C   1 
ATOM   85   O O   . LEU A 1 14  ? 10.278  3.040   10.602  1.00 18.04  ? 12  LEU B O   1 
ATOM   86   C CB  . LEU A 1 14  ? 11.723  4.666   8.012   1.00 18.84  ? 12  LEU B CB  1 
ATOM   87   C CG  . LEU A 1 14  ? 11.850  3.105   7.678   1.00 20.11  ? 12  LEU B CG  1 
ATOM   88   C CD1 . LEU A 1 14  ? 10.487  2.551   7.230   1.00 19.80  ? 12  LEU B CD1 1 
ATOM   89   C CD2 . LEU A 1 14  ? 12.872  2.961   6.509   1.00 18.35  ? 12  LEU B CD2 1 
ATOM   90   N N   . ARG A 1 15  ? 11.994  4.403   11.165  1.00 14.75  ? 13  ARG B N   1 
ATOM   91   C CA  . ARG A 1 15  ? 12.333  3.658   12.349  1.00 15.85  ? 13  ARG B CA  1 
ATOM   92   C C   . ARG A 1 15  ? 11.148  3.462   13.331  1.00 16.63  ? 13  ARG B C   1 
ATOM   93   O O   . ARG A 1 15  ? 10.991  2.392   13.949  1.00 16.92  ? 13  ARG B O   1 
ATOM   94   C CB  . ARG A 1 15  ? 13.473  4.366   13.108  1.00 14.60  ? 13  ARG B CB  1 
ATOM   95   C CG  . ARG A 1 15  ? 13.836  3.688   14.454  1.00 16.53  ? 13  ARG B CG  1 
ATOM   96   C CD  . ARG A 1 15  ? 15.093  4.381   15.080  1.00 14.47  ? 13  ARG B CD  1 
ATOM   97   N NE  . ARG A 1 15  ? 15.194  3.719   16.412  1.00 16.77  ? 13  ARG B NE  1 
ATOM   98   C CZ  . ARG A 1 15  ? 15.728  2.492   16.613  1.00 19.70  ? 13  ARG B CZ  1 
ATOM   99   N NH1 . ARG A 1 15  ? 16.309  1.805   15.621  1.00 19.26  ? 13  ARG B NH1 1 
ATOM   100  N NH2 . ARG A 1 15  ? 15.642  1.949   17.823  1.00 20.62  ? 13  ARG B NH2 1 
ATOM   101  N N   . GLY A 1 16  ? 10.287  4.479   13.412  1.00 17.55  ? 14  GLY B N   1 
ATOM   102  C CA  . GLY A 1 16  ? 9.119   4.491   14.389  1.00 16.62  ? 14  GLY B CA  1 
ATOM   103  C C   . GLY A 1 16  ? 7.856   3.947   13.782  1.00 16.19  ? 14  GLY B C   1 
ATOM   104  O O   . GLY A 1 16  ? 6.837   3.920   14.433  1.00 19.88  ? 14  GLY B O   1 
ATOM   105  N N   . PHE A 1 17  ? 7.909   3.503   12.522  1.00 16.60  ? 15  PHE B N   1 
ATOM   106  C CA  . PHE A 1 17  ? 6.684   3.124   11.780  1.00 16.74  ? 15  PHE B CA  1 
ATOM   107  C C   . PHE A 1 17  ? 6.483   1.602   11.715  1.00 20.50  ? 15  PHE B C   1 
ATOM   108  O O   . PHE A 1 17  ? 7.442   0.875   11.524  1.00 19.23  ? 15  PHE B O   1 
ATOM   109  C CB  . PHE A 1 17  ? 6.749   3.695   10.370  1.00 18.80  ? 15  PHE B CB  1 
ATOM   110  C CG  . PHE A 1 17  ? 5.518   3.399   9.566   1.00 20.37  ? 15  PHE B CG  1 
ATOM   111  C CD1 . PHE A 1 17  ? 4.405   4.214   9.635   1.00 19.82  ? 15  PHE B CD1 1 
ATOM   112  C CD2 . PHE A 1 17  ? 5.508   2.299   8.725   1.00 21.86  ? 15  PHE B CD2 1 
ATOM   113  C CE1 . PHE A 1 17  ? 3.255   3.925   8.835   1.00 20.79  ? 15  PHE B CE1 1 
ATOM   114  C CE2 . PHE A 1 17  ? 4.334   2.000   7.938   1.00 25.47  ? 15  PHE B CE2 1 
ATOM   115  C CZ  . PHE A 1 17  ? 3.219   2.817   8.033   1.00 22.47  ? 15  PHE B CZ  1 
ATOM   116  N N   . LYS A 1 18  ? 5.252   1.145   11.882  1.00 18.17  ? 16  LYS B N   1 
ATOM   117  C CA  . LYS A 1 18  ? 4.999   -0.272  11.583  1.00 20.71  ? 16  LYS B CA  1 
ATOM   118  C C   . LYS A 1 18  ? 3.576   -0.380  10.972  1.00 21.08  ? 16  LYS B C   1 
ATOM   119  O O   . LYS A 1 18  ? 2.598   0.132   11.533  1.00 21.82  ? 16  LYS B O   1 
ATOM   120  C CB  . LYS A 1 18  ? 5.069   -1.072  12.879  1.00 22.24  ? 16  LYS B CB  1 
ATOM   121  C CG  . LYS A 1 18  ? 5.003   -2.539  12.625  1.00 28.07  ? 16  LYS B CG  1 
ATOM   122  C CD  . LYS A 1 18  ? 5.056   -3.347  13.959  1.00 31.98  ? 16  LYS B CD  1 
ATOM   123  C CE  . LYS A 1 18  ? 5.790   -4.685  13.748  1.00 41.79  ? 16  LYS B CE  1 
ATOM   124  N NZ  . LYS A 1 18  ? 5.135   -5.578  12.767  1.00 55.54  ? 16  LYS B NZ  1 
ATOM   125  N N   . LEU A 1 19  ? 3.418   -1.174  9.903   1.00 19.85  ? 17  LEU B N   1 
ATOM   126  C CA  . LEU A 1 19  ? 2.065   -1.496  9.433   1.00 20.74  ? 17  LEU B CA  1 
ATOM   127  C C   . LEU A 1 19  ? 1.699   -2.770  10.169  1.00 22.30  ? 17  LEU B C   1 
ATOM   128  O O   . LEU A 1 19  ? 2.455   -3.778  10.075  1.00 23.16  ? 17  LEU B O   1 
ATOM   129  C CB  . LEU A 1 19  ? 2.154   -1.716  7.928   1.00 25.17  ? 17  LEU B CB  1 
ATOM   130  C CG  . LEU A 1 19  ? 0.859   -1.633  7.140   1.00 33.95  ? 17  LEU B CG  1 
ATOM   131  C CD1 . LEU A 1 19  ? 1.215   -1.601  5.686   1.00 28.58  ? 17  LEU B CD1 1 
ATOM   132  C CD2 . LEU A 1 19  ? 0.199   -2.950  7.413   1.00 35.07  ? 17  LEU B CD2 1 
ATOM   133  N N   . ASN A 1 20  ? 0.642   -2.721  10.978  1.00 20.94  ? 18  ASN B N   1 
ATOM   134  C CA  . ASN A 1 20  ? 0.327   -3.853  11.859  1.00 21.36  ? 18  ASN B CA  1 
ATOM   135  C C   . ASN A 1 20  ? -0.479  -4.926  11.160  1.00 29.81  ? 18  ASN B C   1 
ATOM   136  O O   . ASN A 1 20  ? -0.177  -6.102  11.333  1.00 26.64  ? 18  ASN B O   1 
ATOM   137  C CB  . ASN A 1 20  ? -0.465  -3.421  13.068  1.00 27.82  ? 18  ASN B CB  1 
ATOM   138  C CG  . ASN A 1 20  ? 0.316   -2.385  13.901  1.00 28.63  ? 18  ASN B CG  1 
ATOM   139  O OD1 . ASN A 1 20  ? -0.166  -1.273  14.118  1.00 28.04  ? 18  ASN B OD1 1 
ATOM   140  N ND2 . ASN A 1 20  ? 1.505   -2.759  14.331  1.00 23.84  ? 18  ASN B ND2 1 
ATOM   141  N N   . TRP A 1 21  ? -1.480  -4.486  10.421  1.00 25.85  ? 19  TRP B N   1 
ATOM   142  C CA  . TRP A 1 21  ? -2.388  -5.439  9.658   1.00 26.26  ? 19  TRP B CA  1 
ATOM   143  C C   . TRP A 1 21  ? -3.083  -4.733  8.515   1.00 26.32  ? 19  TRP B C   1 
ATOM   144  O O   . TRP A 1 21  ? -3.202  -3.501  8.492   1.00 24.42  ? 19  TRP B O   1 
ATOM   145  C CB  . TRP A 1 21  ? -3.378  -6.147  10.620  1.00 24.24  ? 19  TRP B CB  1 
ATOM   146  C CG  . TRP A 1 21  ? -4.335  -5.263  11.440  1.00 26.07  ? 19  TRP B CG  1 
ATOM   147  C CD1 . TRP A 1 21  ? -4.205  -4.950  12.764  1.00 29.49  ? 19  TRP B CD1 1 
ATOM   148  C CD2 . TRP A 1 21  ? -5.550  -4.627  11.000  1.00 29.75  ? 19  TRP B CD2 1 
ATOM   149  N NE1 . TRP A 1 21  ? -5.240  -4.113  13.163  1.00 29.44  ? 19  TRP B NE1 1 
ATOM   150  C CE2 . TRP A 1 21  ? -6.079  -3.907  12.114  1.00 31.09  ? 19  TRP B CE2 1 
ATOM   151  C CE3 . TRP A 1 21  ? -6.206  -4.550  9.784   1.00 29.82  ? 19  TRP B CE3 1 
ATOM   152  C CZ2 . TRP A 1 21  ? -7.264  -3.146  12.041  1.00 31.95  ? 19  TRP B CZ2 1 
ATOM   153  C CZ3 . TRP A 1 21  ? -7.375  -3.794  9.691   1.00 30.66  ? 19  TRP B CZ3 1 
ATOM   154  C CH2 . TRP A 1 21  ? -7.896  -3.076  10.825  1.00 30.91  ? 19  TRP B CH2 1 
ATOM   155  N N   . MET A 1 22  ? -3.632  -5.469  7.532   1.00 21.19  ? 20  MET B N   1 
ATOM   156  C CA  . MET A 1 22  ? -4.297  -4.804  6.445   1.00 21.85  ? 20  MET B CA  1 
ATOM   157  C C   . MET A 1 22  ? -5.373  -5.804  5.936   1.00 25.80  ? 20  MET B C   1 
ATOM   158  O O   . MET A 1 22  ? -5.090  -6.983  5.952   1.00 28.07  ? 20  MET B O   1 
ATOM   159  C CB  . MET A 1 22  ? -3.309  -4.486  5.320   1.00 26.69  ? 20  MET B CB  1 
ATOM   160  C CG  . MET A 1 22  ? -4.009  -3.776  4.147   1.00 27.88  ? 20  MET B CG  1 
ATOM   161  S SD  . MET A 1 22  ? -2.793  -3.019  3.022   1.00 39.36  ? 20  MET B SD  1 
ATOM   162  C CE  . MET A 1 22  ? -1.375  -4.161  2.982   1.00 33.58  ? 20  MET B CE  1 
ATOM   163  N N   . ASN A 1 23  ? -6.526  -5.295  5.488   1.00 26.83  ? 21  ASN B N   1 
ATOM   164  C CA  . ASN A 1 23  ? -7.627  -6.114  4.861   1.00 31.11  ? 21  ASN B CA  1 
ATOM   165  C C   . ASN A 1 23  ? -7.928  -5.489  3.535   1.00 32.40  ? 21  ASN B C   1 
ATOM   166  O O   . ASN A 1 23  ? -7.848  -4.267  3.401   1.00 30.00  ? 21  ASN B O   1 
ATOM   167  C CB  . ASN A 1 23  ? -8.985  -6.000  5.612   1.00 40.96  ? 21  ASN B CB  1 
ATOM   168  C CG  . ASN A 1 23  ? -8.943  -6.498  7.012   1.00 46.26  ? 21  ASN B CG  1 
ATOM   169  O OD1 . ASN A 1 23  ? -8.189  -7.415  7.388   1.00 61.30  ? 21  ASN B OD1 1 
ATOM   170  N ND2 . ASN A 1 23  ? -9.779  -5.910  7.817   1.00 48.56  ? 21  ASN B ND2 1 
ATOM   171  N N   . LEU A 1 24  ? -8.407  -6.295  2.551   1.00 27.52  ? 22  LEU B N   1 
ATOM   172  C CA  . LEU A 1 24  ? -8.975  -5.726  1.359   1.00 25.61  ? 22  LEU B CA  1 
ATOM   173  C C   . LEU A 1 24  ? -10.354 -6.356  1.144   1.00 31.65  ? 22  LEU B C   1 
ATOM   174  O O   . LEU A 1 24  ? -10.503 -7.579  1.341   1.00 32.34  ? 22  LEU B O   1 
ATOM   175  C CB  . LEU A 1 24  ? -8.126  -6.129  0.146   1.00 31.50  ? 22  LEU B CB  1 
ATOM   176  C CG  . LEU A 1 24  ? -6.740  -5.475  0.130   1.00 27.83  ? 22  LEU B CG  1 
ATOM   177  C CD1 . LEU A 1 24  ? -5.934  -6.262  -0.937  1.00 32.82  ? 22  LEU B CD1 1 
ATOM   178  C CD2 . LEU A 1 24  ? -6.705  -3.985  -0.146  1.00 29.72  ? 22  LEU B CD2 1 
ATOM   179  N N   . ARG A 1 25  ? -11.325 -5.508  0.761   1.00 31.46  ? 23  ARG B N   1 
ATOM   180  C CA  . ARG A 1 25  ? -12.746 -5.931  0.511   1.00 34.76  ? 23  ARG B CA  1 
ATOM   181  C C   . ARG A 1 25  ? -13.253 -5.533  -0.852  1.00 37.83  ? 23  ARG B C   1 
ATOM   182  O O   . ARG A 1 25  ? -12.822 -4.546  -1.444  1.00 35.96  ? 23  ARG B O   1 
ATOM   183  C CB  . ARG A 1 25  ? -13.680 -5.343  1.534   1.00 37.54  ? 23  ARG B CB  1 
ATOM   184  C CG  . ARG A 1 25  ? -13.307 -5.667  2.974   1.00 44.39  ? 23  ARG B CG  1 
ATOM   185  C CD  . ARG A 1 25  ? -13.984 -4.635  3.890   1.00 45.66  ? 23  ARG B CD  1 
ATOM   186  N NE  . ARG A 1 25  ? -13.396 -4.599  5.237   1.00 57.32  ? 23  ARG B NE  1 
ATOM   187  C CZ  . ARG A 1 25  ? -13.614 -5.524  6.175   1.00 55.27  ? 23  ARG B CZ  1 
ATOM   188  N NH1 . ARG A 1 25  ? -14.377 -6.577  5.914   1.00 55.64  ? 23  ARG B NH1 1 
ATOM   189  N NH2 . ARG A 1 25  ? -13.058 -5.427  7.368   1.00 49.79  ? 23  ARG B NH2 1 
ATOM   190  N N   . ASP A 1 26  ? -14.157 -6.357  -1.387  1.00 37.59  ? 24  ASP B N   1 
ATOM   191  C CA  . ASP A 1 26  ? -14.992 -5.942  -2.516  1.00 38.20  ? 24  ASP B CA  1 
ATOM   192  C C   . ASP A 1 26  ? -15.770 -4.744  -1.990  1.00 36.39  ? 24  ASP B C   1 
ATOM   193  O O   . ASP A 1 26  ? -16.406 -4.814  -0.902  1.00 34.82  ? 24  ASP B O   1 
ATOM   194  C CB  . ASP A 1 26  ? -15.926 -7.107  -2.884  1.00 45.27  ? 24  ASP B CB  1 
ATOM   195  C CG  . ASP A 1 26  ? -16.771 -6.860  -4.149  1.00 49.68  ? 24  ASP B CG  1 
ATOM   196  O OD1 . ASP A 1 26  ? -16.946 -5.713  -4.660  1.00 44.82  ? 24  ASP B OD1 1 
ATOM   197  O OD2 . ASP A 1 26  ? -17.302 -7.873  -4.625  1.00 51.91  ? 24  ASP B OD2 1 
ATOM   198  N N   . ALA A 1 27  ? -15.631 -3.616  -2.685  1.00 39.45  ? 25  ALA B N   1 
ATOM   199  C CA  . ALA A 1 27  ? -16.285 -2.387  -2.209  1.00 41.07  ? 25  ALA B CA  1 
ATOM   200  C C   . ALA A 1 27  ? -17.820 -2.527  -2.325  1.00 54.16  ? 25  ALA B C   1 
ATOM   201  O O   . ALA A 1 27  ? -18.543 -2.057  -1.449  1.00 48.54  ? 25  ALA B O   1 
ATOM   202  C CB  . ALA A 1 27  ? -15.780 -1.168  -2.950  1.00 44.02  ? 25  ALA B CB  1 
ATOM   203  N N   . GLU A 1 28  ? -18.306 -3.197  -3.375  1.00 49.73  ? 26  GLU B N   1 
ATOM   204  C CA  . GLU A 1 28  ? -19.762 -3.443  -3.535  1.00 51.18  ? 26  GLU B CA  1 
ATOM   205  C C   . GLU A 1 28  ? -20.317 -4.394  -2.448  1.00 48.23  ? 26  GLU B C   1 
ATOM   206  O O   . GLU A 1 28  ? -21.209 -3.979  -1.712  1.00 53.99  ? 26  GLU B O   1 
ATOM   207  C CB  . GLU A 1 28  ? -20.098 -3.948  -4.973  1.00 52.06  ? 26  GLU B CB  1 
ATOM   208  N N   . THR A 1 29  ? -19.789 -5.640  -2.380  1.00 48.35  ? 27  THR B N   1 
ATOM   209  C CA  . THR A 1 29  ? -20.046 -6.714  -1.340  1.00 38.16  ? 27  THR B CA  1 
ATOM   210  C C   . THR A 1 29  ? -19.772 -6.307  0.120   1.00 52.41  ? 27  THR B C   1 
ATOM   211  O O   . THR A 1 29  ? -20.477 -6.724  1.050   1.00 45.99  ? 27  THR B O   1 
ATOM   212  C CB  . THR A 1 29  ? -19.161 -7.992  -1.656  1.00 40.61  ? 27  THR B CB  1 
ATOM   213  N N   . GLY A 1 30  ? -18.698 -5.536  0.327   1.00 49.04  ? 28  GLY B N   1 
ATOM   214  C CA  . GLY A 1 30  ? -18.063 -5.458  1.656   1.00 45.43  ? 28  GLY B CA  1 
ATOM   215  C C   . GLY A 1 30  ? -17.388 -6.754  2.065   1.00 43.79  ? 28  GLY B C   1 
ATOM   216  O O   . GLY A 1 30  ? -16.840 -6.824  3.164   1.00 48.96  ? 28  GLY B O   1 
ATOM   217  N N   . LYS A 1 31  ? -17.406 -7.786  1.187   1.00 37.60  ? 29  LYS B N   1 
ATOM   218  C CA  . LYS A 1 31  ? -16.790 -9.085  1.502   1.00 39.05  ? 29  LYS B CA  1 
ATOM   219  C C   . LYS A 1 31  ? -15.235 -8.898  1.631   1.00 39.34  ? 29  LYS B C   1 
ATOM   220  O O   . LYS A 1 31  ? -14.653 -8.242  0.775   1.00 38.07  ? 29  LYS B O   1 
ATOM   221  C CB  . LYS A 1 31  ? -17.102 -10.073 0.371   1.00 44.52  ? 29  LYS B CB  1 
ATOM   222  C CG  . LYS A 1 31  ? -17.800 -11.355 0.810   1.00 62.15  ? 29  LYS B CG  1 
ATOM   223  C CD  . LYS A 1 31  ? -19.194 -11.049 1.364   1.00 63.77  ? 29  LYS B CD  1 
ATOM   224  C CE  . LYS A 1 31  ? -20.071 -12.310 1.485   1.00 71.69  ? 29  LYS B CE  1 
ATOM   225  N NZ  . LYS A 1 31  ? -20.752 -12.710 0.207   1.00 67.63  ? 29  LYS B NZ  1 
ATOM   226  N N   . ILE A 1 32  ? -14.620 -9.420  2.699   1.00 35.45  ? 30  ILE B N   1 
ATOM   227  C CA  . ILE A 1 32  ? -13.124 -9.569  2.800   1.00 42.69  ? 30  ILE B CA  1 
ATOM   228  C C   . ILE A 1 32  ? -12.545 -10.552 1.769   1.00 43.29  ? 30  ILE B C   1 
ATOM   229  O O   . ILE A 1 32  ? -12.886 -11.738 1.772   1.00 41.92  ? 30  ILE B O   1 
ATOM   230  C CB  . ILE A 1 32  ? -12.636 -10.017 4.216   1.00 40.82  ? 30  ILE B CB  1 
ATOM   231  C CG1 . ILE A 1 32  ? -12.937 -8.934  5.237   1.00 49.14  ? 30  ILE B CG1 1 
ATOM   232  C CG2 . ILE A 1 32  ? -11.120 -10.242 4.218   1.00 45.63  ? 30  ILE B CG2 1 
ATOM   233  C CD1 . ILE A 1 32  ? -12.454 -9.248  6.686   1.00 58.02  ? 30  ILE B CD1 1 
ATOM   234  N N   . LEU A 1 33  ? -11.694 -10.028 0.884   1.00 34.16  ? 31  LEU B N   1 
ATOM   235  C CA  . LEU A 1 33  ? -10.993 -10.776 -0.120  1.00 29.33  ? 31  LEU B CA  1 
ATOM   236  C C   . LEU A 1 33  ? -9.565  -11.185 0.257   1.00 40.36  ? 31  LEU B C   1 
ATOM   237  O O   . LEU A 1 33  ? -9.094  -12.256 -0.155  1.00 33.77  ? 31  LEU B O   1 
ATOM   238  C CB  . LEU A 1 33  ? -11.009 -10.018 -1.455  1.00 38.74  ? 31  LEU B CB  1 
ATOM   239  C CG  . LEU A 1 33  ? -12.401 -9.747  -2.056  1.00 46.36  ? 31  LEU B CG  1 
ATOM   240  C CD1 . LEU A 1 33  ? -12.247 -9.256  -3.494  1.00 59.21  ? 31  LEU B CD1 1 
ATOM   241  C CD2 . LEU A 1 33  ? -13.304 -10.971 -2.014  1.00 52.55  ? 31  LEU B CD2 1 
ATOM   242  N N   . TRP A 1 34  ? -8.875  -10.370 1.065   1.00 29.49  ? 32  TRP B N   1 
ATOM   243  C CA  . TRP A 1 34  ? -7.518  -10.708 1.423   1.00 26.20  ? 32  TRP B CA  1 
ATOM   244  C C   . TRP A 1 34  ? -7.262  -10.053 2.804   1.00 26.65  ? 32  TRP B C   1 
ATOM   245  O O   . TRP A 1 34  ? -7.787  -8.968  3.086   1.00 27.05  ? 32  TRP B O   1 
ATOM   246  C CB  . TRP A 1 34  ? -6.557  -10.167 0.357   1.00 26.61  ? 32  TRP B CB  1 
ATOM   247  C CG  . TRP A 1 34  ? -5.152  -10.477 0.660   1.00 28.76  ? 32  TRP B CG  1 
ATOM   248  C CD1 . TRP A 1 34  ? -4.423  -11.630 0.301   1.00 27.89  ? 32  TRP B CD1 1 
ATOM   249  C CD2 . TRP A 1 34  ? -4.293  -9.666  1.407   1.00 29.83  ? 32  TRP B CD2 1 
ATOM   250  N NE1 . TRP A 1 34  ? -3.147  -11.543 0.829   1.00 30.05  ? 32  TRP B NE1 1 
ATOM   251  C CE2 . TRP A 1 34  ? -3.046  -10.343 1.511   1.00 28.84  ? 32  TRP B CE2 1 
ATOM   252  C CE3 . TRP A 1 34  ? -4.465  -8.424  2.070   1.00 29.78  ? 32  TRP B CE3 1 
ATOM   253  C CZ2 . TRP A 1 34  ? -1.973  -9.799  2.206   1.00 28.82  ? 32  TRP B CZ2 1 
ATOM   254  C CZ3 . TRP A 1 34  ? -3.402  -7.896  2.763   1.00 28.91  ? 32  TRP B CZ3 1 
ATOM   255  C CH2 . TRP A 1 34  ? -2.172  -8.580  2.832   1.00 29.03  ? 32  TRP B CH2 1 
ATOM   256  N N   . GLN A 1 35  ? -6.490  -10.728 3.628   1.00 27.01  ? 33  GLN B N   1 
ATOM   257  C CA  . GLN A 1 35  ? -5.951  -10.070 4.839   1.00 31.24  ? 33  GLN B CA  1 
ATOM   258  C C   . GLN A 1 35  ? -4.591  -10.552 5.236   1.00 31.32  ? 33  GLN B C   1 
ATOM   259  O O   . GLN A 1 35  ? -4.163  -11.663 4.928   1.00 31.04  ? 33  GLN B O   1 
ATOM   260  C CB  . GLN A 1 35  ? -6.950  -10.220 5.971   1.00 39.43  ? 33  GLN B CB  1 
ATOM   261  C CG  . GLN A 1 35  ? -7.127  -11.630 6.390   1.00 41.94  ? 33  GLN B CG  1 
ATOM   262  C CD  . GLN A 1 35  ? -8.340  -11.812 7.286   1.00 61.08  ? 33  GLN B CD  1 
ATOM   263  O OE1 . GLN A 1 35  ? -9.340  -11.087 7.180   1.00 61.73  ? 33  GLN B OE1 1 
ATOM   264  N NE2 . GLN A 1 35  ? -8.259  -12.795 8.167   1.00 56.91  ? 33  GLN B NE2 1 
ATOM   265  N N   . GLY A 1 36  ? -3.835  -9.719  5.924   1.00 27.59  ? 34  GLY B N   1 
ATOM   266  C CA  . GLY A 1 36  ? -2.456  -10.140 6.258   1.00 31.47  ? 34  GLY B CA  1 
ATOM   267  C C   . GLY A 1 36  ? -1.997  -9.356  7.479   1.00 30.70  ? 34  GLY B C   1 
ATOM   268  O O   . GLY A 1 36  ? -2.589  -8.326  7.811   1.00 28.39  ? 34  GLY B O   1 
ATOM   269  N N   . THR A 1 37  ? -0.967  -9.855  8.165   1.00 32.18  ? 35  THR B N   1 
ATOM   270  C CA  . THR A 1 37  ? -0.418  -9.165  9.332   1.00 34.74  ? 35  THR B CA  1 
ATOM   271  C C   . THR A 1 37  ? 1.100   -8.914  9.173   1.00 33.46  ? 35  THR B C   1 
ATOM   272  O O   . THR A 1 37  ? 1.773   -8.539  10.103  1.00 42.08  ? 35  THR B O   1 
ATOM   273  C CB  . THR A 1 37  ? -0.740  -9.957  10.627  1.00 43.06  ? 35  THR B CB  1 
ATOM   274  O OG1 . THR A 1 37  ? -0.098  -11.240 10.589  1.00 41.31  ? 35  THR B OG1 1 
ATOM   275  C CG2 . THR A 1 37  ? -2.237  -10.145 10.778  1.00 40.59  ? 35  THR B CG2 1 
ATOM   276  N N   . GLU A 1 38  ? 1.605   -9.160  7.975   1.00 32.67  ? 36  GLU B N   1 
ATOM   277  C CA  . GLU A 1 38  ? 3.004   -9.009  7.619   1.00 36.29  ? 36  GLU B CA  1 
ATOM   278  C C   . GLU A 1 38  ? 3.173   -7.564  7.144   1.00 33.35  ? 36  GLU B C   1 
ATOM   279  O O   . GLU A 1 38  ? 2.346   -7.053  6.408   1.00 31.99  ? 36  GLU B O   1 
ATOM   280  C CB  . GLU A 1 38  ? 3.316   -9.945  6.472   1.00 44.69  ? 36  GLU B CB  1 
ATOM   281  C CG  . GLU A 1 38  ? 4.763   -9.913  6.019   1.00 68.88  ? 36  GLU B CG  1 
ATOM   282  C CD  . GLU A 1 38  ? 5.556   -11.166 6.427   1.00 90.48  ? 36  GLU B CD  1 
ATOM   283  O OE1 . GLU A 1 38  ? 5.335   -11.692 7.549   1.00 88.57  ? 36  GLU B OE1 1 
ATOM   284  O OE2 . GLU A 1 38  ? 6.408   -11.620 5.616   1.00 90.76  ? 36  GLU B OE2 1 
ATOM   285  N N   . ASP A 1 39  ? 4.195   -6.882  7.614   1.00 24.88  ? 37  ASP B N   1 
ATOM   286  C CA  . ASP A 1 39  ? 4.323   -5.461  7.213   1.00 22.71  ? 37  ASP B CA  1 
ATOM   287  C C   . ASP A 1 39  ? 4.853   -5.415  5.789   1.00 24.38  ? 37  ASP B C   1 
ATOM   288  O O   . ASP A 1 39  ? 6.068   -5.480  5.544   1.00 21.04  ? 37  ASP B O   1 
ATOM   289  C CB  . ASP A 1 39  ? 5.190   -4.680  8.196   1.00 22.84  ? 37  ASP B CB  1 
ATOM   290  C CG  . ASP A 1 39  ? 5.298   -3.189  7.846   1.00 28.80  ? 37  ASP B CG  1 
ATOM   291  O OD1 . ASP A 1 39  ? 5.026   -2.779  6.689   1.00 29.17  ? 37  ASP B OD1 1 
ATOM   292  O OD2 . ASP A 1 39  ? 5.703   -2.382  8.745   1.00 29.71  ? 37  ASP B OD2 1 
ATOM   293  N N   . LEU A 1 40  ? 3.913   -5.309  4.830   1.00 24.97  ? 38  LEU B N   1 
ATOM   294  C CA  . LEU A 1 40  ? 4.304   -5.240  3.385   1.00 23.01  ? 38  LEU B CA  1 
ATOM   295  C C   . LEU A 1 40  ? 4.951   -3.970  3.020   1.00 23.59  ? 38  LEU B C   1 
ATOM   296  O O   . LEU A 1 40  ? 5.407   -3.838  1.883   1.00 25.10  ? 38  LEU B O   1 
ATOM   297  C CB  . LEU A 1 40  ? 3.016   -5.376  2.530   1.00 25.17  ? 38  LEU B CB  1 
ATOM   298  C CG  . LEU A 1 40  ? 2.391   -6.747  2.677   1.00 27.34  ? 38  LEU B CG  1 
ATOM   299  C CD1 . LEU A 1 40  ? 1.110   -6.704  1.854   1.00 31.02  ? 38  LEU B CD1 1 
ATOM   300  C CD2 . LEU A 1 40  ? 3.280   -7.866  2.229   1.00 31.11  ? 38  LEU B CD2 1 
ATOM   301  N N   . SER A 1 41  ? 5.021   -2.998  3.947   1.00 22.39  ? 39  SER B N   1 
ATOM   302  C CA  . SER A 1 41  ? 5.724   -1.750  3.630   1.00 27.11  ? 39  SER B CA  1 
ATOM   303  C C   . SER A 1 41  ? 7.196   -1.733  3.964   1.00 23.55  ? 39  SER B C   1 
ATOM   304  O O   . SER A 1 41  ? 7.894   -0.752  3.727   1.00 21.84  ? 39  SER B O   1 
ATOM   305  C CB  . SER A 1 41  ? 5.026   -0.561  4.290   1.00 26.55  ? 39  SER B CB  1 
ATOM   306  O OG  . SER A 1 41  ? 5.327   -0.484  5.632   1.00 28.35  ? 39  SER B OG  1 
ATOM   307  N N   . VAL A 1 42  ? 7.739   -2.829  4.497   1.00 19.33  ? 40  VAL B N   1 
ATOM   308  C CA  . VAL A 1 42  ? 9.167   -2.810  4.784   1.00 19.55  ? 40  VAL B CA  1 
ATOM   309  C C   . VAL A 1 42  ? 9.999   -2.713  3.520   1.00 20.26  ? 40  VAL B C   1 
ATOM   310  O O   . VAL A 1 42  ? 9.804   -3.512  2.569   1.00 19.53  ? 40  VAL B O   1 
ATOM   311  C CB  . VAL A 1 42  ? 9.576   -4.110  5.564   1.00 19.81  ? 40  VAL B CB  1 
ATOM   312  C CG1 . VAL A 1 42  ? 11.084  -4.180  5.701   1.00 19.60  ? 40  VAL B CG1 1 
ATOM   313  C CG2 . VAL A 1 42  ? 8.887   -4.080  6.927   1.00 20.59  ? 40  VAL B CG2 1 
ATOM   314  N N   . PRO A 1 43  ? 10.925  -1.755  3.421   1.00 17.31  ? 41  PRO B N   1 
ATOM   315  C CA  . PRO A 1 43  ? 11.691  -1.582  2.176   1.00 18.64  ? 41  PRO B CA  1 
ATOM   316  C C   . PRO A 1 43  ? 12.849  -2.591  1.998   1.00 23.53  ? 41  PRO B C   1 
ATOM   317  O O   . PRO A 1 43  ? 13.298  -3.268  2.967   1.00 24.03  ? 41  PRO B O   1 
ATOM   318  C CB  . PRO A 1 43  ? 12.274  -0.162  2.259   1.00 24.66  ? 41  PRO B CB  1 
ATOM   319  C CG  . PRO A 1 43  ? 12.020  0.276   3.655   1.00 25.92  ? 41  PRO B CG  1 
ATOM   320  C CD  . PRO A 1 43  ? 11.176  -0.680  4.421   1.00 19.32  ? 41  PRO B CD  1 
ATOM   321  N N   . GLY A 1 44  ? 13.261  -2.712  0.754   1.00 21.97  ? 42  GLY B N   1 
ATOM   322  C CA  . GLY A 1 44  ? 14.538  -3.332  0.397   1.00 22.77  ? 42  GLY B CA  1 
ATOM   323  C C   . GLY A 1 44  ? 14.413  -4.869  0.162   1.00 29.57  ? 42  GLY B C   1 
ATOM   324  O O   . GLY A 1 44  ? 15.410  -5.527  -0.135  1.00 38.52  ? 42  GLY B O   1 
ATOM   325  N N   . VAL A 1 45  ? 13.256  -5.457  0.421   1.00 22.30  ? 43  VAL B N   1 
ATOM   326  C CA  . VAL A 1 45  ? 13.015  -6.874  0.164   1.00 22.29  ? 43  VAL B CA  1 
ATOM   327  C C   . VAL A 1 45  ? 11.753  -7.018  -0.711  1.00 25.03  ? 43  VAL B C   1 
ATOM   328  O O   . VAL A 1 45  ? 10.775  -6.227  -0.603  1.00 27.23  ? 43  VAL B O   1 
ATOM   329  C CB  . VAL A 1 45  ? 12.798  -7.705  1.458   1.00 27.29  ? 43  VAL B CB  1 
ATOM   330  C CG1 . VAL A 1 45  ? 14.005  -7.646  2.357   1.00 31.30  ? 43  VAL B CG1 1 
ATOM   331  C CG2 . VAL A 1 45  ? 11.556  -7.257  2.245   1.00 27.63  ? 43  VAL B CG2 1 
ATOM   332  N N   . GLU A 1 46  ? 11.756  -7.972  -1.622  1.00 22.80  ? 44  GLU B N   1 
ATOM   333  C CA  . GLU A 1 46  ? 10.519  -8.082  -2.415  1.00 22.60  ? 44  GLU B CA  1 
ATOM   334  C C   . GLU A 1 46  ? 9.490   -8.937  -1.679  1.00 27.88  ? 44  GLU B C   1 
ATOM   335  O O   . GLU A 1 46  ? 9.719   -10.110 -1.509  1.00 27.59  ? 44  GLU B O   1 
ATOM   336  C CB  . GLU A 1 46  ? 10.809  -8.582  -3.838  1.00 25.52  ? 44  GLU B CB  1 
ATOM   337  C CG  . GLU A 1 46  ? 9.490   -8.865  -4.690  1.00 28.75  ? 44  GLU B CG  1 
ATOM   338  C CD  . GLU A 1 46  ? 9.866   -9.463  -6.013  1.00 35.27  ? 44  GLU B CD  1 
ATOM   339  O OE1 . GLU A 1 46  ? 10.374  -8.726  -6.879  1.00 33.46  ? 44  GLU B OE1 1 
ATOM   340  O OE2 . GLU A 1 46  ? 9.733   -10.675 -6.127  1.00 37.03  ? 44  GLU B OE2 1 
ATOM   341  N N   . HIS A 1 47  ? 8.347   -8.379  -1.278  1.00 17.89  ? 45  HIS B N   1 
ATOM   342  C CA  . HIS A 1 47  ? 7.311   -9.072  -0.629  1.00 17.27  ? 45  HIS B CA  1 
ATOM   343  C C   . HIS A 1 47  ? 6.495   -9.811  -1.655  1.00 20.78  ? 45  HIS B C   1 
ATOM   344  O O   . HIS A 1 47  ? 6.582   -9.453  -2.786  1.00 22.25  ? 45  HIS B O   1 
ATOM   345  C CB  . HIS A 1 47  ? 6.342   -8.103  0.118   1.00 17.80  ? 45  HIS B CB  1 
ATOM   346  C CG  . HIS A 1 47  ? 7.036   -7.348  1.224   1.00 20.86  ? 45  HIS B CG  1 
ATOM   347  N ND1 . HIS A 1 47  ? 7.577   -6.084  1.084   1.00 24.47  ? 45  HIS B ND1 1 
ATOM   348  C CD2 . HIS A 1 47  ? 7.363   -7.764  2.465   1.00 18.16  ? 45  HIS B CD2 1 
ATOM   349  C CE1 . HIS A 1 47  ? 8.197   -5.744  2.212   1.00 15.89  ? 45  HIS B CE1 1 
ATOM   350  N NE2 . HIS A 1 47  ? 8.072   -6.750  3.068   1.00 24.28  ? 45  HIS B NE2 1 
ATOM   351  N N   . GLU A 1 48  ? 5.860   -10.899 -1.250  1.00 20.65  ? 46  GLU B N   1 
ATOM   352  C CA  . GLU A 1 48  ? 4.920   -11.659 -2.122  1.00 20.83  ? 46  GLU B CA  1 
ATOM   353  C C   . GLU A 1 48  ? 3.582   -11.769 -1.532  1.00 25.84  ? 46  GLU B C   1 
ATOM   354  O O   . GLU A 1 48  ? 3.441   -11.853 -0.291  1.00 27.83  ? 46  GLU B O   1 
ATOM   355  C CB  . GLU A 1 48  ? 5.417   -13.100 -2.357  1.00 23.09  ? 46  GLU B CB  1 
ATOM   356  C CG  . GLU A 1 48  ? 6.803   -13.208 -2.820  1.00 30.69  ? 46  GLU B CG  1 
ATOM   357  C CD  . GLU A 1 48  ? 7.162   -14.695 -3.125  1.00 43.67  ? 46  GLU B CD  1 
ATOM   358  O OE1 . GLU A 1 48  ? 6.482   -15.632 -2.611  1.00 49.49  ? 46  GLU B OE1 1 
ATOM   359  O OE2 . GLU A 1 48  ? 8.143   -14.919 -3.873  1.00 52.03  ? 46  GLU B OE2 1 
ATOM   360  N N   . ALA A 1 49  ? 2.536   -11.765 -2.358  1.00 19.88  ? 47  ALA B N   1 
ATOM   361  C CA  . ALA A 1 49  ? 1.226   -11.917 -1.819  1.00 22.15  ? 47  ALA B CA  1 
ATOM   362  C C   . ALA A 1 49  ? 0.451   -12.748 -2.818  1.00 23.06  ? 47  ALA B C   1 
ATOM   363  O O   . ALA A 1 49  ? 0.584   -12.533 -4.029  1.00 21.12  ? 47  ALA B O   1 
ATOM   364  C CB  . ALA A 1 49  ? 0.506   -10.556 -1.605  1.00 24.90  ? 47  ALA B CB  1 
ATOM   365  N N   . ARG A 1 50  ? -0.400  -13.602 -2.274  1.00 23.18  ? 48  ARG B N   1 
ATOM   366  C CA  . ARG A 1 50  ? -1.319  -14.499 -3.026  1.00 24.18  ? 48  ARG B CA  1 
ATOM   367  C C   . ARG A 1 50  ? -2.695  -13.935 -2.819  1.00 23.00  ? 48  ARG B C   1 
ATOM   368  O O   . ARG A 1 50  ? -3.157  -13.847 -1.664  1.00 28.47  ? 48  ARG B O   1 
ATOM   369  C CB  . ARG A 1 50  ? -1.275  -15.914 -2.399  1.00 26.37  ? 48  ARG B CB  1 
ATOM   370  C CG  . ARG A 1 50  ? -0.220  -16.826 -2.978  1.00 39.21  ? 48  ARG B CG  1 
ATOM   371  C CD  . ARG A 1 50  ? 0.472   -17.853 -2.005  1.00 43.47  ? 48  ARG B CD  1 
ATOM   372  N NE  . ARG A 1 50  ? 1.734   -17.180 -1.617  1.00 60.99  ? 48  ARG B NE  1 
ATOM   373  C CZ  . ARG A 1 50  ? 2.968   -17.694 -1.489  1.00 67.85  ? 48  ARG B CZ  1 
ATOM   374  N NH1 . ARG A 1 50  ? 3.242   -18.991 -1.679  1.00 67.35  ? 48  ARG B NH1 1 
ATOM   375  N NH2 . ARG A 1 50  ? 3.960   -16.863 -1.158  1.00 61.74  ? 48  ARG B NH2 1 
ATOM   376  N N   . VAL A 1 51  ? -3.353  -13.494 -3.883  1.00 22.53  ? 49  VAL B N   1 
ATOM   377  C CA  . VAL A 1 51  ? -4.689  -12.870 -3.757  1.00 22.03  ? 49  VAL B CA  1 
ATOM   378  C C   . VAL A 1 51  ? -5.700  -13.559 -4.663  1.00 26.63  ? 49  VAL B C   1 
ATOM   379  O O   . VAL A 1 51  ? -5.313  -14.099 -5.680  1.00 25.73  ? 49  VAL B O   1 
ATOM   380  C CB  . VAL A 1 51  ? -4.652  -11.314 -4.096  1.00 26.29  ? 49  VAL B CB  1 
ATOM   381  C CG1 . VAL A 1 51  ? -3.741  -10.585 -3.140  1.00 28.94  ? 49  VAL B CG1 1 
ATOM   382  C CG2 . VAL A 1 51  ? -4.392  -11.036 -5.673  1.00 25.59  ? 49  VAL B CG2 1 
ATOM   383  N N   . PRO A 1 52  ? -6.991  -13.572 -4.286  1.00 26.66  ? 50  PRO B N   1 
ATOM   384  C CA  . PRO A 1 52  ? -7.965  -14.229 -5.136  1.00 28.80  ? 50  PRO B CA  1 
ATOM   385  C C   . PRO A 1 52  ? -8.116  -13.568 -6.465  1.00 28.32  ? 50  PRO B C   1 
ATOM   386  O O   . PRO A 1 52  ? -8.245  -12.361 -6.534  1.00 31.04  ? 50  PRO B O   1 
ATOM   387  C CB  . PRO A 1 52  ? -9.309  -14.051 -4.378  1.00 34.97  ? 50  PRO B CB  1 
ATOM   388  C CG  . PRO A 1 52  ? -8.943  -13.579 -3.036  1.00 33.93  ? 50  PRO B CG  1 
ATOM   389  C CD  . PRO A 1 52  ? -7.636  -12.877 -3.156  1.00 30.81  ? 50  PRO B CD  1 
ATOM   390  N N   . LYS A 1 53  ? -8.147  -14.362 -7.546  1.00 31.53  ? 51  LYS B N   1 
ATOM   391  C CA  . LYS A 1 53  ? -8.197  -13.761 -8.861  1.00 33.33  ? 51  LYS B CA  1 
ATOM   392  C C   . LYS A 1 53  ? -9.473  -12.964 -9.066  1.00 30.46  ? 51  LYS B C   1 
ATOM   393  O O   . LYS A 1 53  ? -9.507  -12.043 -9.922  1.00 29.45  ? 51  LYS B O   1 
ATOM   394  C CB  . LYS A 1 53  ? -8.034  -14.816 -9.962  1.00 37.78  ? 51  LYS B CB  1 
ATOM   395  C CG  . LYS A 1 53  ? -9.063  -15.907 -9.893  1.00 44.21  ? 51  LYS B CG  1 
ATOM   396  C CD  . LYS A 1 53  ? -9.081  -16.774 -11.167 1.00 49.77  ? 51  LYS B CD  1 
ATOM   397  C CE  . LYS A 1 53  ? -7.697  -17.289 -11.523 1.00 65.90  ? 51  LYS B CE  1 
ATOM   398  N NZ  . LYS A 1 53  ? -7.102  -18.232 -10.525 1.00 87.17  ? 51  LYS B NZ  1 
ATOM   399  N N   . LYS A 1 54  ? -10.536 -13.266 -8.307  1.00 32.00  ? 52  LYS B N   1 
ATOM   400  C CA  . LYS A 1 54  ? -11.797 -12.540 -8.532  1.00 40.73  ? 52  LYS B CA  1 
ATOM   401  C C   . LYS A 1 54  ? -11.709 -11.059 -8.165  1.00 34.83  ? 52  LYS B C   1 
ATOM   402  O O   . LYS A 1 54  ? -12.510 -10.217 -8.609  1.00 34.93  ? 52  LYS B O   1 
ATOM   403  C CB  . LYS A 1 54  ? -13.037 -13.238 -7.913  1.00 42.76  ? 52  LYS B CB  1 
ATOM   404  C CG  . LYS A 1 54  ? -13.084 -13.270 -6.394  1.00 52.61  ? 52  LYS B CG  1 
ATOM   405  C CD  . LYS A 1 54  ? -12.550 -14.604 -5.875  1.00 63.10  ? 52  LYS B CD  1 
ATOM   406  C CE  . LYS A 1 54  ? -13.422 -15.208 -4.782  1.00 64.49  ? 52  LYS B CE  1 
ATOM   407  N NZ  . LYS A 1 54  ? -13.158 -14.594 -3.452  1.00 65.75  ? 52  LYS B NZ  1 
ATOM   408  N N   . ILE A 1 55  ? -10.661 -10.699 -7.436  1.00 34.86  ? 53  ILE B N   1 
ATOM   409  C CA  . ILE A 1 55  ? -10.446 -9.287  -7.151  1.00 29.86  ? 53  ILE B CA  1 
ATOM   410  C C   . ILE A 1 55  ? -10.226 -8.448  -8.398  1.00 35.86  ? 53  ILE B C   1 
ATOM   411  O O   . ILE A 1 55  ? -10.524 -7.254  -8.391  1.00 33.33  ? 53  ILE B O   1 
ATOM   412  C CB  . ILE A 1 55  ? -9.249  -9.126  -6.159  1.00 32.24  ? 53  ILE B CB  1 
ATOM   413  C CG1 . ILE A 1 55  ? -9.309  -7.814  -5.398  1.00 34.97  ? 53  ILE B CG1 1 
ATOM   414  C CG2 . ILE A 1 55  ? -7.863  -9.321  -6.867  1.00 33.36  ? 53  ILE B CG2 1 
ATOM   415  C CD1 . ILE A 1 55  ? -8.683  -8.034  -3.987  1.00 50.12  ? 53  ILE B CD1 1 
ATOM   416  N N   . LEU A 1 56  ? -9.675  -9.045  -9.468  1.00 26.79  ? 54  LEU B N   1 
ATOM   417  C CA  . LEU A 1 56  ? -9.511  -8.319  -10.720 1.00 28.20  ? 54  LEU B CA  1 
ATOM   418  C C   . LEU A 1 56  ? -10.859 -7.962  -11.371 1.00 31.49  ? 54  LEU B C   1 
ATOM   419  O O   . LEU A 1 56  ? -10.907 -7.125  -12.259 1.00 30.43  ? 54  LEU B O   1 
ATOM   420  C CB  . LEU A 1 56  ? -8.719  -9.188  -11.716 1.00 27.36  ? 54  LEU B CB  1 
ATOM   421  C CG  . LEU A 1 56  ? -7.265  -9.334  -11.264 1.00 28.32  ? 54  LEU B CG  1 
ATOM   422  C CD1 . LEU A 1 56  ? -6.553  -10.398 -12.064 1.00 24.34  ? 54  LEU B CD1 1 
ATOM   423  C CD2 . LEU A 1 56  ? -6.399  -8.051  -11.374 1.00 28.61  ? 54  LEU B CD2 1 
ATOM   424  N N   . LYS A 1 57  ? -11.932 -8.599  -10.924 1.00 35.05  ? 55  LYS B N   1 
ATOM   425  C CA  . LYS A 1 57  ? -13.234 -8.262  -11.487 1.00 36.62  ? 55  LYS B CA  1 
ATOM   426  C C   . LYS A 1 57  ? -13.972 -7.213  -10.649 1.00 42.94  ? 55  LYS B C   1 
ATOM   427  O O   . LYS A 1 57  ? -15.051 -6.807  -11.025 1.00 41.32  ? 55  LYS B O   1 
ATOM   428  C CB  . LYS A 1 57  ? -14.105 -9.518  -11.655 1.00 36.77  ? 55  LYS B CB  1 
ATOM   429  C CG  . LYS A 1 57  ? -13.359 -10.667 -12.234 1.00 42.05  ? 55  LYS B CG  1 
ATOM   430  C CD  . LYS A 1 57  ? -14.180 -11.466 -13.198 1.00 50.41  ? 55  LYS B CD  1 
ATOM   431  C CE  . LYS A 1 57  ? -13.251 -12.110 -14.234 1.00 56.40  ? 55  LYS B CE  1 
ATOM   432  N NZ  . LYS A 1 57  ? -13.777 -11.884 -15.609 1.00 67.91  ? 55  LYS B NZ  1 
ATOM   433  N N   . CYS A 1 58  ? -13.422 -6.786  -9.506  1.00 35.01  ? 56  CYS B N   1 
ATOM   434  C CA  . CYS A 1 58  ? -14.065 -5.705  -8.712  1.00 35.28  ? 56  CYS B CA  1 
ATOM   435  C C   . CYS A 1 58  ? -13.976 -4.384  -9.380  1.00 36.96  ? 56  CYS B C   1 
ATOM   436  O O   . CYS A 1 58  ? -12.913 -4.024  -9.907  1.00 46.81  ? 56  CYS B O   1 
ATOM   437  C CB  . CYS A 1 58  ? -13.399 -5.572  -7.333  1.00 32.35  ? 56  CYS B CB  1 
ATOM   438  S SG  . CYS A 1 58  ? -13.639 -7.045  -6.383  1.00 42.65  ? 56  CYS B SG  1 
ATOM   439  N N   . LYS A 1 59  ? -15.082 -3.615  -9.325  1.00 37.23  ? 57  LYS B N   1 
ATOM   440  C CA  . LYS A 1 59  ? -15.075 -2.223  -9.718  1.00 43.12  ? 57  LYS B CA  1 
ATOM   441  C C   . LYS A 1 59  ? -14.167 -1.420  -8.749  1.00 43.80  ? 57  LYS B C   1 
ATOM   442  O O   . LYS A 1 59  ? -13.320 -0.609  -9.169  1.00 39.73  ? 57  LYS B O   1 
ATOM   443  C CB  . LYS A 1 59  ? -16.494 -1.665  -9.708  1.00 53.15  ? 57  LYS B CB  1 
ATOM   444  C CG  . LYS A 1 59  ? -16.614 -0.263  -10.304 1.00 68.94  ? 57  LYS B CG  1 
ATOM   445  C CD  . LYS A 1 59  ? -17.978 -0.037  -10.993 1.00 68.11  ? 57  LYS B CD  1 
ATOM   446  C CE  . LYS A 1 59  ? -17.913 -0.350  -12.487 1.00 78.14  ? 57  LYS B CE  1 
ATOM   447  N NZ  . LYS A 1 59  ? -19.263 -0.332  -13.124 1.00 79.53  ? 57  LYS B NZ  1 
ATOM   448  N N   . ALA A 1 60  ? -14.344 -1.664  -7.456  1.00 35.72  ? 58  ALA B N   1 
ATOM   449  C CA  . ALA A 1 60  ? -13.499 -0.951  -6.494  1.00 33.88  ? 58  ALA B CA  1 
ATOM   450  C C   . ALA A 1 60  ? -13.220 -1.859  -5.317  1.00 32.93  ? 58  ALA B C   1 
ATOM   451  O O   . ALA A 1 60  ? -14.031 -2.751  -5.014  1.00 33.11  ? 58  ALA B O   1 
ATOM   452  C CB  . ALA A 1 60  ? -14.200 0.299   -6.049  1.00 37.21  ? 58  ALA B CB  1 
ATOM   453  N N   . VAL A 1 61  ? -12.093 -1.608  -4.612  1.00 28.46  ? 59  VAL B N   1 
ATOM   454  C CA  . VAL A 1 61  ? -11.748 -2.442  -3.496  1.00 28.60  ? 59  VAL B CA  1 
ATOM   455  C C   . VAL A 1 61  ? -11.576 -1.491  -2.318  1.00 27.28  ? 59  VAL B C   1 
ATOM   456  O O   . VAL A 1 61  ? -11.011 -0.411  -2.510  1.00 30.79  ? 59  VAL B O   1 
ATOM   457  C CB  . VAL A 1 61  ? -10.395 -3.192  -3.747  1.00 32.27  ? 59  VAL B CB  1 
ATOM   458  C CG1 . VAL A 1 61  ? -9.794  -3.706  -2.472  1.00 35.94  ? 59  VAL B CG1 1 
ATOM   459  C CG2 . VAL A 1 61  ? -10.636 -4.386  -4.655  1.00 36.60  ? 59  VAL B CG2 1 
ATOM   460  N N   . SER A 1 62  ? -12.091 -1.892  -1.170  1.00 25.43  ? 60  SER B N   1 
ATOM   461  C CA  . SER A 1 62  ? -11.865 -1.061  0.036   1.00 28.55  ? 60  SER B CA  1 
ATOM   462  C C   . SER A 1 62  ? -10.711 -1.624  0.892   1.00 31.90  ? 60  SER B C   1 
ATOM   463  O O   . SER A 1 62  ? -10.740 -2.811  1.303   1.00 32.07  ? 60  SER B O   1 
ATOM   464  C CB  . SER A 1 62  ? -13.157 -0.942  0.845   1.00 35.96  ? 60  SER B CB  1 
ATOM   465  O OG  . SER A 1 62  ? -12.938 -0.236  2.065   1.00 50.18  ? 60  SER B OG  1 
ATOM   466  N N   . ARG A 1 63  ? -9.748  -0.741  1.226   1.00 26.86  ? 61  ARG B N   1 
ATOM   467  C CA  . ARG A 1 63  ? -8.523  -1.127  2.042   1.00 27.51  ? 61  ARG B CA  1 
ATOM   468  C C   . ARG A 1 63  ? -8.678  -0.634  3.471   1.00 28.70  ? 61  ARG B C   1 
ATOM   469  O O   . ARG A 1 63  ? -9.083  0.523   3.616   1.00 30.02  ? 61  ARG B O   1 
ATOM   470  C CB  . ARG A 1 63  ? -7.299  -0.552  1.409   1.00 24.97  ? 61  ARG B CB  1 
ATOM   471  C CG  . ARG A 1 63  ? -5.945  -0.849  2.144   1.00 25.28  ? 61  ARG B CG  1 
ATOM   472  C CD  . ARG A 1 63  ? -4.784  -0.206  1.427   1.00 27.70  ? 61  ARG B CD  1 
ATOM   473  N NE  . ARG A 1 63  ? -4.933  1.250   1.335   1.00 24.17  ? 61  ARG B NE  1 
ATOM   474  C CZ  . ARG A 1 63  ? -4.406  2.008   0.400   1.00 28.13  ? 61  ARG B CZ  1 
ATOM   475  N NH1 . ARG A 1 63  ? -3.636  1.487   -0.561  1.00 26.69  ? 61  ARG B NH1 1 
ATOM   476  N NH2 . ARG A 1 63  ? -4.653  3.344   0.398   1.00 28.45  ? 61  ARG B NH2 1 
ATOM   477  N N   . GLU A 1 64  ? -8.466  -1.521  4.458   1.00 24.62  ? 62  GLU B N   1 
ATOM   478  C CA  . GLU A 1 64  ? -8.250  -1.076  5.861   1.00 32.81  ? 62  GLU B CA  1 
ATOM   479  C C   . GLU A 1 64  ? -6.812  -1.347  6.289   1.00 32.56  ? 62  GLU B C   1 
ATOM   480  O O   . GLU A 1 64  ? -6.395  -2.510  6.293   1.00 29.69  ? 62  GLU B O   1 
ATOM   481  C CB  . GLU A 1 64  ? -9.110  -1.860  6.804   1.00 38.54  ? 62  GLU B CB  1 
ATOM   482  C CG  . GLU A 1 64  ? -10.548 -1.519  6.815   1.00 51.27  ? 62  GLU B CG  1 
ATOM   483  C CD  . GLU A 1 64  ? -11.211 -2.118  8.033   1.00 67.69  ? 62  GLU B CD  1 
ATOM   484  O OE1 . GLU A 1 64  ? -11.101 -3.355  8.265   1.00 64.10  ? 62  GLU B OE1 1 
ATOM   485  O OE2 . GLU A 1 64  ? -11.822 -1.342  8.790   1.00 85.83  ? 62  GLU B OE2 1 
ATOM   486  N N   . LEU A 1 65  ? -6.079  -0.292  6.654   1.00 26.14  ? 63  LEU B N   1 
ATOM   487  C CA  . LEU A 1 65  ? -4.629  -0.385  6.859   1.00 23.86  ? 63  LEU B CA  1 
ATOM   488  C C   . LEU A 1 65  ? -4.408  0.115   8.292   1.00 25.70  ? 63  LEU B C   1 
ATOM   489  O O   . LEU A 1 65  ? -4.690  1.287   8.539   1.00 33.71  ? 63  LEU B O   1 
ATOM   490  C CB  . LEU A 1 65  ? -3.942  0.541   5.877   1.00 29.01  ? 63  LEU B CB  1 
ATOM   491  C CG  . LEU A 1 65  ? -2.446  0.631   5.722   1.00 37.04  ? 63  LEU B CG  1 
ATOM   492  C CD1 . LEU A 1 65  ? -2.074  1.383   4.478   1.00 35.25  ? 63  LEU B CD1 1 
ATOM   493  C CD2 . LEU A 1 65  ? -1.825  1.266   7.032   1.00 39.31  ? 63  LEU B CD2 1 
ATOM   494  N N   . ASN A 1 66  ? -3.991  -0.746  9.200   1.00 22.32  ? 64  ASN B N   1 
ATOM   495  C CA  . ASN A 1 66  ? -3.727  -0.311  10.595  1.00 22.87  ? 64  ASN B CA  1 
ATOM   496  C C   . ASN A 1 66  ? -2.191  -0.114  10.822  1.00 24.79  ? 64  ASN B C   1 
ATOM   497  O O   . ASN A 1 66  ? -1.420  -1.032  10.538  1.00 23.36  ? 64  ASN B O   1 
ATOM   498  C CB  . ASN A 1 66  ? -4.248  -1.341  11.513  1.00 25.38  ? 64  ASN B CB  1 
ATOM   499  C CG  . ASN A 1 66  ? -4.095  -0.961  12.949  1.00 27.85  ? 64  ASN B CG  1 
ATOM   500  O OD1 . ASN A 1 66  ? -3.097  -1.287  13.569  1.00 29.12  ? 64  ASN B OD1 1 
ATOM   501  N ND2 . ASN A 1 66  ? -5.093  -0.241  13.490  1.00 28.61  ? 64  ASN B ND2 1 
ATOM   502  N N   . PHE A 1 67  ? -1.747  1.066   11.322  1.00 19.90  ? 65  PHE B N   1 
ATOM   503  C CA  . PHE A 1 67  ? -0.316  1.377   11.361  1.00 18.19  ? 65  PHE B CA  1 
ATOM   504  C C   . PHE A 1 67  ? -0.079  2.078   12.714  1.00 21.68  ? 65  PHE B C   1 
ATOM   505  O O   . PHE A 1 67  ? -0.996  2.682   13.327  1.00 21.45  ? 65  PHE B O   1 
ATOM   506  C CB  . PHE A 1 67  ? 0.150   2.244   10.215  1.00 20.20  ? 65  PHE B CB  1 
ATOM   507  C CG  . PHE A 1 67  ? -0.471  3.646   10.161  1.00 20.47  ? 65  PHE B CG  1 
ATOM   508  C CD1 . PHE A 1 67  ? 0.242   4.734   10.720  1.00 22.18  ? 65  PHE B CD1 1 
ATOM   509  C CD2 . PHE A 1 67  ? -1.734  3.871   9.624   1.00 21.12  ? 65  PHE B CD2 1 
ATOM   510  C CE1 . PHE A 1 67  ? -0.266  6.040   10.655  1.00 22.14  ? 65  PHE B CE1 1 
ATOM   511  C CE2 . PHE A 1 67  ? -2.251  5.172   9.569   1.00 21.22  ? 65  PHE B CE2 1 
ATOM   512  C CZ  . PHE A 1 67  ? -1.529  6.277   10.109  1.00 25.58  ? 65  PHE B CZ  1 
ATOM   513  N N   . SER A 1 68  ? 1.140   2.001   13.153  1.00 22.82  ? 66  SER B N   1 
ATOM   514  C CA  . SER A 1 68  ? 1.544   2.761   14.369  1.00 20.86  ? 66  SER B CA  1 
ATOM   515  C C   . SER A 1 68  ? 2.702   3.628   13.985  1.00 19.48  ? 66  SER B C   1 
ATOM   516  O O   . SER A 1 68  ? 3.524   3.259   13.084  1.00 20.01  ? 66  SER B O   1 
ATOM   517  C CB  . SER A 1 68  ? 1.991   1.781   15.415  1.00 22.33  ? 66  SER B CB  1 
ATOM   518  O OG  . SER A 1 68  ? 0.979   0.843   15.835  1.00 24.58  ? 66  SER B OG  1 
ATOM   519  N N   . SER A 1 69  ? 2.853   4.825   14.628  1.00 18.96  ? 67  SER B N   1 
ATOM   520  C CA  . SER A 1 69  ? 3.962   5.685   14.263  1.00 17.46  ? 67  SER B CA  1 
ATOM   521  C C   . SER A 1 69  ? 4.452   6.332   15.550  1.00 19.64  ? 67  SER B C   1 
ATOM   522  O O   . SER A 1 69  ? 3.658   7.056   16.134  1.00 21.01  ? 67  SER B O   1 
ATOM   523  C CB  . SER A 1 69  ? 3.499   6.846   13.343  1.00 16.21  ? 67  SER B CB  1 
ATOM   524  O OG  . SER A 1 69  ? 4.544   7.703   12.917  1.00 20.07  ? 67  SER B OG  1 
ATOM   525  N N   . THR A 1 70  ? 5.701   6.132   15.916  1.00 17.71  ? 68  THR B N   1 
ATOM   526  C CA  . THR A 1 70  ? 6.240   6.973   17.082  1.00 17.79  ? 68  THR B CA  1 
ATOM   527  C C   . THR A 1 70  ? 6.314   8.441   16.711  1.00 20.24  ? 68  THR B C   1 
ATOM   528  O O   . THR A 1 70  ? 6.158   9.313   17.613  1.00 22.40  ? 68  THR B O   1 
ATOM   529  C CB  . THR A 1 70  ? 7.588   6.452   17.613  1.00 20.78  ? 68  THR B CB  1 
ATOM   530  O OG1 . THR A 1 70  ? 8.595   6.702   16.651  1.00 21.80  ? 68  THR B OG1 1 
ATOM   531  C CG2 . THR A 1 70  ? 7.556   4.920   17.980  1.00 20.68  ? 68  THR B CG2 1 
ATOM   532  N N   . GLU A 1 71  ? 6.655   8.749   15.461  1.00 17.73  ? 69  GLU B N   1 
ATOM   533  C CA  . GLU A 1 71  ? 6.890   10.166  15.009  1.00 19.55  ? 69  GLU B CA  1 
ATOM   534  C C   . GLU A 1 71  ? 5.561   10.812  14.616  1.00 23.73  ? 69  GLU B C   1 
ATOM   535  O O   . GLU A 1 71  ? 4.683   10.207  14.004  1.00 20.19  ? 69  GLU B O   1 
ATOM   536  C CB  . GLU A 1 71  ? 7.925   10.273  13.875  1.00 22.24  ? 69  GLU B CB  1 
ATOM   537  C CG  . GLU A 1 71  ? 9.186   9.561   14.207  1.00 19.11  ? 69  GLU B CG  1 
ATOM   538  C CD  . GLU A 1 71  ? 9.697   10.056  15.577  1.00 21.98  ? 69  GLU B CD  1 
ATOM   539  O OE1 . GLU A 1 71  ? 9.989   11.251  15.580  1.00 25.25  ? 69  GLU B OE1 1 
ATOM   540  O OE2 . GLU A 1 71  ? 9.702   9.307   16.556  1.00 23.64  ? 69  GLU B OE2 1 
ATOM   541  N N   . GLN A 1 72  ? 5.468   12.111  14.932  1.00 21.67  ? 70  GLN B N   1 
ATOM   542  C CA  . GLN A 1 72  ? 4.356   12.894  14.387  1.00 20.27  ? 70  GLN B CA  1 
ATOM   543  C C   . GLN A 1 72  ? 4.601   13.144  12.892  1.00 21.14  ? 70  GLN B C   1 
ATOM   544  O O   . GLN A 1 72  ? 5.765   13.284  12.459  1.00 21.80  ? 70  GLN B O   1 
ATOM   545  C CB  . GLN A 1 72  ? 4.392   14.293  15.059  1.00 19.91  ? 70  GLN B CB  1 
ATOM   546  C CG  . GLN A 1 72  ? 3.241   15.256  14.578  1.00 19.78  ? 70  GLN B CG  1 
ATOM   547  C CD  . GLN A 1 72  ? 3.262   16.486  15.521  1.00 19.61  ? 70  GLN B CD  1 
ATOM   548  O OE1 . GLN A 1 72  ? 3.067   16.330  16.713  1.00 21.88  ? 70  GLN B OE1 1 
ATOM   549  N NE2 . GLN A 1 72  ? 3.514   17.664  14.958  1.00 23.09  ? 70  GLN B NE2 1 
ATOM   550  N N   . MET A 1 73  ? 3.526   13.056  12.079  1.00 19.93  ? 71  MET B N   1 
ATOM   551  C CA  . MET A 1 73  ? 3.597   13.458  10.675  1.00 19.20  ? 71  MET B CA  1 
ATOM   552  C C   . MET A 1 73  ? 2.482   14.493  10.408  1.00 19.96  ? 71  MET B C   1 
ATOM   553  O O   . MET A 1 73  ? 1.371   14.295  10.862  1.00 24.07  ? 71  MET B O   1 
ATOM   554  C CB  . MET A 1 73  ? 3.434   12.246  9.745   1.00 21.46  ? 71  MET B CB  1 
ATOM   555  C CG  . MET A 1 73  ? 4.581   11.252  9.930   1.00 22.66  ? 71  MET B CG  1 
ATOM   556  S SD  . MET A 1 73  ? 4.390   9.973   8.588   1.00 24.02  ? 71  MET B SD  1 
ATOM   557  C CE  . MET A 1 73  ? 3.685   8.853   9.490   1.00 18.41  ? 71  MET B CE  1 
ATOM   558  N N   . GLU A 1 74  ? 2.822   15.508  9.619   1.00 26.11  ? 72  GLU B N   1 
ATOM   559  C CA  . GLU A 1 74  ? 1.911   16.621  9.266   1.00 25.81  ? 72  GLU B CA  1 
ATOM   560  C C   . GLU A 1 74  ? 0.993   16.121  8.146   1.00 26.15  ? 72  GLU B C   1 
ATOM   561  O O   . GLU A 1 74  ? -0.237  16.354  8.171   1.00 25.42  ? 72  GLU B O   1 
ATOM   562  C CB  . GLU A 1 74  ? 2.705   17.808  8.741   1.00 32.48  ? 72  GLU B CB  1 
ATOM   563  C CG  . GLU A 1 74  ? 4.074   18.022  9.491   1.00 51.83  ? 72  GLU B CG  1 
ATOM   564  C CD  . GLU A 1 74  ? 3.941   18.535  10.950  1.00 66.82  ? 72  GLU B CD  1 
ATOM   565  O OE1 . GLU A 1 74  ? 3.308   19.613  11.117  1.00 72.33  ? 72  GLU B OE1 1 
ATOM   566  O OE2 . GLU A 1 74  ? 4.490   17.875  11.906  1.00 49.95  ? 72  GLU B OE2 1 
ATOM   567  N N   . LYS A 1 75  ? 1.584   15.423  7.171   1.00 25.85  ? 73  LYS B N   1 
ATOM   568  C CA  . LYS A 1 75  ? 0.748   14.963  6.008   1.00 26.84  ? 73  LYS B CA  1 
ATOM   569  C C   . LYS A 1 75  ? 1.157   13.570  5.446   1.00 21.27  ? 73  LYS B C   1 
ATOM   570  O O   . LYS A 1 75  ? 1.803   13.530  4.392   1.00 24.13  ? 73  LYS B O   1 
ATOM   571  C CB  . LYS A 1 75  ? 0.876   15.954  4.900   1.00 26.35  ? 73  LYS B CB  1 
ATOM   572  C CG  . LYS A 1 75  ? -0.154  15.724  3.740   1.00 43.87  ? 73  LYS B CG  1 
ATOM   573  C CD  . LYS A 1 75  ? -0.547  17.032  3.078   1.00 55.41  ? 73  LYS B CD  1 
ATOM   574  C CE  . LYS A 1 75  ? -1.961  17.430  3.553   1.00 66.63  ? 73  LYS B CE  1 
ATOM   575  N NZ  . LYS A 1 75  ? -2.296  18.872  3.419   1.00 77.17  ? 73  LYS B NZ  1 
ATOM   576  N N   . PHE A 1 76  ? 0.775   12.536  6.174   1.00 22.16  ? 74  PHE B N   1 
ATOM   577  C CA  . PHE A 1 76  ? 1.134   11.159  5.808   1.00 21.93  ? 74  PHE B CA  1 
ATOM   578  C C   . PHE A 1 76  ? 0.289   10.828  4.558   1.00 22.54  ? 74  PHE B C   1 
ATOM   579  O O   . PHE A 1 76  ? -0.930  11.128  4.518   1.00 23.20  ? 74  PHE B O   1 
ATOM   580  C CB  . PHE A 1 76  ? 0.821   10.274  6.976   1.00 22.00  ? 74  PHE B CB  1 
ATOM   581  C CG  . PHE A 1 76  ? 1.047   8.815   6.701   1.00 22.71  ? 74  PHE B CG  1 
ATOM   582  C CD1 . PHE A 1 76  ? 2.194   8.378   6.021   1.00 23.56  ? 74  PHE B CD1 1 
ATOM   583  C CD2 . PHE A 1 76  ? 0.159   7.920   7.152   1.00 22.52  ? 74  PHE B CD2 1 
ATOM   584  C CE1 . PHE A 1 76  ? 2.375   6.922   5.844   1.00 24.29  ? 74  PHE B CE1 1 
ATOM   585  C CE2 . PHE A 1 76  ? 0.290   6.511   6.999   1.00 29.95  ? 74  PHE B CE2 1 
ATOM   586  C CZ  . PHE A 1 76  ? 1.411   6.029   6.288   1.00 26.58  ? 74  PHE B CZ  1 
ATOM   587  N N   . ARG A 1 77  ? 0.955   10.329  3.510   1.00 20.39  ? 75  ARG B N   1 
ATOM   588  C CA  . ARG A 1 77  ? 0.235   10.015  2.235   1.00 21.78  ? 75  ARG B CA  1 
ATOM   589  C C   . ARG A 1 77  ? 1.003   8.893   1.531   1.00 25.99  ? 75  ARG B C   1 
ATOM   590  O O   . ARG A 1 77  ? 2.179   8.566   1.905   1.00 21.42  ? 75  ARG B O   1 
ATOM   591  C CB  . ARG A 1 77  ? 0.192   11.240  1.320   1.00 22.16  ? 75  ARG B CB  1 
ATOM   592  C CG  . ARG A 1 77  ? 1.489   11.808  0.844   1.00 24.53  ? 75  ARG B CG  1 
ATOM   593  C CD  . ARG A 1 77  ? 1.309   13.125  0.046   1.00 22.99  ? 75  ARG B CD  1 
ATOM   594  N NE  . ARG A 1 77  ? 2.580   13.433  -0.577  1.00 24.84  ? 75  ARG B NE  1 
ATOM   595  C CZ  . ARG A 1 77  ? 3.037   13.050  -1.750  1.00 31.90  ? 75  ARG B CZ  1 
ATOM   596  N NH1 . ARG A 1 77  ? 2.297   12.275  -2.551  1.00 28.99  ? 75  ARG B NH1 1 
ATOM   597  N NH2 . ARG A 1 77  ? 4.256   13.449  -2.120  1.00 28.86  ? 75  ARG B NH2 1 
ATOM   598  N N   . LEU A 1 78  ? 0.351   8.330   0.504   1.00 21.51  ? 76  LEU B N   1 
ATOM   599  C CA  . LEU A 1 78  ? 0.984   7.252   -0.294  1.00 21.98  ? 76  LEU B CA  1 
ATOM   600  C C   . LEU A 1 78  ? 0.810   7.548   -1.747  1.00 22.43  ? 76  LEU B C   1 
ATOM   601  O O   . LEU A 1 78  ? -0.187  8.186   -2.177  1.00 23.32  ? 76  LEU B O   1 
ATOM   602  C CB  . LEU A 1 78  ? 0.229   5.944   -0.104  1.00 24.20  ? 76  LEU B CB  1 
ATOM   603  C CG  . LEU A 1 78  ? 0.089   5.368   1.273   1.00 33.83  ? 76  LEU B CG  1 
ATOM   604  C CD1 . LEU A 1 78  ? -0.758  4.075   1.281   1.00 34.61  ? 76  LEU B CD1 1 
ATOM   605  C CD2 . LEU A 1 78  ? 1.459   5.103   1.704   1.00 35.58  ? 76  LEU B CD2 1 
ATOM   606  N N   . GLU A 1 79  ? 1.788   7.103   -2.536  1.00 22.13  ? 77  GLU B N   1 
ATOM   607  C CA  A GLU A 1 79  ? 1.613   7.082   -4.011  0.50 21.75  ? 77  GLU B CA  1 
ATOM   608  C CA  B GLU A 1 79  ? 1.711   7.106   -4.017  0.50 22.12  ? 77  GLU B CA  1 
ATOM   609  C C   . GLU A 1 79  ? 1.916   5.637   -4.386  1.00 24.95  ? 77  GLU B C   1 
ATOM   610  O O   . GLU A 1 79  ? 2.855   5.019   -3.847  1.00 22.09  ? 77  GLU B O   1 
ATOM   611  C CB  A GLU A 1 79  ? 2.574   7.992   -4.745  0.50 23.85  ? 77  GLU B CB  1 
ATOM   612  C CB  B GLU A 1 79  ? 2.874   7.877   -4.584  0.50 25.31  ? 77  GLU B CB  1 
ATOM   613  C CG  A GLU A 1 79  ? 2.589   9.452   -4.340  0.50 24.98  ? 77  GLU B CG  1 
ATOM   614  C CG  B GLU A 1 79  ? 2.881   7.882   -6.095  0.50 24.42  ? 77  GLU B CG  1 
ATOM   615  C CD  A GLU A 1 79  ? 3.576   10.277  -5.157  0.50 28.93  ? 77  GLU B CD  1 
ATOM   616  C CD  B GLU A 1 79  ? 3.619   6.693   -6.786  0.50 30.05  ? 77  GLU B CD  1 
ATOM   617  O OE1 A GLU A 1 79  ? 3.602   11.530  -4.958  0.50 25.02  ? 77  GLU B OE1 1 
ATOM   618  O OE1 B GLU A 1 79  ? 4.255   5.763   -6.178  0.50 30.87  ? 77  GLU B OE1 1 
ATOM   619  O OE2 A GLU A 1 79  ? 4.363   9.693   -5.954  0.50 25.97  ? 77  GLU B OE2 1 
ATOM   620  O OE2 B GLU A 1 79  ? 3.517   6.696   -8.032  0.50 31.29  ? 77  GLU B OE2 1 
ATOM   621  N N   . GLN A 1 80  ? 1.081   5.068   -5.264  1.00 19.47  ? 78  GLN B N   1 
ATOM   622  C CA  . GLN A 1 80  ? 1.268   3.616   -5.468  1.00 24.48  ? 78  GLN B CA  1 
ATOM   623  C C   . GLN A 1 80  ? 1.100   3.355   -6.957  1.00 27.45  ? 78  GLN B C   1 
ATOM   624  O O   . GLN A 1 80  ? 0.307   4.045   -7.614  1.00 24.74  ? 78  GLN B O   1 
ATOM   625  C CB  . GLN A 1 80  ? 0.177   2.881   -4.773  1.00 21.59  ? 78  GLN B CB  1 
ATOM   626  C CG  . GLN A 1 80  ? 0.155   3.081   -3.272  1.00 37.04  ? 78  GLN B CG  1 
ATOM   627  C CD  . GLN A 1 80  ? -0.904  2.263   -2.596  1.00 32.94  ? 78  GLN B CD  1 
ATOM   628  O OE1 . GLN A 1 80  ? -2.120  2.562   -2.627  1.00 34.35  ? 78  GLN B OE1 1 
ATOM   629  N NE2 . GLN A 1 80  ? -0.453  1.240   -1.912  1.00 31.84  ? 78  GLN B NE2 1 
ATOM   630  N N   . LYS A 1 81  ? 1.918   2.447   -7.477  1.00 22.47  ? 79  LYS B N   1 
ATOM   631  C CA  . LYS A 1 81  ? 1.839   2.163   -8.949  1.00 22.40  ? 79  LYS B CA  1 
ATOM   632  C C   . LYS A 1 81  ? 1.761   0.674   -9.136  1.00 29.23  ? 79  LYS B C   1 
ATOM   633  O O   . LYS A 1 81  ? 2.354   -0.072  -8.372  1.00 22.86  ? 79  LYS B O   1 
ATOM   634  C CB  . LYS A 1 81  ? 3.063   2.666   -9.627  1.00 22.44  ? 79  LYS B CB  1 
ATOM   635  C CG  . LYS A 1 81  ? 3.056   4.237   -9.789  1.00 25.31  ? 79  LYS B CG  1 
ATOM   636  C CD  . LYS A 1 81  ? 4.382   4.624   -10.367 1.00 29.72  ? 79  LYS B CD  1 
ATOM   637  C CE  . LYS A 1 81  ? 4.403   6.106   -10.834 1.00 36.62  ? 79  LYS B CE  1 
ATOM   638  N NZ  . LYS A 1 81  ? 5.806   6.422   -11.156 1.00 41.01  ? 79  LYS B NZ  1 
ATOM   639  N N   . VAL A 1 82  ? 1.004   0.235   -10.147 1.00 22.93  ? 80  VAL B N   1 
ATOM   640  C CA  . VAL A 1 82  ? 0.999   -1.179  -10.540 1.00 21.47  ? 80  VAL B CA  1 
ATOM   641  C C   . VAL A 1 82  ? 1.886   -1.294  -11.772 1.00 23.71  ? 80  VAL B C   1 
ATOM   642  O O   . VAL A 1 82  ? 1.756   -0.516  -12.750 1.00 20.93  ? 80  VAL B O   1 
ATOM   643  C CB  . VAL A 1 82  ? -0.442  -1.744  -10.727 1.00 24.45  ? 80  VAL B CB  1 
ATOM   644  C CG1 . VAL A 1 82  ? -1.246  -0.863  -11.653 1.00 25.59  ? 80  VAL B CG1 1 
ATOM   645  C CG2 . VAL A 1 82  ? -0.352  -3.108  -11.375 1.00 31.03  ? 80  VAL B CG2 1 
ATOM   646  N N   . TYR A 1 83  ? 2.830   -2.232  -11.736 1.00 17.84  ? 81  TYR B N   1 
ATOM   647  C CA  . TYR A 1 83  ? 3.778   -2.439  -12.827 1.00 19.21  ? 81  TYR B CA  1 
ATOM   648  C C   . TYR A 1 83  ? 3.539   -3.825  -13.364 1.00 25.36  ? 81  TYR B C   1 
ATOM   649  O O   . TYR A 1 83  ? 3.398   -4.775  -12.617 1.00 22.05  ? 81  TYR B O   1 
ATOM   650  C CB  . TYR A 1 83  ? 5.231   -2.347  -12.401 1.00 21.58  ? 81  TYR B CB  1 
ATOM   651  C CG  . TYR A 1 83  ? 5.727   -0.933  -12.088 1.00 21.82  ? 81  TYR B CG  1 
ATOM   652  C CD1 . TYR A 1 83  ? 5.619   -0.421  -10.784 1.00 24.06  ? 81  TYR B CD1 1 
ATOM   653  C CD2 . TYR A 1 83  ? 6.360   -0.175  -13.071 1.00 22.74  ? 81  TYR B CD2 1 
ATOM   654  C CE1 . TYR A 1 83  ? 6.116   0.858   -10.476 1.00 24.13  ? 81  TYR B CE1 1 
ATOM   655  C CE2 . TYR A 1 83  ? 6.868   1.114   -12.781 1.00 22.01  ? 81  TYR B CE2 1 
ATOM   656  C CZ  . TYR A 1 83  ? 6.693   1.613   -11.499 1.00 24.01  ? 81  TYR B CZ  1 
ATOM   657  O OH  . TYR A 1 83  ? 7.229   2.855   -11.243 1.00 34.18  ? 81  TYR B OH  1 
ATOM   658  N N   . PHE A 1 84  ? 3.447   -3.921  -14.674 1.00 20.87  ? 82  PHE B N   1 
ATOM   659  C CA  . PHE A 1 84  ? 3.349   -5.250  -15.363 1.00 20.31  ? 82  PHE B CA  1 
ATOM   660  C C   . PHE A 1 84  ? 4.560   -5.439  -16.232 1.00 18.16  ? 82  PHE B C   1 
ATOM   661  O O   . PHE A 1 84  ? 4.831   -4.630  -17.167 1.00 18.93  ? 82  PHE B O   1 
ATOM   662  C CB  . PHE A 1 84  ? 2.061   -5.309  -16.257 1.00 20.40  ? 82  PHE B CB  1 
ATOM   663  C CG  . PHE A 1 84  ? 2.020   -6.531  -17.132 1.00 17.85  ? 82  PHE B CG  1 
ATOM   664  C CD1 . PHE A 1 84  ? 1.677   -7.785  -16.564 1.00 20.98  ? 82  PHE B CD1 1 
ATOM   665  C CD2 . PHE A 1 84  ? 2.345   -6.444  -18.471 1.00 19.05  ? 82  PHE B CD2 1 
ATOM   666  C CE1 . PHE A 1 84  ? 1.634   -9.006  -17.351 1.00 17.66  ? 82  PHE B CE1 1 
ATOM   667  C CE2 . PHE A 1 84  ? 2.305   -7.659  -19.298 1.00 20.97  ? 82  PHE B CE2 1 
ATOM   668  C CZ  . PHE A 1 84  ? 1.926   -8.903  -18.741 1.00 19.32  ? 82  PHE B CZ  1 
ATOM   669  N N   . LYS A 1 85  ? 5.415   -6.467  -15.945 1.00 17.50  ? 83  LYS B N   1 
ATOM   670  C CA  . LYS A 1 85  ? 6.688   -6.589  -16.611 1.00 16.18  ? 83  LYS B CA  1 
ATOM   671  C C   . LYS A 1 85  ? 7.446   -5.302  -16.719 1.00 21.82  ? 83  LYS B C   1 
ATOM   672  O O   . LYS A 1 85  ? 8.034   -5.006  -17.734 1.00 20.46  ? 83  LYS B O   1 
ATOM   673  C CB  . LYS A 1 85  ? 6.611   -7.358  -17.984 1.00 18.90  ? 83  LYS B CB  1 
ATOM   674  C CG  . LYS A 1 85  ? 5.790   -8.609  -17.872 1.00 20.89  ? 83  LYS B CG  1 
ATOM   675  C CD  . LYS A 1 85  ? 5.924   -9.383  -19.262 1.00 17.61  ? 83  LYS B CD  1 
ATOM   676  C CE  . LYS A 1 85  ? 5.221   -10.719 -19.140 1.00 25.17  ? 83  LYS B CE  1 
ATOM   677  N NZ  . LYS A 1 85  ? 5.339   -11.513 -20.462 1.00 24.44  ? 83  LYS B NZ  1 
ATOM   678  N N   . GLY A 1 86  ? 7.469   -4.528  -15.629 1.00 21.98  ? 84  GLY B N   1 
ATOM   679  C CA  . GLY A 1 86  ? 8.321   -3.365  -15.653 1.00 22.48  ? 84  GLY B CA  1 
ATOM   680  C C   . GLY A 1 86  ? 7.597   -2.084  -16.069 1.00 23.08  ? 84  GLY B C   1 
ATOM   681  O O   . GLY A 1 86  ? 8.173   -1.001  -15.935 1.00 25.24  ? 84  GLY B O   1 
ATOM   682  N N   . GLN A 1 87  ? 6.355   -2.183  -16.537 1.00 21.46  ? 85  GLN B N   1 
ATOM   683  C CA  . GLN A 1 87  ? 5.695   -1.008  -17.147 1.00 21.63  ? 85  GLN B CA  1 
ATOM   684  C C   . GLN A 1 87  ? 4.539   -0.629  -16.282 1.00 17.85  ? 85  GLN B C   1 
ATOM   685  O O   . GLN A 1 87  ? 3.607   -1.420  -15.926 1.00 22.42  ? 85  GLN B O   1 
ATOM   686  C CB  . GLN A 1 87  ? 5.145   -1.392  -18.522 1.00 25.26  ? 85  GLN B CB  1 
ATOM   687  C CG  . GLN A 1 87  ? 4.488   -0.209  -19.219 1.00 29.87  ? 85  GLN B CG  1 
ATOM   688  C CD  . GLN A 1 87  ? 3.904   -0.609  -20.587 1.00 31.22  ? 85  GLN B CD  1 
ATOM   689  O OE1 . GLN A 1 87  ? 4.268   -1.645  -21.172 1.00 28.74  ? 85  GLN B OE1 1 
ATOM   690  N NE2 . GLN A 1 87  ? 2.963   0.159   -21.030 1.00 29.75  ? 85  GLN B NE2 1 
ATOM   691  N N   . CYS A 1 88  ? 4.540   0.672   -15.935 1.00 23.78  ? 86  CYS B N   1 
ATOM   692  C CA  . CYS A 1 88  ? 3.473   1.169   -15.067 1.00 20.75  ? 86  CYS B CA  1 
ATOM   693  C C   . CYS A 1 88  ? 2.152   1.279   -15.841 1.00 28.07  ? 86  CYS B C   1 
ATOM   694  O O   . CYS A 1 88  ? 2.053   1.940   -16.913 1.00 27.87  ? 86  CYS B O   1 
ATOM   695  C CB  . CYS A 1 88  ? 3.862   2.567   -14.427 1.00 24.49  ? 86  CYS B CB  1 
ATOM   696  S SG  . CYS A 1 88  ? 2.434   3.231   -13.539 1.00 30.32  ? 86  CYS B SG  1 
ATOM   697  N N   . LEU A 1 89  ? 1.149   0.600   -15.358 1.00 22.55  ? 87  LEU B N   1 
ATOM   698  C CA  . LEU A 1 89  ? -0.145  0.556   -16.021 1.00 27.04  ? 87  LEU B CA  1 
ATOM   699  C C   . LEU A 1 89  ? -1.059  1.549   -15.369 1.00 32.16  ? 87  LEU B C   1 
ATOM   700  O O   . LEU A 1 89  ? -2.013  2.005   -16.024 1.00 31.32  ? 87  LEU B O   1 
ATOM   701  C CB  . LEU A 1 89  ? -0.826  -0.813  -15.842 1.00 27.65  ? 87  LEU B CB  1 
ATOM   702  C CG  . LEU A 1 89  ? -0.535  -1.893  -16.926 1.00 33.55  ? 87  LEU B CG  1 
ATOM   703  C CD1 . LEU A 1 89  ? 0.696   -1.747  -17.790 1.00 38.62  ? 87  LEU B CD1 1 
ATOM   704  C CD2 . LEU A 1 89  ? -0.745  -3.212  -16.320 1.00 33.59  ? 87  LEU B CD2 1 
ATOM   705  N N   . GLU A 1 90  ? -0.857  1.827   -14.056 1.00 26.27  ? 88  GLU B N   1 
ATOM   706  C CA  . GLU A 1 90  ? -1.710  2.821   -13.367 1.00 29.53  ? 88  GLU B CA  1 
ATOM   707  C C   . GLU A 1 90  ? -1.191  3.264   -12.065 1.00 32.10  ? 88  GLU B C   1 
ATOM   708  O O   . GLU A 1 90  ? -0.425  2.554   -11.446 1.00 24.43  ? 88  GLU B O   1 
ATOM   709  C CB  . GLU A 1 90  ? -3.135  2.453   -13.092 1.00 33.68  ? 88  GLU B CB  1 
ATOM   710  C CG  . GLU A 1 90  ? -3.497  1.202   -12.512 1.00 39.30  ? 88  GLU B CG  1 
ATOM   711  C CD  . GLU A 1 90  ? -5.029  1.177   -12.342 1.00 54.95  ? 88  GLU B CD  1 
ATOM   712  O OE1 . GLU A 1 90  ? -5.625  2.258   -12.102 1.00 50.33  ? 88  GLU B OE1 1 
ATOM   713  O OE2 . GLU A 1 90  ? -5.638  0.088   -12.463 1.00 56.71  ? 88  GLU B OE2 1 
ATOM   714  N N   . GLU A 1 91  ? -1.710  4.399   -11.610 1.00 26.78  ? 89  GLU B N   1 
ATOM   715  C CA  . GLU A 1 91  ? -1.101  5.022   -10.401 1.00 28.30  ? 89  GLU B CA  1 
ATOM   716  C C   . GLU A 1 91  ? -2.235  5.451   -9.518  1.00 32.55  ? 89  GLU B C   1 
ATOM   717  O O   . GLU A 1 91  ? -3.303  5.855   -10.031 1.00 31.86  ? 89  GLU B O   1 
ATOM   718  C CB  . GLU A 1 91  ? -0.185  6.145   -10.817 1.00 26.48  ? 89  GLU B CB  1 
ATOM   719  C CG  . GLU A 1 91  ? 0.421   7.026   -9.661  1.00 29.80  ? 89  GLU B CG  1 
ATOM   720  C CD  . GLU A 1 91  ? 1.466   8.052   -10.171 1.00 40.27  ? 89  GLU B CD  1 
ATOM   721  O OE1 . GLU A 1 91  ? 1.263   8.647   -11.247 1.00 45.81  ? 89  GLU B OE1 1 
ATOM   722  O OE2 . GLU A 1 91  ? 2.480   8.311   -9.496  1.00 45.97  ? 89  GLU B OE2 1 
ATOM   723  N N   . TRP A 1 92  ? -2.061  5.393   -8.194  1.00 24.54  ? 90  TRP B N   1 
ATOM   724  C CA  . TRP A 1 92  ? -3.049  5.908   -7.274  1.00 23.25  ? 90  TRP B CA  1 
ATOM   725  C C   . TRP A 1 92  ? -2.377  6.821   -6.207  1.00 28.95  ? 90  TRP B C   1 
ATOM   726  O O   . TRP A 1 92  ? -1.203  6.675   -5.909  1.00 24.54  ? 90  TRP B O   1 
ATOM   727  C CB  . TRP A 1 92  ? -3.753  4.877   -6.491  1.00 25.20  ? 90  TRP B CB  1 
ATOM   728  C CG  . TRP A 1 92  ? -4.594  3.894   -7.247  1.00 32.55  ? 90  TRP B CG  1 
ATOM   729  C CD1 . TRP A 1 92  ? -5.947  3.926   -7.428  1.00 35.77  ? 90  TRP B CD1 1 
ATOM   730  C CD2 . TRP A 1 92  ? -4.122  2.717   -7.918  1.00 36.09  ? 90  TRP B CD2 1 
ATOM   731  N NE1 . TRP A 1 92  ? -6.367  2.791   -8.155  1.00 35.90  ? 90  TRP B NE1 1 
ATOM   732  C CE2 . TRP A 1 92  ? -5.262  2.046   -8.464  1.00 37.84  ? 90  TRP B CE2 1 
ATOM   733  C CE3 . TRP A 1 92  ? -2.853  2.154   -8.095  1.00 32.91  ? 90  TRP B CE3 1 
ATOM   734  C CZ2 . TRP A 1 92  ? -5.160  0.823   -9.177  1.00 35.69  ? 90  TRP B CZ2 1 
ATOM   735  C CZ3 . TRP A 1 92  ? -2.760  0.921   -8.832  1.00 41.40  ? 90  TRP B CZ3 1 
ATOM   736  C CH2 . TRP A 1 92  ? -3.913  0.288   -9.330  1.00 34.68  ? 90  TRP B CH2 1 
ATOM   737  N N   . PHE A 1 93  ? -3.138  7.780   -5.704  1.00 26.60  ? 91  PHE B N   1 
ATOM   738  C CA  . PHE A 1 93  ? -2.640  8.728   -4.677  1.00 24.68  ? 91  PHE B CA  1 
ATOM   739  C C   . PHE A 1 93  ? -3.630  8.665   -3.522  1.00 25.34  ? 91  PHE B C   1 
ATOM   740  O O   . PHE A 1 93  ? -4.826  8.657   -3.732  1.00 29.10  ? 91  PHE B O   1 
ATOM   741  C CB  . PHE A 1 93  ? -2.517  10.187  -5.217  1.00 22.27  ? 91  PHE B CB  1 
ATOM   742  C CG  . PHE A 1 93  ? -1.522  10.348  -6.290  1.00 25.28  ? 91  PHE B CG  1 
ATOM   743  C CD1 . PHE A 1 93  ? -0.243  10.727  -6.006  1.00 25.95  ? 91  PHE B CD1 1 
ATOM   744  C CD2 . PHE A 1 93  ? -1.895  10.080  -7.633  1.00 32.76  ? 91  PHE B CD2 1 
ATOM   745  C CE1 . PHE A 1 93  ? 0.684   10.877  -6.983  1.00 32.60  ? 91  PHE B CE1 1 
ATOM   746  C CE2 . PHE A 1 93  ? -0.973  10.237  -8.642  1.00 33.75  ? 91  PHE B CE2 1 
ATOM   747  C CZ  . PHE A 1 93  ? 0.320   10.640  -8.323  1.00 32.64  ? 91  PHE B CZ  1 
ATOM   748  N N   . PHE A 1 94  ? -3.182  8.487   -2.266  1.00 24.28  ? 92  PHE B N   1 
ATOM   749  C CA  . PHE A 1 94  ? -4.083  8.523   -1.136  1.00 23.25  ? 92  PHE B CA  1 
ATOM   750  C C   . PHE A 1 94  ? -3.456  9.376   0.004   1.00 26.88  ? 92  PHE B C   1 
ATOM   751  O O   . PHE A 1 94  ? -2.271  9.286   0.269   1.00 25.44  ? 92  PHE B O   1 
ATOM   752  C CB  . PHE A 1 94  ? -4.458  7.163   -0.528  1.00 25.02  ? 92  PHE B CB  1 
ATOM   753  C CG  . PHE A 1 94  ? -5.047  6.201   -1.535  1.00 28.34  ? 92  PHE B CG  1 
ATOM   754  C CD1 . PHE A 1 94  ? -6.406  6.250   -1.847  1.00 29.41  ? 92  PHE B CD1 1 
ATOM   755  C CD2 . PHE A 1 94  ? -4.198  5.305   -2.234  1.00 29.38  ? 92  PHE B CD2 1 
ATOM   756  C CE1 . PHE A 1 94  ? -6.931  5.372   -2.813  1.00 38.81  ? 92  PHE B CE1 1 
ATOM   757  C CE2 . PHE A 1 94  ? -4.731  4.416   -3.172  1.00 33.81  ? 92  PHE B CE2 1 
ATOM   758  C CZ  . PHE A 1 94  ? -6.071  4.456   -3.480  1.00 31.50  ? 92  PHE B CZ  1 
ATOM   759  N N   . GLU A 1 95  ? -4.302  10.157  0.668   1.00 27.06  ? 93  GLU B N   1 
ATOM   760  C CA  . GLU A 1 95  ? -3.811  11.013  1.774   1.00 28.07  ? 93  GLU B CA  1 
ATOM   761  C C   . GLU A 1 95  ? -4.472  10.648  3.088   1.00 25.26  ? 93  GLU B C   1 
ATOM   762  O O   . GLU A 1 95  ? -5.676  10.492  3.186   1.00 27.80  ? 93  GLU B O   1 
ATOM   763  C CB  . GLU A 1 95  ? -4.060  12.480  1.419   1.00 31.84  ? 93  GLU B CB  1 
ATOM   764  C CG  . GLU A 1 95  ? -3.377  13.338  2.511   1.00 45.55  ? 93  GLU B CG  1 
ATOM   765  C CD  . GLU A 1 95  ? -3.992  14.707  2.681   1.00 70.20  ? 93  GLU B CD  1 
ATOM   766  O OE1 . GLU A 1 95  ? -4.296  15.359  1.645   1.00 69.27  ? 93  GLU B OE1 1 
ATOM   767  O OE2 . GLU A 1 95  ? -4.156  15.126  3.865   1.00 63.11  ? 93  GLU B OE2 1 
ATOM   768  N N   . PHE A 1 96  ? -3.663  10.487  4.169   1.00 25.22  ? 94  PHE B N   1 
ATOM   769  C CA  . PHE A 1 96  ? -4.179  10.200  5.483   1.00 22.79  ? 94  PHE B CA  1 
ATOM   770  C C   . PHE A 1 96  ? -4.244  11.545  6.293   1.00 24.23  ? 94  PHE B C   1 
ATOM   771  O O   . PHE A 1 96  ? -5.193  11.754  7.049   1.00 29.64  ? 94  PHE B O   1 
ATOM   772  C CB  . PHE A 1 96  ? -3.285  9.195   6.272   1.00 23.12  ? 94  PHE B CB  1 
ATOM   773  C CG  . PHE A 1 96  ? -3.791  8.912   7.681   1.00 22.14  ? 94  PHE B CG  1 
ATOM   774  C CD1 . PHE A 1 96  ? -4.780  7.965   7.952   1.00 24.97  ? 94  PHE B CD1 1 
ATOM   775  C CD2 . PHE A 1 96  ? -3.320  9.680   8.779   1.00 25.48  ? 94  PHE B CD2 1 
ATOM   776  C CE1 . PHE A 1 96  ? -5.263  7.655   9.247   1.00 23.54  ? 94  PHE B CE1 1 
ATOM   777  C CE2 . PHE A 1 96  ? -3.795  9.411   10.091  1.00 21.68  ? 94  PHE B CE2 1 
ATOM   778  C CZ  . PHE A 1 96  ? -4.760  8.455   10.382  1.00 26.36  ? 94  PHE B CZ  1 
ATOM   779  N N   . GLY A 1 97  ? -3.208  12.351  6.143   1.00 23.49  ? 95  GLY B N   1 
ATOM   780  C CA  . GLY A 1 97  ? -3.087  13.702  6.820   1.00 26.92  ? 95  GLY B CA  1 
ATOM   781  C C   . GLY A 1 97  ? -2.288  13.585  8.136   1.00 25.42  ? 95  GLY B C   1 
ATOM   782  O O   . GLY A 1 97  ? -1.287  12.827  8.271   1.00 23.41  ? 95  GLY B O   1 
ATOM   783  N N   . PHE A 1 98  ? -2.789  14.261  9.168   1.00 24.39  ? 96  PHE B N   1 
ATOM   784  C CA  . PHE A 1 98  ? -2.029  14.288  10.450  1.00 23.43  ? 96  PHE B CA  1 
ATOM   785  C C   . PHE A 1 98  ? -1.970  13.022  11.262  1.00 21.06  ? 96  PHE B C   1 
ATOM   786  O O   . PHE A 1 98  ? -2.974  12.359  11.463  1.00 22.97  ? 96  PHE B O   1 
ATOM   787  C CB  . PHE A 1 98  ? -2.560  15.503  11.285  1.00 21.17  ? 96  PHE B CB  1 
ATOM   788  C CG  . PHE A 1 98  ? -1.795  15.726  12.610  1.00 22.81  ? 96  PHE B CG  1 
ATOM   789  C CD1 . PHE A 1 98  ? -0.686  16.511  12.604  1.00 30.13  ? 96  PHE B CD1 1 
ATOM   790  C CD2 . PHE A 1 98  ? -2.216  15.171  13.763  1.00 27.81  ? 96  PHE B CD2 1 
ATOM   791  C CE1 . PHE A 1 98  ? 0.005   16.769  13.778  1.00 28.39  ? 96  PHE B CE1 1 
ATOM   792  C CE2 . PHE A 1 98  ? -1.493  15.445  14.977  1.00 29.62  ? 96  PHE B CE2 1 
ATOM   793  C CZ  . PHE A 1 98  ? -0.371  16.202  14.903  1.00 22.94  ? 96  PHE B CZ  1 
ATOM   794  N N   . VAL A 1 99  ? -0.748  12.675  11.761  1.00 22.91  ? 97  VAL B N   1 
ATOM   795  C CA  . VAL A 1 99  ? -0.542  11.510  12.606  1.00 19.42  ? 97  VAL B CA  1 
ATOM   796  C C   . VAL A 1 99  ? 0.018   11.970  13.967  1.00 18.84  ? 97  VAL B C   1 
ATOM   797  O O   . VAL A 1 99  ? 1.086   12.618  13.968  1.00 22.04  ? 97  VAL B O   1 
ATOM   798  C CB  . VAL A 1 99  ? 0.504   10.521  11.950  1.00 21.66  ? 97  VAL B CB  1 
ATOM   799  C CG1 . VAL A 1 99  ? 0.631   9.306   12.890  1.00 17.77  ? 97  VAL B CG1 1 
ATOM   800  C CG2 . VAL A 1 99  ? -0.095  10.043  10.609  1.00 21.17  ? 97  VAL B CG2 1 
ATOM   801  N N   . ILE A 1 100 ? -0.743  11.670  15.019  1.00 20.35  ? 98  ILE B N   1 
ATOM   802  C CA  . ILE A 1 100 ? -0.323  11.938  16.447  1.00 21.69  ? 98  ILE B CA  1 
ATOM   803  C C   . ILE A 1 100 ? 0.880   11.037  16.791  1.00 23.21  ? 98  ILE B C   1 
ATOM   804  O O   . ILE A 1 100 ? 0.917   9.863   16.468  1.00 19.90  ? 98  ILE B O   1 
ATOM   805  C CB  . ILE A 1 100 ? -1.487  11.685  17.369  1.00 22.43  ? 98  ILE B CB  1 
ATOM   806  C CG1 . ILE A 1 100 ? -2.415  12.897  17.316  1.00 25.72  ? 98  ILE B CG1 1 
ATOM   807  C CG2 . ILE A 1 100 ? -1.009  11.370  18.853  1.00 21.34  ? 98  ILE B CG2 1 
ATOM   808  C CD1 . ILE A 1 100 ? -3.800  12.521  17.855  1.00 29.37  ? 98  ILE B CD1 1 
ATOM   809  N N   . PRO A 1 101 ? 1.936   11.621  17.364  1.00 20.93  ? 99  PRO B N   1 
ATOM   810  C CA  . PRO A 1 101 ? 3.068   10.804  17.758  1.00 21.43  ? 99  PRO B CA  1 
ATOM   811  C C   . PRO A 1 101 ? 2.693   9.735   18.766  1.00 21.82  ? 99  PRO B C   1 
ATOM   812  O O   . PRO A 1 101 ? 1.939   9.986   19.769  1.00 23.60  ? 99  PRO B O   1 
ATOM   813  C CB  . PRO A 1 101 ? 4.057   11.841  18.407  1.00 22.02  ? 99  PRO B CB  1 
ATOM   814  C CG  . PRO A 1 101 ? 3.093   13.083  18.808  1.00 19.63  ? 99  PRO B CG  1 
ATOM   815  C CD  . PRO A 1 101 ? 2.115   13.061  17.655  1.00 21.94  ? 99  PRO B CD  1 
ATOM   816  N N   . ASN A 1 102 ? 3.255   8.508   18.604  1.00 18.91  ? 100 ASN B N   1 
ATOM   817  C CA  . ASN A 1 102 ? 2.906   7.361   19.347  1.00 22.44  ? 100 ASN B CA  1 
ATOM   818  C C   . ASN A 1 102 ? 1.470   6.906   19.235  1.00 24.21  ? 100 ASN B C   1 
ATOM   819  O O   . ASN A 1 102 ? 0.924   6.432   20.207  1.00 31.18  ? 100 ASN B O   1 
ATOM   820  C CB  . ASN A 1 102 ? 3.294   7.497   20.846  1.00 24.24  ? 100 ASN B CB  1 
ATOM   821  C CG  . ASN A 1 102 ? 4.763   7.797   21.009  1.00 25.21  ? 100 ASN B CG  1 
ATOM   822  O OD1 . ASN A 1 102 ? 5.123   8.936   21.279  1.00 29.79  ? 100 ASN B OD1 1 
ATOM   823  N ND2 . ASN A 1 102 ? 5.621   6.837   20.659  1.00 25.12  ? 100 ASN B ND2 1 
ATOM   824  N N   . SER A 1 103 ? 0.880   7.013   18.057  1.00 22.94  ? 101 SER B N   1 
ATOM   825  C CA  . SER A 1 103 ? -0.530  6.617   17.851  1.00 21.15  ? 101 SER B CA  1 
ATOM   826  C C   . SER A 1 103 ? -0.596  5.357   16.973  1.00 24.05  ? 101 SER B C   1 
ATOM   827  O O   . SER A 1 103 ? 0.361   5.020   16.257  1.00 23.31  ? 101 SER B O   1 
ATOM   828  C CB  . SER A 1 103 ? -1.327  7.715   17.209  1.00 20.22  ? 101 SER B CB  1 
ATOM   829  O OG  . SER A 1 103 ? -0.865  8.103   15.916  1.00 23.06  ? 101 SER B OG  1 
ATOM   830  N N   . THR A 1 104 ? -1.722  4.655   17.129  1.00 24.24  ? 102 THR B N   1 
ATOM   831  C CA  . THR A 1 104 ? -2.064  3.506   16.282  1.00 25.17  ? 102 THR B CA  1 
ATOM   832  C C   . THR A 1 104 ? -3.371  3.906   15.612  1.00 27.64  ? 102 THR B C   1 
ATOM   833  O O   . THR A 1 104 ? -4.243  4.471   16.276  1.00 27.51  ? 102 THR B O   1 
ATOM   834  C CB  . THR A 1 104 ? -2.180  2.260   17.118  1.00 26.56  ? 102 THR B CB  1 
ATOM   835  O OG1 . THR A 1 104 ? -0.880  1.934   17.649  1.00 27.47  ? 102 THR B OG1 1 
ATOM   836  C CG2 . THR A 1 104 ? -2.674  1.107   16.267  1.00 26.37  ? 102 THR B CG2 1 
ATOM   837  N N   . ASN A 1 105 ? -3.476  3.724   14.281  1.00 23.47  ? 103 ASN B N   1 
ATOM   838  C CA  . ASN A 1 105 ? -4.497  4.364   13.450  1.00 23.06  ? 103 ASN B CA  1 
ATOM   839  C C   . ASN A 1 105 ? -4.978  3.338   12.436  1.00 28.60  ? 103 ASN B C   1 
ATOM   840  O O   . ASN A 1 105 ? -4.158  2.597   11.893  1.00 25.70  ? 103 ASN B O   1 
ATOM   841  C CB  . ASN A 1 105 ? -3.929  5.509   12.667  1.00 25.39  ? 103 ASN B CB  1 
ATOM   842  C CG  . ASN A 1 105 ? -3.246  6.575   13.575  1.00 30.74  ? 103 ASN B CG  1 
ATOM   843  O OD1 . ASN A 1 105 ? -3.908  7.466   14.014  1.00 33.64  ? 103 ASN B OD1 1 
ATOM   844  N ND2 . ASN A 1 105 ? -1.941  6.409   13.896  1.00 29.49  ? 103 ASN B ND2 1 
ATOM   845  N N   . THR A 1 106 ? -6.264  3.375   12.123  1.00 32.17  ? 104 THR B N   1 
ATOM   846  C CA  . THR A 1 106 ? -6.804  2.534   11.020  1.00 28.70  ? 104 THR B CA  1 
ATOM   847  C C   . THR A 1 106 ? -7.225  3.500   9.909   1.00 30.63  ? 104 THR B C   1 
ATOM   848  O O   . THR A 1 106 ? -7.959  4.476   10.142  1.00 31.16  ? 104 THR B O   1 
ATOM   849  C CB  . THR A 1 106 ? -7.972  1.698   11.504  1.00 25.65  ? 104 THR B CB  1 
ATOM   850  O OG1 . THR A 1 106 ? -7.563  0.769   12.516  1.00 28.50  ? 104 THR B OG1 1 
ATOM   851  C CG2 . THR A 1 106 ? -8.549  0.832   10.320  1.00 39.23  ? 104 THR B CG2 1 
ATOM   852  N N   . TRP A 1 107 ? -6.769  3.269   8.688   1.00 26.51  ? 105 TRP B N   1 
ATOM   853  C CA  . TRP A 1 107 ? -6.967  4.137   7.562   1.00 27.65  ? 105 TRP B CA  1 
ATOM   854  C C   . TRP A 1 107 ? -7.786  3.318   6.553   1.00 39.59  ? 105 TRP B C   1 
ATOM   855  O O   . TRP A 1 107 ? -7.376  2.205   6.196   1.00 27.73  ? 105 TRP B O   1 
ATOM   856  C CB  . TRP A 1 107 ? -5.607  4.493   6.994   1.00 24.95  ? 105 TRP B CB  1 
ATOM   857  C CG  . TRP A 1 107 ? -5.566  5.364   5.745   1.00 24.34  ? 105 TRP B CG  1 
ATOM   858  C CD1 . TRP A 1 107 ? -6.638  6.002   5.143   1.00 26.62  ? 105 TRP B CD1 1 
ATOM   859  C CD2 . TRP A 1 107 ? -4.414  5.765   5.026   1.00 26.13  ? 105 TRP B CD2 1 
ATOM   860  N NE1 . TRP A 1 107 ? -6.202  6.727   4.115   1.00 26.98  ? 105 TRP B NE1 1 
ATOM   861  C CE2 . TRP A 1 107 ? -4.847  6.626   3.997   1.00 25.17  ? 105 TRP B CE2 1 
ATOM   862  C CE3 . TRP A 1 107 ? -3.051  5.452   5.119   1.00 24.00  ? 105 TRP B CE3 1 
ATOM   863  C CZ2 . TRP A 1 107 ? -3.973  7.185   3.044   1.00 25.61  ? 105 TRP B CZ2 1 
ATOM   864  C CZ3 . TRP A 1 107 ? -2.159  6.071   4.217   1.00 29.88  ? 105 TRP B CZ3 1 
ATOM   865  C CH2 . TRP A 1 107 ? -2.636  6.931   3.177   1.00 26.73  ? 105 TRP B CH2 1 
ATOM   866  N N   . GLN A 1 108 ? -8.951  3.841   6.156   1.00 35.33  ? 106 GLN B N   1 
ATOM   867  C CA  . GLN A 1 108 ? -9.819  3.216   5.149   1.00 32.85  ? 106 GLN B CA  1 
ATOM   868  C C   . GLN A 1 108 ? -9.719  3.969   3.869   1.00 32.69  ? 106 GLN B C   1 
ATOM   869  O O   . GLN A 1 108 ? -9.726  5.215   3.860   1.00 31.01  ? 106 GLN B O   1 
ATOM   870  C CB  . GLN A 1 108 ? -11.267 3.201   5.644   1.00 44.49  ? 106 GLN B CB  1 
ATOM   871  C CG  . GLN A 1 108 ? -12.164 2.245   4.838   1.00 52.71  ? 106 GLN B CG  1 
ATOM   872  C CD  . GLN A 1 108 ? -13.221 1.589   5.705   1.00 65.80  ? 106 GLN B CD  1 
ATOM   873  O OE1 . GLN A 1 108 ? -12.915 0.731   6.532   1.00 65.53  ? 106 GLN B OE1 1 
ATOM   874  N NE2 . GLN A 1 108 ? -14.472 1.980   5.509   1.00 65.23  ? 106 GLN B NE2 1 
ATOM   875  N N   . SER A 1 109 ? -9.580  3.249   2.749   1.00 28.40  ? 107 SER B N   1 
ATOM   876  C CA  . SER A 1 109 ? -9.381  3.876   1.443   1.00 28.80  ? 107 SER B CA  1 
ATOM   877  C C   . SER A 1 109 ? -10.278 3.122   0.446   1.00 31.97  ? 107 SER B C   1 
ATOM   878  O O   . SER A 1 109 ? -10.537 1.961   0.657   1.00 33.67  ? 107 SER B O   1 
ATOM   879  C CB  . SER A 1 109 ? -7.930  3.803   0.939   1.00 29.02  ? 107 SER B CB  1 
ATOM   880  O OG  . SER A 1 109 ? -7.058  4.626   1.718   1.00 28.66  ? 107 SER B OG  1 
ATOM   881  N N   . LEU A 1 110 ? -10.749 3.822   -0.572  1.00 29.86  ? 108 LEU B N   1 
ATOM   882  C CA  . LEU A 1 110 ? -11.480 3.138   -1.688  1.00 28.42  ? 108 LEU B CA  1 
ATOM   883  C C   . LEU A 1 110 ? -10.611 3.254   -2.925  1.00 29.82  ? 108 LEU B C   1 
ATOM   884  O O   . LEU A 1 110 ? -10.287 4.354   -3.393  1.00 34.93  ? 108 LEU B O   1 
ATOM   885  C CB  . LEU A 1 110 ? -12.887 3.748   -1.865  1.00 36.28  ? 108 LEU B CB  1 
ATOM   886  C CG  . LEU A 1 110 ? -13.685 3.123   -3.032  1.00 36.89  ? 108 LEU B CG  1 
ATOM   887  C CD1 . LEU A 1 110 ? -14.301 1.811   -2.578  1.00 38.08  ? 108 LEU B CD1 1 
ATOM   888  C CD2 . LEU A 1 110 ? -14.762 4.135   -3.473  1.00 43.83  ? 108 LEU B CD2 1 
ATOM   889  N N   . ILE A 1 111 ? -10.138 2.100   -3.409  1.00 30.01  ? 109 ILE B N   1 
ATOM   890  C CA  . ILE A 1 111 ? -9.269  2.008   -4.527  1.00 30.21  ? 109 ILE B CA  1 
ATOM   891  C C   . ILE A 1 111 ? -10.135 1.630   -5.738  1.00 34.97  ? 109 ILE B C   1 
ATOM   892  O O   . ILE A 1 111 ? -10.724 0.544   -5.792  1.00 33.19  ? 109 ILE B O   1 
ATOM   893  C CB  . ILE A 1 111 ? -8.188  0.909   -4.314  1.00 27.95  ? 109 ILE B CB  1 
ATOM   894  C CG1 . ILE A 1 111 ? -7.648  1.042   -2.864  1.00 31.19  ? 109 ILE B CG1 1 
ATOM   895  C CG2 . ILE A 1 111 ? -7.169  0.938   -5.450  1.00 27.05  ? 109 ILE B CG2 1 
ATOM   896  C CD1 . ILE A 1 111 ? -6.552  0.086   -2.526  1.00 28.23  ? 109 ILE B CD1 1 
ATOM   897  N N   . GLU A 1 112 ? -10.172 2.527   -6.700  1.00 37.97  ? 110 GLU B N   1 
ATOM   898  C CA  . GLU A 1 112 ? -10.986 2.294   -7.902  1.00 44.56  ? 110 GLU B CA  1 
ATOM   899  C C   . GLU A 1 112 ? -10.095 1.640   -8.929  1.00 48.97  ? 110 GLU B C   1 
ATOM   900  O O   . GLU A 1 112 ? -8.968  2.093   -9.147  1.00 54.78  ? 110 GLU B O   1 
ATOM   901  C CB  . GLU A 1 112 ? -11.480 3.629   -8.473  1.00 53.93  ? 110 GLU B CB  1 
ATOM   902  C CG  . GLU A 1 112 ? -12.421 4.387   -7.559  1.00 55.66  ? 110 GLU B CG  1 
ATOM   903  C CD  . GLU A 1 112 ? -13.826 3.853   -7.632  1.00 72.48  ? 110 GLU B CD  1 
ATOM   904  O OE1 . GLU A 1 112 ? -14.228 3.363   -8.715  1.00 78.78  ? 110 GLU B OE1 1 
ATOM   905  O OE2 . GLU A 1 112 ? -14.532 3.921   -6.607  1.00 69.40  ? 110 GLU B OE2 1 
ATOM   906  N N   . ALA A 1 113 ? -10.583 0.583   -9.578  1.00 47.48  ? 111 ALA B N   1 
ATOM   907  C CA  . ALA A 1 113 ? -9.954  0.165   -10.828 1.00 58.35  ? 111 ALA B CA  1 
ATOM   908  C C   . ALA A 1 113 ? -10.304 1.212   -11.921 1.00 60.11  ? 111 ALA B C   1 
ATOM   909  O O   . ALA A 1 113 ? -11.467 1.638   -12.037 1.00 51.46  ? 111 ALA B O   1 
ATOM   910  C CB  . ALA A 1 113 ? -10.444 -1.218  -11.210 1.00 64.03  ? 111 ALA B CB  1 
ATOM   911  N N   . ALA A 1 114 ? -9.315  1.642   -12.706 1.00 60.64  ? 112 ALA B N   1 
ATOM   912  C CA  . ALA A 1 114 ? -9.535  2.675   -13.725 1.00 50.83  ? 112 ALA B CA  1 
ATOM   913  C C   . ALA A 1 114 ? -10.368 2.124   -14.890 1.00 58.94  ? 112 ALA B C   1 
ATOM   914  O O   . ALA A 1 114 ? -10.352 0.907   -15.158 1.00 51.05  ? 112 ALA B O   1 
ATOM   915  C CB  . ALA A 1 114 ? -8.210  3.217   -14.239 1.00 57.95  ? 112 ALA B CB  1 
ATOM   916  N N   . GLN A 1 118 ? -8.834  -2.042  -19.468 1.00 31.01  ? 116 GLN B N   1 
ATOM   917  C CA  . GLN A 1 118 ? -9.382  -3.362  -19.345 1.00 37.53  ? 116 GLN B CA  1 
ATOM   918  C C   . GLN A 1 118 ? -8.302  -4.314  -18.850 1.00 35.16  ? 116 GLN B C   1 
ATOM   919  O O   . GLN A 1 118 ? -7.205  -4.418  -19.397 1.00 40.84  ? 116 GLN B O   1 
ATOM   920  C CB  . GLN A 1 118 ? -9.989  -3.833  -20.657 1.00 51.30  ? 116 GLN B CB  1 
ATOM   921  C CG  . GLN A 1 118 ? -11.353 -3.223  -20.882 1.00 74.53  ? 116 GLN B CG  1 
ATOM   922  C CD  . GLN A 1 118 ? -11.632 -2.987  -22.333 1.00 89.66  ? 116 GLN B CD  1 
ATOM   923  O OE1 . GLN A 1 118 ? -10.868 -2.300  -23.011 1.00 108.08 ? 116 GLN B OE1 1 
ATOM   924  N NE2 . GLN A 1 118 ? -12.728 -3.555  -22.830 1.00 87.85  ? 116 GLN B NE2 1 
ATOM   925  N N   . MET A 1 119 ? -8.652  -5.040  -17.821 1.00 38.05  ? 117 MET B N   1 
ATOM   926  C CA  . MET A 1 119 ? -7.700  -5.848  -17.164 1.00 35.29  ? 117 MET B CA  1 
ATOM   927  C C   . MET A 1 119 ? -7.323  -7.049  -18.071 1.00 36.73  ? 117 MET B C   1 
ATOM   928  O O   . MET A 1 119 ? -8.182  -7.674  -18.675 1.00 32.00  ? 117 MET B O   1 
ATOM   929  C CB  . MET A 1 119 ? -8.351  -6.342  -15.877 1.00 39.94  ? 117 MET B CB  1 
ATOM   930  C CG  . MET A 1 119 ? -7.357  -6.677  -14.845 1.00 55.14  ? 117 MET B CG  1 
ATOM   931  S SD  . MET A 1 119 ? -6.811  -5.193  -14.015 1.00 58.88  ? 117 MET B SD  1 
ATOM   932  C CE  . MET A 1 119 ? -6.732  -3.893  -15.261 1.00 56.89  ? 117 MET B CE  1 
ATOM   933  N N   . MET A 1 120 ? -6.038  -7.376  -18.167 1.00 26.26  ? 118 MET B N   1 
ATOM   934  C CA  . MET A 1 120 ? -5.647  -8.719  -18.795 1.00 24.07  ? 118 MET B CA  1 
ATOM   935  C C   . MET A 1 120 ? -6.116  -9.841  -17.835 1.00 23.08  ? 118 MET B C   1 
ATOM   936  O O   . MET A 1 120 ? -6.426  -9.608  -16.625 1.00 24.52  ? 118 MET B O   1 
ATOM   937  C CB  . MET A 1 120 ? -4.109  -8.772  -18.927 1.00 25.39  ? 118 MET B CB  1 
ATOM   938  C CG  . MET A 1 120 ? -3.535  -8.042  -20.144 1.00 25.79  ? 118 MET B CG  1 
ATOM   939  S SD  . MET A 1 120 ? -1.738  -7.917  -20.124 1.00 25.28  ? 118 MET B SD  1 
ATOM   940  C CE  . MET A 1 120 ? -1.483  -6.540  -18.983 1.00 24.44  ? 118 MET B CE  1 
ATOM   941  N N   . PRO A 1 121 ? -6.206  -11.104 -18.358 1.00 22.80  ? 119 PRO B N   1 
ATOM   942  C CA  . PRO A 1 121 ? -6.546  -12.269 -17.512 1.00 22.07  ? 119 PRO B CA  1 
ATOM   943  C C   . PRO A 1 121 ? -5.547  -12.468 -16.357 1.00 18.59  ? 119 PRO B C   1 
ATOM   944  O O   . PRO A 1 121 ? -4.339  -12.246 -16.525 1.00 19.88  ? 119 PRO B O   1 
ATOM   945  C CB  . PRO A 1 121 ? -6.400  -13.501 -18.454 1.00 25.91  ? 119 PRO B CB  1 
ATOM   946  C CG  . PRO A 1 121 ? -6.039  -12.987 -19.808 1.00 27.83  ? 119 PRO B CG  1 
ATOM   947  C CD  . PRO A 1 121 ? -5.859  -11.450 -19.771 1.00 22.59  ? 119 PRO B CD  1 
ATOM   948  N N   . ALA A 1 122 ? -6.071  -13.004 -15.254 1.00 22.05  ? 120 ALA B N   1 
ATOM   949  C CA  . ALA A 1 122 ? -5.276  -13.378 -14.085 1.00 20.54  ? 120 ALA B CA  1 
ATOM   950  C C   . ALA A 1 122 ? -4.139  -14.268 -14.495 1.00 19.22  ? 120 ALA B C   1 
ATOM   951  O O   . ALA A 1 122 ? -3.030  -14.093 -13.974 1.00 18.57  ? 120 ALA B O   1 
ATOM   952  C CB  . ALA A 1 122 ? -6.121  -14.069 -13.117 1.00 21.91  ? 120 ALA B CB  1 
ATOM   953  N N   . SER A 1 123 ? -4.399  -15.218 -15.418 1.00 19.96  ? 121 SER B N   1 
ATOM   954  C CA  . SER A 1 123 ? -3.290  -16.146 -15.826 1.00 20.43  ? 121 SER B CA  1 
ATOM   955  C C   . SER A 1 123 ? -2.078  -15.455 -16.457 1.00 17.18  ? 121 SER B C   1 
ATOM   956  O O   . SER A 1 123 ? -0.925  -15.945 -16.328 1.00 19.78  ? 121 SER B O   1 
ATOM   957  C CB  . SER A 1 123 ? -3.852  -17.259 -16.755 1.00 21.86  ? 121 SER B CB  1 
ATOM   958  O OG  . SER A 1 123 ? -4.227  -16.685 -18.002 1.00 23.45  ? 121 SER B OG  1 
ATOM   959  N N   . VAL A 1 124 ? -2.320  -14.275 -17.113 1.00 15.61  ? 122 VAL B N   1 
ATOM   960  C CA  . VAL A 1 124 ? -1.276  -13.530 -17.757 1.00 14.71  ? 122 VAL B CA  1 
ATOM   961  C C   . VAL A 1 124 ? -0.567  -12.682 -16.676 1.00 17.62  ? 122 VAL B C   1 
ATOM   962  O O   . VAL A 1 124 ? 0.616   -12.520 -16.742 1.00 16.32  ? 122 VAL B O   1 
ATOM   963  C CB  . VAL A 1 124 ? -1.879  -12.619 -18.892 1.00 17.34  ? 122 VAL B CB  1 
ATOM   964  C CG1 . VAL A 1 124 ? -0.861  -11.694 -19.391 1.00 18.77  ? 122 VAL B CG1 1 
ATOM   965  C CG2 . VAL A 1 124 ? -2.313  -13.525 -20.108 1.00 20.06  ? 122 VAL B CG2 1 
ATOM   966  N N   . LEU A 1 125 ? -1.372  -12.068 -15.790 1.00 16.12  ? 123 LEU B N   1 
ATOM   967  C CA  . LEU A 1 125 ? -0.807  -11.141 -14.812 1.00 16.37  ? 123 LEU B CA  1 
ATOM   968  C C   . LEU A 1 125 ? -0.038  -11.837 -13.701 1.00 18.02  ? 123 LEU B C   1 
ATOM   969  O O   . LEU A 1 125 ? 0.929   -11.262 -13.147 1.00 18.12  ? 123 LEU B O   1 
ATOM   970  C CB  . LEU A 1 125 ? -1.958  -10.383 -14.117 1.00 17.78  ? 123 LEU B CB  1 
ATOM   971  C CG  . LEU A 1 125 ? -2.774  -9.469  -15.030 1.00 19.78  ? 123 LEU B CG  1 
ATOM   972  C CD1 . LEU A 1 125 ? -3.962  -8.958  -14.193 1.00 18.96  ? 123 LEU B CD1 1 
ATOM   973  C CD2 . LEU A 1 125 ? -1.847  -8.342  -15.529 1.00 19.91  ? 123 LEU B CD2 1 
ATOM   974  N N   . THR A 1 126 ? -0.405  -13.086 -13.405 1.00 17.24  ? 124 THR B N   1 
ATOM   975  C CA  . THR A 1 126 ? 0.132   -13.676 -12.150 1.00 18.49  ? 124 THR B CA  1 
ATOM   976  C C   . THR A 1 126 ? 1.655   -13.777 -12.137 1.00 19.36  ? 124 THR B C   1 
ATOM   977  O O   . THR A 1 126 ? 2.314   -14.275 -13.121 1.00 19.12  ? 124 THR B O   1 
ATOM   978  C CB  . THR A 1 126 ? -0.638  -15.026 -11.760 1.00 15.80  ? 124 THR B CB  1 
ATOM   979  O OG1 . THR A 1 126 ? -0.235  -15.371 -10.421 1.00 18.90  ? 124 THR B OG1 1 
ATOM   980  C CG2 . THR A 1 126 ? -0.229  -16.130 -12.737 1.00 16.65  ? 124 THR B CG2 1 
ATOM   981  N N   . GLY A 1 127 ? 2.278   -13.298 -11.045 1.00 16.52  ? 125 GLY B N   1 
ATOM   982  C CA  . GLY A 1 127 ? 3.757   -13.301 -10.978 1.00 16.55  ? 125 GLY B CA  1 
ATOM   983  C C   . GLY A 1 127 ? 4.454   -12.200 -11.774 1.00 17.24  ? 125 GLY B C   1 
ATOM   984  O O   . GLY A 1 127 ? 5.664   -12.026 -11.659 1.00 19.25  ? 125 GLY B O   1 
ATOM   985  N N   . ASN A 1 128 ? 3.688   -11.448 -12.570 1.00 17.08  ? 126 ASN B N   1 
ATOM   986  C CA  . ASN A 1 128 ? 4.271   -10.434 -13.431 1.00 16.62  ? 126 ASN B CA  1 
ATOM   987  C C   . ASN A 1 128 ? 3.837   -9.041  -13.014 1.00 18.12  ? 126 ASN B C   1 
ATOM   988  O O   . ASN A 1 128 ? 4.206   -8.083  -13.704 1.00 18.66  ? 126 ASN B O   1 
ATOM   989  C CB  . ASN A 1 128 ? 3.723   -10.663 -14.886 1.00 16.20  ? 126 ASN B CB  1 
ATOM   990  C CG  . ASN A 1 128 ? 4.307   -11.903 -15.527 1.00 18.19  ? 126 ASN B CG  1 
ATOM   991  O OD1 . ASN A 1 128 ? 3.623   -12.693 -16.222 1.00 20.69  ? 126 ASN B OD1 1 
ATOM   992  N ND2 . ASN A 1 128 ? 5.583   -12.032 -15.378 1.00 15.19  ? 126 ASN B ND2 1 
ATOM   993  N N   . VAL A 1 129 ? 3.064   -8.978  -11.938 1.00 18.04  ? 127 VAL B N   1 
ATOM   994  C CA  . VAL A 1 129 ? 2.666   -7.634  -11.430 1.00 16.95  ? 127 VAL B CA  1 
ATOM   995  C C   . VAL A 1 129 ? 3.436   -7.285  -10.151 1.00 19.43  ? 127 VAL B C   1 
ATOM   996  O O   . VAL A 1 129 ? 3.603   -8.118  -9.260  1.00 19.92  ? 127 VAL B O   1 
ATOM   997  C CB  . VAL A 1 129 ? 1.181   -7.628  -11.115 1.00 18.86  ? 127 VAL B CB  1 
ATOM   998  C CG1 . VAL A 1 129 ? 0.725   -6.369  -10.356 1.00 23.93  ? 127 VAL B CG1 1 
ATOM   999  C CG2 . VAL A 1 129 ? 0.299   -7.793  -12.400 1.00 20.11  ? 127 VAL B CG2 1 
ATOM   1000 N N   . ILE A 1 130 ? 3.927   -6.078  -10.108 1.00 17.44  ? 128 ILE B N   1 
ATOM   1001 C CA  . ILE A 1 130 ? 4.518   -5.541  -8.800  1.00 15.55  ? 128 ILE B CA  1 
ATOM   1002 C C   . ILE A 1 130 ? 3.725   -4.336  -8.431  1.00 18.96  ? 128 ILE B C   1 
ATOM   1003 O O   . ILE A 1 130 ? 3.428   -3.511  -9.308  1.00 19.60  ? 128 ILE B O   1 
ATOM   1004 C CB  . ILE A 1 130 ? 5.945   -5.131  -9.121  1.00 17.78  ? 128 ILE B CB  1 
ATOM   1005 C CG1 . ILE A 1 130 ? 6.883   -6.340  -9.279  1.00 23.16  ? 128 ILE B CG1 1 
ATOM   1006 C CG2 . ILE A 1 130 ? 6.610   -4.148  -8.022  1.00 21.93  ? 128 ILE B CG2 1 
ATOM   1007 C CD1 . ILE A 1 130 ? 7.337   -6.931  -7.926  1.00 28.97  ? 128 ILE B CD1 1 
ATOM   1008 N N   . ILE A 1 131 ? 3.346   -4.204  -7.158  1.00 18.59  ? 129 ILE B N   1 
ATOM   1009 C CA  . ILE A 1 131 ? 2.741   -2.922  -6.699  1.00 18.94  ? 129 ILE B CA  1 
ATOM   1010 C C   . ILE A 1 131 ? 3.793   -2.234  -5.880  1.00 21.13  ? 129 ILE B C   1 
ATOM   1011 O O   . ILE A 1 131 ? 4.291   -2.832  -4.906  1.00 19.91  ? 129 ILE B O   1 
ATOM   1012 C CB  . ILE A 1 131 ? 1.507   -3.158  -5.934  1.00 18.45  ? 129 ILE B CB  1 
ATOM   1013 C CG1 . ILE A 1 131 ? 0.508   -3.797  -6.932  1.00 23.10  ? 129 ILE B CG1 1 
ATOM   1014 C CG2 . ILE A 1 131 ? 0.907   -1.725  -5.436  1.00 19.22  ? 129 ILE B CG2 1 
ATOM   1015 C CD1 . ILE A 1 131 ? -0.842  -4.067  -6.365  1.00 27.22  ? 129 ILE B CD1 1 
ATOM   1016 N N   . GLU A 1 132 ? 4.147   -1.002  -6.277  1.00 18.28  ? 130 GLU B N   1 
ATOM   1017 C CA  . GLU A 1 132 ? 5.217   -0.269  -5.637  1.00 20.47  ? 130 GLU B CA  1 
ATOM   1018 C C   . GLU A 1 132 ? 4.534   0.820   -4.834  1.00 22.55  ? 130 GLU B C   1 
ATOM   1019 O O   . GLU A 1 132 ? 3.646   1.567   -5.352  1.00 21.69  ? 130 GLU B O   1 
ATOM   1020 C CB  . GLU A 1 132 ? 6.159   0.319   -6.708  1.00 24.63  ? 130 GLU B CB  1 
ATOM   1021 C CG  . GLU A 1 132 ? 7.223   1.152   -6.051  1.00 28.09  ? 130 GLU B CG  1 
ATOM   1022 C CD  . GLU A 1 132 ? 7.828   2.190   -7.020  1.00 47.48  ? 130 GLU B CD  1 
ATOM   1023 O OE1 . GLU A 1 132 ? 7.134   3.156   -7.549  1.00 42.27  ? 130 GLU B OE1 1 
ATOM   1024 O OE2 . GLU A 1 132 ? 9.023   1.992   -7.256  1.00 39.46  ? 130 GLU B OE2 1 
ATOM   1025 N N   . THR A 1 133 ? 4.862   0.916   -3.545  1.00 17.07  ? 131 THR B N   1 
ATOM   1026 C CA  . THR A 1 133 ? 4.107   1.885   -2.714  1.00 19.14  ? 131 THR B CA  1 
ATOM   1027 C C   . THR A 1 133 ? 5.197   2.828   -2.154  1.00 22.56  ? 131 THR B C   1 
ATOM   1028 O O   . THR A 1 133 ? 6.249   2.362   -1.637  1.00 20.58  ? 131 THR B O   1 
ATOM   1029 C CB  . THR A 1 133 ? 3.385   1.151   -1.591  1.00 21.51  ? 131 THR B CB  1 
ATOM   1030 O OG1 . THR A 1 133 ? 2.265   0.378   -2.025  1.00 20.01  ? 131 THR B OG1 1 
ATOM   1031 C CG2 . THR A 1 133 ? 2.880   2.075   -0.514  1.00 24.72  ? 131 THR B CG2 1 
ATOM   1032 N N   . LYS A 1 134 ? 5.014   4.160   -2.289  1.00 17.42  ? 132 LYS B N   1 
ATOM   1033 C CA  . LYS A 1 134 ? 5.970   5.142   -1.718  1.00 18.87  ? 132 LYS B CA  1 
ATOM   1034 C C   . LYS A 1 134 ? 5.149   5.813   -0.563  1.00 18.90  ? 132 LYS B C   1 
ATOM   1035 O O   . LYS A 1 134 ? 4.020   6.314   -0.775  1.00 21.58  ? 132 LYS B O   1 
ATOM   1036 C CB  . LYS A 1 134 ? 6.383   6.153   -2.764  1.00 22.28  ? 132 LYS B CB  1 
ATOM   1037 C CG  . LYS A 1 134 ? 7.440   5.605   -3.668  1.00 24.55  ? 132 LYS B CG  1 
ATOM   1038 C CD  . LYS A 1 134 ? 7.754   6.625   -4.791  1.00 24.44  ? 132 LYS B CD  1 
ATOM   1039 C CE  . LYS A 1 134 ? 8.908   6.186   -5.707  1.00 33.84  ? 132 LYS B CE  1 
ATOM   1040 N NZ  . LYS A 1 134 ? 10.128  5.680   -4.991  1.00 49.31  ? 132 LYS B NZ  1 
ATOM   1041 N N   . PHE A 1 135 ? 5.756   5.838   0.642   1.00 19.45  ? 133 PHE B N   1 
ATOM   1042 C CA  A PHE A 1 135 ? 5.078   6.460   1.791   0.50 18.96  ? 133 PHE B CA  1 
ATOM   1043 C CA  B PHE A 1 135 ? 5.213   6.362   1.902   0.50 21.81  ? 133 PHE B CA  1 
ATOM   1044 C C   . PHE A 1 135 ? 5.812   7.786   1.981   1.00 20.73  ? 133 PHE B C   1 
ATOM   1045 O O   . PHE A 1 135 ? 7.030   7.909   1.971   1.00 19.71  ? 133 PHE B O   1 
ATOM   1046 C CB  A PHE A 1 135 ? 5.250   5.605   3.070   0.50 21.83  ? 133 PHE B CB  1 
ATOM   1047 C CB  B PHE A 1 135 ? 5.868   5.371   2.936   0.50 20.71  ? 133 PHE B CB  1 
ATOM   1048 C CG  A PHE A 1 135 ? 4.238   4.513   3.259   0.50 23.49  ? 133 PHE B CG  1 
ATOM   1049 C CG  B PHE A 1 135 ? 5.752   5.738   4.381   0.50 26.18  ? 133 PHE B CG  1 
ATOM   1050 C CD1 A PHE A 1 135 ? 2.927   4.802   3.549   0.50 26.14  ? 133 PHE B CD1 1 
ATOM   1051 C CD1 B PHE A 1 135 ? 6.031   4.757   5.340   0.50 32.10  ? 133 PHE B CD1 1 
ATOM   1052 C CD2 A PHE A 1 135 ? 4.628   3.205   3.274   0.50 30.47  ? 133 PHE B CD2 1 
ATOM   1053 C CD2 B PHE A 1 135 ? 5.445   7.021   4.816   0.50 27.83  ? 133 PHE B CD2 1 
ATOM   1054 C CE1 A PHE A 1 135 ? 2.020   3.781   3.807   0.50 33.59  ? 133 PHE B CE1 1 
ATOM   1055 C CE1 B PHE A 1 135 ? 5.964   5.027   6.696   0.50 26.78  ? 133 PHE B CE1 1 
ATOM   1056 C CE2 A PHE A 1 135 ? 3.720   2.191   3.511   0.50 30.62  ? 133 PHE B CE2 1 
ATOM   1057 C CE2 B PHE A 1 135 ? 5.397   7.306   6.195   0.50 28.89  ? 133 PHE B CE2 1 
ATOM   1058 C CZ  A PHE A 1 135 ? 2.435   2.480   3.787   0.50 29.86  ? 133 PHE B CZ  1 
ATOM   1059 C CZ  B PHE A 1 135 ? 5.638   6.293   7.122   0.50 23.66  ? 133 PHE B CZ  1 
ATOM   1060 N N   . PHE A 1 136 ? 5.008   8.869   2.122   1.00 21.41  ? 134 PHE B N   1 
ATOM   1061 C CA  . PHE A 1 136 ? 5.583   10.217  2.293   1.00 21.80  ? 134 PHE B CA  1 
ATOM   1062 C C   . PHE A 1 136 ? 5.005   10.868  3.541   1.00 16.77  ? 134 PHE B C   1 
ATOM   1063 O O   . PHE A 1 136 ? 3.905   10.546  3.995   1.00 20.36  ? 134 PHE B O   1 
ATOM   1064 C CB  . PHE A 1 136 ? 5.107   11.148  1.130   1.00 22.43  ? 134 PHE B CB  1 
ATOM   1065 C CG  . PHE A 1 136 ? 5.744   10.854  -0.204  1.00 22.29  ? 134 PHE B CG  1 
ATOM   1066 C CD1 . PHE A 1 136 ? 6.894   11.523  -0.596  1.00 23.99  ? 134 PHE B CD1 1 
ATOM   1067 C CD2 . PHE A 1 136 ? 5.134   9.958   -1.094  1.00 24.95  ? 134 PHE B CD2 1 
ATOM   1068 C CE1 . PHE A 1 136 ? 7.499   11.284  -1.880  1.00 24.15  ? 134 PHE B CE1 1 
ATOM   1069 C CE2 . PHE A 1 136 ? 5.700   9.771   -2.354  1.00 21.80  ? 134 PHE B CE2 1 
ATOM   1070 C CZ  . PHE A 1 136 ? 6.865   10.393  -2.734  1.00 24.08  ? 134 PHE B CZ  1 
ATOM   1071 N N   . ASP A 1 137 ? 5.796   11.817  4.077   1.00 23.07  ? 135 ASP B N   1 
ATOM   1072 C CA  . ASP A 1 137 ? 5.164   12.861  4.949   1.00 24.17  ? 135 ASP B CA  1 
ATOM   1073 C C   . ASP A 1 137 ? 5.268   14.179  4.193   1.00 20.65  ? 135 ASP B C   1 
ATOM   1074 O O   . ASP A 1 137 ? 6.372   14.739  4.031   1.00 22.48  ? 135 ASP B O   1 
ATOM   1075 C CB  . ASP A 1 137 ? 5.918   12.924  6.304   1.00 24.99  ? 135 ASP B CB  1 
ATOM   1076 C CG  . ASP A 1 137 ? 5.332   14.029  7.224   1.00 31.92  ? 135 ASP B CG  1 
ATOM   1077 O OD1 . ASP A 1 137 ? 4.307   14.616  6.837   1.00 29.81  ? 135 ASP B OD1 1 
ATOM   1078 O OD2 . ASP A 1 137 ? 5.922   14.307  8.284   1.00 34.91  ? 135 ASP B OD2 1 
ATOM   1079 N N   . ASP A 1 138 ? 4.131   14.608  3.614   1.00 25.05  ? 136 ASP B N   1 
ATOM   1080 C CA  . ASP A 1 138 ? 4.145   15.776  2.684   1.00 31.07  ? 136 ASP B CA  1 
ATOM   1081 C C   . ASP A 1 138 ? 5.033   15.464  1.499   1.00 26.71  ? 136 ASP B C   1 
ATOM   1082 O O   . ASP A 1 138 ? 4.727   14.491  0.774   1.00 29.95  ? 136 ASP B O   1 
ATOM   1083 C CB  . ASP A 1 138 ? 4.638   17.028  3.458   1.00 34.23  ? 136 ASP B CB  1 
ATOM   1084 C CG  . ASP A 1 138 ? 4.149   18.331  2.844   1.00 53.49  ? 136 ASP B CG  1 
ATOM   1085 O OD1 . ASP A 1 138 ? 3.476   18.298  1.774   1.00 44.66  ? 136 ASP B OD1 1 
ATOM   1086 O OD2 . ASP A 1 138 ? 4.423   19.390  3.467   1.00 61.89  ? 136 ASP B OD2 1 
ATOM   1087 N N   . ASP A 1 139 ? 6.163   16.153  1.297   1.00 30.59  ? 137 ASP B N   1 
ATOM   1088 C CA  . ASP A 1 139 ? 7.009   15.852  0.142   1.00 31.96  ? 137 ASP B CA  1 
ATOM   1089 C C   . ASP A 1 139 ? 8.232   15.035  0.521   1.00 28.98  ? 137 ASP B C   1 
ATOM   1090 O O   . ASP A 1 139 ? 9.106   14.859  -0.305  1.00 31.26  ? 137 ASP B O   1 
ATOM   1091 C CB  . ASP A 1 139 ? 7.550   17.117  -0.569  1.00 48.06  ? 137 ASP B CB  1 
ATOM   1092 C CG  . ASP A 1 139 ? 6.478   18.134  -0.866  1.00 69.25  ? 137 ASP B CG  1 
ATOM   1093 O OD1 . ASP A 1 139 ? 5.877   18.669  0.099   1.00 99.00  ? 137 ASP B OD1 1 
ATOM   1094 O OD2 . ASP A 1 139 ? 6.255   18.419  -2.061  1.00 68.05  ? 137 ASP B OD2 1 
ATOM   1095 N N   . LEU A 1 140 ? 8.311   14.572  1.757   1.00 27.38  ? 138 LEU B N   1 
ATOM   1096 C CA  . LEU A 1 140 ? 9.533   13.875  2.195   1.00 22.97  ? 138 LEU B CA  1 
ATOM   1097 C C   . LEU A 1 140 ? 9.300   12.379  2.000   1.00 21.49  ? 138 LEU B C   1 
ATOM   1098 O O   . LEU A 1 140 ? 8.348   11.858  2.581   1.00 20.78  ? 138 LEU B O   1 
ATOM   1099 C CB  . LEU A 1 140 ? 9.693   14.131  3.687   1.00 25.15  ? 138 LEU B CB  1 
ATOM   1100 C CG  . LEU A 1 140 ? 10.927  13.475  4.303   1.00 23.89  ? 138 LEU B CG  1 
ATOM   1101 C CD1 . LEU A 1 140 ? 12.184  13.957  3.590   1.00 27.55  ? 138 LEU B CD1 1 
ATOM   1102 C CD2 . LEU A 1 140 ? 10.912  13.666  5.839   1.00 25.48  ? 138 LEU B CD2 1 
ATOM   1103 N N   . LEU A 1 141 ? 10.108  11.721  1.160   1.00 21.51  ? 139 LEU B N   1 
ATOM   1104 C CA  . LEU A 1 141 ? 9.922   10.258  0.895   1.00 22.92  ? 139 LEU B CA  1 
ATOM   1105 C C   . LEU A 1 141 ? 10.487  9.497   2.097   1.00 21.32  ? 139 LEU B C   1 
ATOM   1106 O O   . LEU A 1 141 ? 11.688  9.639   2.384   1.00 26.67  ? 139 LEU B O   1 
ATOM   1107 C CB  . LEU A 1 141 ? 10.691  9.947   -0.384  1.00 22.06  ? 139 LEU B CB  1 
ATOM   1108 C CG  . LEU A 1 141 ? 10.657  8.452   -0.807  1.00 25.86  ? 139 LEU B CG  1 
ATOM   1109 C CD1 . LEU A 1 141 ? 9.211   7.981   -0.963  1.00 26.25  ? 139 LEU B CD1 1 
ATOM   1110 C CD2 . LEU A 1 141 ? 11.481  8.306   -2.103  1.00 27.42  ? 139 LEU B CD2 1 
ATOM   1111 N N   . VAL A 1 142 ? 9.657   8.713   2.755   1.00 20.70  ? 140 VAL B N   1 
ATOM   1112 C CA  . VAL A 1 142 ? 10.013  7.935   3.947   1.00 23.01  ? 140 VAL B CA  1 
ATOM   1113 C C   . VAL A 1 142 ? 10.417  6.527   3.571   1.00 29.08  ? 140 VAL B C   1 
ATOM   1114 O O   . VAL A 1 142 ? 11.472  6.009   4.046   1.00 27.18  ? 140 VAL B O   1 
ATOM   1115 C CB  . VAL A 1 142 ? 8.845   7.879   4.898   1.00 25.12  ? 140 VAL B CB  1 
ATOM   1116 C CG1 . VAL A 1 142 ? 9.179   6.987   6.157   1.00 23.19  ? 140 VAL B CG1 1 
ATOM   1117 C CG2 . VAL A 1 142 ? 8.525   9.352   5.353   1.00 25.14  ? 140 VAL B CG2 1 
ATOM   1118 N N   . SER A 1 143 ? 9.623   5.883   2.717   1.00 23.94  ? 141 SER B N   1 
ATOM   1119 C CA  . SER A 1 143 ? 10.140  4.564   2.216   1.00 21.52  ? 141 SER B CA  1 
ATOM   1120 C C   . SER A 1 143 ? 9.493   4.186   0.884   1.00 22.49  ? 141 SER B C   1 
ATOM   1121 O O   . SER A 1 143 ? 8.438   4.695   0.588   1.00 20.43  ? 141 SER B O   1 
ATOM   1122 C CB  . SER A 1 143 ? 9.759   3.496   3.219   1.00 23.84  ? 141 SER B CB  1 
ATOM   1123 O OG  . SER A 1 143 ? 8.357   3.422   3.419   1.00 32.03  ? 141 SER B OG  1 
ATOM   1124 N N   . THR A 1 144 ? 10.052  3.174   0.234   1.00 21.26  ? 142 THR B N   1 
ATOM   1125 C CA  . THR A 1 144 ? 9.542   2.640   -1.034  1.00 19.48  ? 142 THR B CA  1 
ATOM   1126 C C   . THR A 1 144 ? 9.555   1.129   -0.856  1.00 20.88  ? 142 THR B C   1 
ATOM   1127 O O   . THR A 1 144 ? 10.615  0.566   -0.378  1.00 20.93  ? 142 THR B O   1 
ATOM   1128 C CB  . THR A 1 144 ? 10.513  3.016   -2.165  1.00 23.94  ? 142 THR B CB  1 
ATOM   1129 O OG1 . THR A 1 144 ? 10.517  4.447   -2.275  1.00 24.47  ? 142 THR B OG1 1 
ATOM   1130 C CG2 . THR A 1 144 ? 10.074  2.455   -3.517  1.00 27.26  ? 142 THR B CG2 1 
ATOM   1131 N N   . SER A 1 145 ? 8.436   0.488   -1.145  1.00 18.97  ? 143 SER B N   1 
ATOM   1132 C CA  . SER A 1 145 ? 8.383   -0.960  -0.927  1.00 19.58  ? 143 SER B CA  1 
ATOM   1133 C C   . SER A 1 145 ? 7.648   -1.603  -2.064  1.00 22.86  ? 143 SER B C   1 
ATOM   1134 O O   . SER A 1 145 ? 6.952   -0.925  -2.821  1.00 17.73  ? 143 SER B O   1 
ATOM   1135 C CB  . SER A 1 145 ? 7.669   -1.293  0.377   1.00 21.80  ? 143 SER B CB  1 
ATOM   1136 O OG  . SER A 1 145 ? 6.413   -0.653  0.480   1.00 23.25  ? 143 SER B OG  1 
ATOM   1137 N N   . ARG A 1 146 ? 7.829   -2.901  -2.222  1.00 17.34  ? 144 ARG B N   1 
ATOM   1138 C CA  . ARG A 1 146 ? 7.275   -3.552  -3.456  1.00 18.38  ? 144 ARG B CA  1 
ATOM   1139 C C   . ARG A 1 146 ? 6.704   -4.888  -3.101  1.00 19.82  ? 144 ARG B C   1 
ATOM   1140 O O   . ARG A 1 146 ? 7.292   -5.588  -2.264  1.00 18.74  ? 144 ARG B O   1 
ATOM   1141 C CB  . ARG A 1 146 ? 8.419   -3.826  -4.450  1.00 20.10  ? 144 ARG B CB  1 
ATOM   1142 C CG  . ARG A 1 146 ? 8.816   -2.592  -5.152  1.00 26.89  ? 144 ARG B CG  1 
ATOM   1143 C CD  . ARG A 1 146 ? 10.133  -2.705  -5.955  1.00 31.88  ? 144 ARG B CD  1 
ATOM   1144 N NE  . ARG A 1 146 ? 10.456  -1.347  -6.484  1.00 44.65  ? 144 ARG B NE  1 
ATOM   1145 C CZ  . ARG A 1 146 ? 11.252  -0.454  -5.873  1.00 50.93  ? 144 ARG B CZ  1 
ATOM   1146 N NH1 . ARG A 1 146 ? 11.876  -0.744  -4.728  1.00 37.15  ? 144 ARG B NH1 1 
ATOM   1147 N NH2 . ARG A 1 146 ? 11.465  0.734   -6.428  1.00 55.22  ? 144 ARG B NH2 1 
ATOM   1148 N N   . VAL A 1 147 ? 5.562   -5.233  -3.676  1.00 16.27  ? 145 VAL B N   1 
ATOM   1149 C CA  . VAL A 1 147 ? 4.934   -6.518  -3.491  1.00 16.27  ? 145 VAL B CA  1 
ATOM   1150 C C   . VAL A 1 147 ? 4.655   -7.169  -4.858  1.00 19.20  ? 145 VAL B C   1 
ATOM   1151 O O   . VAL A 1 147 ? 4.170   -6.500  -5.782  1.00 19.99  ? 145 VAL B O   1 
ATOM   1152 C CB  . VAL A 1 147 ? 3.620   -6.392  -2.823  1.00 19.18  ? 145 VAL B CB  1 
ATOM   1153 C CG1 . VAL A 1 147 ? 3.124   -7.765  -2.445  1.00 21.79  ? 145 VAL B CG1 1 
ATOM   1154 C CG2 . VAL A 1 147 ? 3.759   -5.528  -1.476  1.00 18.00  ? 145 VAL B CG2 1 
ATOM   1155 N N   . ARG A 1 148 ? 5.139   -8.392  -4.992  1.00 15.82  ? 146 ARG B N   1 
ATOM   1156 C CA  . ARG A 1 148 ? 4.862   -9.122  -6.270  1.00 16.71  ? 146 ARG B CA  1 
ATOM   1157 C C   . ARG A 1 148 ? 3.586   -9.918  -6.039  1.00 16.66  ? 146 ARG B C   1 
ATOM   1158 O O   . ARG A 1 148 ? 3.382   -10.606 -5.000  1.00 18.07  ? 146 ARG B O   1 
ATOM   1159 C CB  . ARG A 1 148 ? 6.074   -10.068 -6.575  1.00 16.67  ? 146 ARG B CB  1 
ATOM   1160 C CG  . ARG A 1 148 ? 5.738   -10.952 -7.868  1.00 18.09  ? 146 ARG B CG  1 
ATOM   1161 C CD  . ARG A 1 148 ? 6.953   -11.795 -8.276  1.00 22.41  ? 146 ARG B CD  1 
ATOM   1162 N NE  . ARG A 1 148 ? 8.128   -10.933 -8.480  1.00 27.35  ? 146 ARG B NE  1 
ATOM   1163 C CZ  . ARG A 1 148 ? 8.431   -10.223 -9.592  1.00 29.98  ? 146 ARG B CZ  1 
ATOM   1164 N NH1 . ARG A 1 148 ? 7.640   -10.196 -10.691 1.00 29.51  ? 146 ARG B NH1 1 
ATOM   1165 N NH2 . ARG A 1 148 ? 9.548   -9.501  -9.603  1.00 32.42  ? 146 ARG B NH2 1 
ATOM   1166 N N   . LEU A 1 149 ? 2.663   -9.894  -7.030  1.00 16.16  ? 147 LEU B N   1 
ATOM   1167 C CA  . LEU A 1 149 ? 1.309   -10.428 -6.823  1.00 15.85  ? 147 LEU B CA  1 
ATOM   1168 C C   . LEU A 1 149 ? 1.152   -11.770 -7.606  1.00 19.38  ? 147 LEU B C   1 
ATOM   1169 O O   . LEU A 1 149 ? 1.597   -11.835 -8.728  1.00 21.13  ? 147 LEU B O   1 
ATOM   1170 C CB  . LEU A 1 149 ? 0.194   -9.515  -7.318  1.00 19.42  ? 147 LEU B CB  1 
ATOM   1171 C CG  . LEU A 1 149 ? -0.269  -8.522  -6.217  1.00 27.31  ? 147 LEU B CG  1 
ATOM   1172 C CD1 . LEU A 1 149 ? 0.926   -7.653  -5.958  1.00 29.02  ? 147 LEU B CD1 1 
ATOM   1173 C CD2 . LEU A 1 149 ? -1.326  -7.689  -6.766  1.00 37.67  ? 147 LEU B CD2 1 
ATOM   1174 N N   . PHE A 1 150 ? 0.572   -12.751 -6.936  1.00 19.82  ? 148 PHE B N   1 
ATOM   1175 C CA  . PHE A 1 150 ? 0.086   -14.015 -7.570  1.00 20.00  ? 148 PHE B CA  1 
ATOM   1176 C C   . PHE A 1 150 ? -1.410  -14.026 -7.407  1.00 19.80  ? 148 PHE B C   1 
ATOM   1177 O O   . PHE A 1 150 ? -1.934  -13.842 -6.309  1.00 24.27  ? 148 PHE B O   1 
ATOM   1178 C CB  . PHE A 1 150 ? 0.737   -15.270 -6.909  1.00 18.79  ? 148 PHE B CB  1 
ATOM   1179 C CG  . PHE A 1 150 ? 2.239   -15.190 -6.925  1.00 18.23  ? 148 PHE B CG  1 
ATOM   1180 C CD1 . PHE A 1 150 ? 2.969   -15.488 -8.081  1.00 17.45  ? 148 PHE B CD1 1 
ATOM   1181 C CD2 . PHE A 1 150 ? 2.930   -14.608 -5.864  1.00 21.45  ? 148 PHE B CD2 1 
ATOM   1182 C CE1 . PHE A 1 150 ? 4.314   -15.363 -8.133  1.00 19.02  ? 148 PHE B CE1 1 
ATOM   1183 C CE2 . PHE A 1 150 ? 4.335   -14.450 -5.904  1.00 24.75  ? 148 PHE B CE2 1 
ATOM   1184 C CZ  . PHE A 1 150 ? 5.030   -14.786 -7.068  1.00 26.44  ? 148 PHE B CZ  1 
ATOM   1185 N N   . TYR A 1 151 ? -2.105  -14.302 -8.496  1.00 18.42  ? 149 TYR B N   1 
ATOM   1186 C CA  . TYR A 1 151 ? -3.554  -14.312 -8.515  1.00 20.66  ? 149 TYR B CA  1 
ATOM   1187 C C   . TYR A 1 151 ? -3.985  -15.762 -8.540  1.00 24.30  ? 149 TYR B C   1 
ATOM   1188 O O   . TYR A 1 151 ? -3.619  -16.503 -9.462  1.00 25.05  ? 149 TYR B O   1 
ATOM   1189 C CB  . TYR A 1 151 ? -4.119  -13.562 -9.734  1.00 22.56  ? 149 TYR B CB  1 
ATOM   1190 C CG  . TYR A 1 151 ? -3.691  -12.117 -9.784  1.00 21.61  ? 149 TYR B CG  1 
ATOM   1191 C CD1 . TYR A 1 151 ? -4.426  -11.145 -9.044  1.00 25.19  ? 149 TYR B CD1 1 
ATOM   1192 C CD2 . TYR A 1 151 ? -2.593  -11.711 -10.508 1.00 20.89  ? 149 TYR B CD2 1 
ATOM   1193 C CE1 . TYR A 1 151 ? -4.068  -9.856  -9.080  1.00 24.09  ? 149 TYR B CE1 1 
ATOM   1194 C CE2 . TYR A 1 151 ? -2.152  -10.386 -10.507 1.00 21.41  ? 149 TYR B CE2 1 
ATOM   1195 C CZ  . TYR A 1 151 ? -2.915  -9.463  -9.797  1.00 20.65  ? 149 TYR B CZ  1 
ATOM   1196 O OH  . TYR A 1 151 ? -2.486  -8.190  -9.796  1.00 24.67  ? 149 TYR B OH  1 
ATOM   1197 N N   . VAL A 1 152 ? -4.691  -16.145 -7.496  1.00 25.71  ? 150 VAL B N   1 
ATOM   1198 C CA  . VAL A 1 152 ? -5.059  -17.564 -7.306  1.00 36.61  ? 150 VAL B CA  1 
ATOM   1199 C C   . VAL A 1 152 ? -6.570  -17.809 -7.365  1.00 42.18  ? 150 VAL B C   1 
ATOM   1200 O O   . VAL A 1 152 ? -7.391  -16.987 -6.906  1.00 39.71  ? 150 VAL B O   1 
ATOM   1201 C CB  . VAL A 1 152 ? -4.407  -18.143 -6.024  1.00 36.97  ? 150 VAL B CB  1 
ATOM   1202 C CG1 . VAL A 1 152 ? -2.920  -17.746 -5.965  1.00 34.92  ? 150 VAL B CG1 1 
ATOM   1203 C CG2 . VAL A 1 152 ? -5.122  -17.618 -4.750  1.00 44.96  ? 150 VAL B CG2 1 
HETATM 1204 C CBK . 1M0 B 2 .   ? -0.435  -6.017  -2.357  1.00 30.00  ? 201 1M0 B CBK 1 
HETATM 1205 C CBL . 1M0 B 2 .   ? -0.965  -7.226  -1.893  1.00 31.57  ? 201 1M0 B CBL 1 
HETATM 1206 C CBM . 1M0 B 2 .   ? -1.814  -7.362  -0.783  1.00 22.80  ? 201 1M0 B CBM 1 
HETATM 1207 C CBN . 1M0 B 2 .   ? -2.101  -6.141  -0.118  1.00 26.62  ? 201 1M0 B CBN 1 
HETATM 1208 C CBO . 1M0 B 2 .   ? -1.603  -4.931  -0.650  1.00 25.97  ? 201 1M0 B CBO 1 
HETATM 1209 C CBI . 1M0 B 2 .   ? -0.783  -4.821  -1.731  1.00 21.80  ? 201 1M0 B CBI 1 
HETATM 1210 C CBH . 1M0 B 2 .   ? -0.213  -3.560  -2.227  1.00 26.03  ? 201 1M0 B CBH 1 
HETATM 1211 N NBC . 1M0 B 2 .   ? -0.700  -2.457  -1.324  1.00 27.28  ? 201 1M0 B NBC 1 
HETATM 1212 C CBB . 1M0 B 2 .   ? -0.026  -2.047  -0.191  1.00 24.91  ? 201 1M0 B CBB 1 
HETATM 1213 C CBG . 1M0 B 2 .   ? 1.176   -2.393  0.343   1.00 25.21  ? 201 1M0 B CBG 1 
HETATM 1214 C CBF . 1M0 B 2 .   ? 1.663   -1.765  1.528   1.00 27.49  ? 201 1M0 B CBF 1 
HETATM 1215 C CBE . 1M0 B 2 .   ? 0.811   -0.790  2.105   1.00 31.00  ? 201 1M0 B CBE 1 
HETATM 1216 C CBD . 1M0 B 2 .   ? -0.427  -0.434  1.510   1.00 28.49  ? 201 1M0 B CBD 1 
HETATM 1217 C CBA . 1M0 B 2 .   ? -0.823  -1.070  0.384   1.00 29.06  ? 201 1M0 B CBA 1 
HETATM 1218 N NAZ . 1M0 B 2 .   ? -1.954  -0.897  -0.382  1.00 30.95  ? 201 1M0 B NAZ 1 
HETATM 1219 C CAY . 1M0 B 2 .   ? -1.895  -1.761  -1.404  1.00 33.91  ? 201 1M0 B CAY 1 
HETATM 1220 C CAV . 1M0 B 2 .   ? -2.793  -1.958  -2.412  1.00 28.82  ? 201 1M0 B CAV 1 
HETATM 1221 C CAU . 1M0 B 2 .   ? -3.919  -2.792  -2.413  1.00 42.86  ? 201 1M0 B CAU 1 
HETATM 1222 C CAT . 1M0 B 2 .   ? -4.685  -2.905  -3.636  1.00 49.61  ? 201 1M0 B CAT 1 
HETATM 1223 C CAW . 1M0 B 2 .   ? -2.516  -1.296  -3.591  1.00 30.88  ? 201 1M0 B CAW 1 
HETATM 1224 C CAX . 1M0 B 2 .   ? -3.252  -1.363  -4.755  1.00 35.78  ? 201 1M0 B CAX 1 
HETATM 1225 C CAS . 1M0 B 2 .   ? -4.341  -2.187  -4.806  1.00 45.91  ? 201 1M0 B CAS 1 
HETATM 1226 O OAR . 1M0 B 2 .   ? -4.857  -2.152  -6.108  1.00 55.28  ? 201 1M0 B OAR 1 
HETATM 1227 C CAQ . 1M0 B 2 .   ? -6.064  -2.459  -6.714  1.00 56.11  ? 201 1M0 B CAQ 1 
HETATM 1228 C CAJ . 1M0 B 2 .   ? -6.222  -3.868  -7.317  1.00 46.67  ? 201 1M0 B CAJ 1 
HETATM 1229 C CBJ . 1M0 B 2 .   ? -7.663  -3.919  -7.882  1.00 54.84  ? 201 1M0 B CBJ 1 
HETATM 1230 C CBP . 1M0 B 2 .   ? -8.151  -2.551  -8.408  1.00 71.22  ? 201 1M0 B CBP 1 
HETATM 1231 C CBQ . 1M0 B 2 .   ? -9.451  -2.147  -7.677  1.00 69.09  ? 201 1M0 B CBQ 1 
HETATM 1232 N NAI . 1M0 B 2 .   ? -5.245  -4.527  -8.367  1.00 38.34  ? 201 1M0 B NAI 1 
HETATM 1233 C CAE . 1M0 B 2 .   ? -4.905  -4.328  -9.677  1.00 38.31  ? 201 1M0 B CAE 1 
HETATM 1234 C CAF . 1M0 B 2 .   ? -5.202  -3.380  -10.583 1.00 36.51  ? 201 1M0 B CAF 1 
HETATM 1235 C CAA . 1M0 B 2 .   ? -4.700  -3.397  -11.893 1.00 38.20  ? 201 1M0 B CAA 1 
HETATM 1236 C CAB . 1M0 B 2 .   ? -3.805  -4.403  -12.311 1.00 36.11  ? 201 1M0 B CAB 1 
HETATM 1237 C CAC . 1M0 B 2 .   ? -3.492  -5.342  -11.305 1.00 38.19  ? 201 1M0 B CAC 1 
HETATM 1238 C CAD . 1M0 B 2 .   ? -4.028  -5.309  -10.055 1.00 39.60  ? 201 1M0 B CAD 1 
HETATM 1239 N NAG . 1M0 B 2 .   ? -3.844  -6.108  -8.986  1.00 32.17  ? 201 1M0 B NAG 1 
HETATM 1240 C CAH . 1M0 B 2 .   ? -4.616  -5.660  -8.006  1.00 38.23  ? 201 1M0 B CAH 1 
HETATM 1241 C CAK . 1M0 B 2 .   ? -4.636  -6.167  -6.773  1.00 46.71  ? 201 1M0 B CAK 1 
HETATM 1242 C CAL . 1M0 B 2 .   ? -3.751  -5.591  -5.873  1.00 58.57  ? 201 1M0 B CAL 1 
HETATM 1243 C CAM . 1M0 B 2 .   ? -3.659  -6.002  -4.547  1.00 64.71  ? 201 1M0 B CAM 1 
HETATM 1244 C CAN . 1M0 B 2 .   ? -4.485  -7.014  -4.127  1.00 62.97  ? 201 1M0 B CAN 1 
HETATM 1245 C CAO . 1M0 B 2 .   ? -5.375  -7.592  -5.021  1.00 61.59  ? 201 1M0 B CAO 1 
HETATM 1246 C CAP . 1M0 B 2 .   ? -5.460  -7.173  -6.346  1.00 61.33  ? 201 1M0 B CAP 1 
HETATM 1247 O O   . HOH C 3 .   ? 7.676   -8.207  -13.240 1.00 20.23  ? 301 HOH B O   1 
HETATM 1248 O O   . HOH C 3 .   ? 7.251   6.926   13.061  1.00 18.38  ? 302 HOH B O   1 
HETATM 1249 O O   . HOH C 3 .   ? 9.869   -3.791  -0.228  1.00 21.34  ? 303 HOH B O   1 
HETATM 1250 O O   . HOH C 3 .   ? -0.621  -13.531 0.955   1.00 22.85  ? 304 HOH B O   1 
HETATM 1251 O O   . HOH C 3 .   ? -7.899  7.495   1.464   1.00 22.81  ? 305 HOH B O   1 
HETATM 1252 O O   . HOH C 3 .   ? -1.762  -16.905 -19.380 1.00 25.40  ? 306 HOH B O   1 
HETATM 1253 O O   . HOH C 3 .   ? -0.563  -18.527 -15.598 1.00 19.61  ? 307 HOH B O   1 
HETATM 1254 O O   . HOH C 3 .   ? 3.265   -2.035  -2.431  1.00 21.37  ? 308 HOH B O   1 
HETATM 1255 O O   . HOH C 3 .   ? 6.479   -5.651  -12.988 1.00 24.47  ? 309 HOH B O   1 
HETATM 1256 O O   . HOH C 3 .   ? 5.420   -4.342  -19.932 1.00 24.67  ? 310 HOH B O   1 
HETATM 1257 O O   . HOH C 3 .   ? 11.975  1.300   16.333  1.00 29.41  ? 311 HOH B O   1 
HETATM 1258 O O   . HOH C 3 .   ? 7.932   13.208  16.037  1.00 25.73  ? 312 HOH B O   1 
HETATM 1259 O O   . HOH C 3 .   ? 13.105  2.941   0.986   1.00 25.05  ? 313 HOH B O   1 
HETATM 1260 O O   . HOH C 3 .   ? 8.288   6.777   21.465  1.00 26.73  ? 314 HOH B O   1 
HETATM 1261 O O   . HOH C 3 .   ? -7.276  -16.271 -16.142 1.00 26.65  ? 315 HOH B O   1 
HETATM 1262 O O   . HOH C 3 .   ? 10.103  10.651  18.782  1.00 24.80  ? 316 HOH B O   1 
HETATM 1263 O O   . HOH C 3 .   ? 4.672   -2.454  -0.392  1.00 24.59  ? 317 HOH B O   1 
HETATM 1264 O O   . HOH C 3 .   ? 7.126   10.327  19.793  1.00 25.26  ? 318 HOH B O   1 
HETATM 1265 O O   . HOH C 3 .   ? 7.490   -3.342  10.270  1.00 32.75  ? 319 HOH B O   1 
HETATM 1266 O O   . HOH C 3 .   ? 7.371   17.219  14.654  1.00 28.15  ? 320 HOH B O   1 
HETATM 1267 O O   . HOH C 3 .   ? 8.713   -4.059  -11.915 1.00 30.43  ? 321 HOH B O   1 
HETATM 1268 O O   . HOH C 3 .   ? -5.076  16.141  8.645   1.00 29.28  ? 322 HOH B O   1 
HETATM 1269 O O   . HOH C 3 .   ? 6.787   1.892   1.306   1.00 27.85  ? 323 HOH B O   1 
HETATM 1270 O O   . HOH C 3 .   ? 6.056   -10.159 3.386   1.00 34.77  ? 324 HOH B O   1 
HETATM 1271 O O   . HOH C 3 .   ? -6.100  2.563   3.560   1.00 28.47  ? 325 HOH B O   1 
HETATM 1272 O O   . HOH C 3 .   ? -0.386  10.925  -2.137  1.00 29.56  ? 326 HOH B O   1 
HETATM 1273 O O   . HOH C 3 .   ? 12.460  -0.853  -1.332  1.00 30.87  ? 327 HOH B O   1 
HETATM 1274 O O   . HOH C 3 .   ? 5.608   -7.529  10.231  1.00 30.68  ? 328 HOH B O   1 
HETATM 1275 O O   . HOH C 3 .   ? 10.432  0.426   10.382  1.00 29.82  ? 329 HOH B O   1 
HETATM 1276 O O   . HOH C 3 .   ? 15.563  -4.387  3.728   1.00 31.35  ? 330 HOH B O   1 
HETATM 1277 O O   . HOH C 3 .   ? -3.227  10.065  14.666  1.00 29.63  ? 331 HOH B O   1 
HETATM 1278 O O   . HOH C 3 .   ? -7.090  10.073  -0.006  1.00 30.36  ? 332 HOH B O   1 
HETATM 1279 O O   . HOH C 3 .   ? -5.716  8.334   -7.126  1.00 31.63  ? 333 HOH B O   1 
HETATM 1280 O O   . HOH C 3 .   ? 7.851   -10.446 -14.995 1.00 33.82  ? 334 HOH B O   1 
HETATM 1281 O O   . HOH C 3 .   ? 6.555   2.541   -16.815 1.00 35.83  ? 335 HOH B O   1 
HETATM 1282 O O   . HOH C 3 .   ? -6.716  -6.455  -21.826 1.00 39.69  ? 336 HOH B O   1 
HETATM 1283 O O   . HOH C 3 .   ? -2.707  12.412  -2.045  1.00 31.76  ? 337 HOH B O   1 
HETATM 1284 O O   . HOH C 3 .   ? -3.999  -17.077 -12.259 1.00 31.73  ? 338 HOH B O   1 
HETATM 1285 O O   . HOH C 3 .   ? 12.028  6.939   15.464  1.00 36.72  ? 339 HOH B O   1 
HETATM 1286 O O   . HOH C 3 .   ? 8.023   -0.366  7.476   1.00 32.47  ? 340 HOH B O   1 
HETATM 1287 O O   . HOH C 3 .   ? 13.643  6.673   5.492   1.00 29.70  ? 341 HOH B O   1 
HETATM 1288 O O   . HOH C 3 .   ? 11.573  14.950  16.251  1.00 26.45  ? 342 HOH B O   1 
HETATM 1289 O O   . HOH C 3 .   ? 14.740  -0.498  19.380  1.00 32.09  ? 343 HOH B O   1 
HETATM 1290 O O   . HOH C 3 .   ? -6.030  -13.618 2.902   1.00 33.29  ? 344 HOH B O   1 
HETATM 1291 O O   . HOH C 3 .   ? 3.061   -6.241  10.970  1.00 32.16  ? 345 HOH B O   1 
HETATM 1292 O O   . HOH C 3 .   ? -9.051  5.408   -6.186  1.00 37.42  ? 346 HOH B O   1 
HETATM 1293 O O   . HOH C 3 .   ? -3.211  5.968   -13.653 1.00 37.77  ? 347 HOH B O   1 
HETATM 1294 O O   . HOH C 3 .   ? 6.368   -11.774 1.512   1.00 34.75  ? 348 HOH B O   1 
HETATM 1295 O O   . HOH C 3 .   ? 12.300  -5.146  -3.952  1.00 44.37  ? 349 HOH B O   1 
HETATM 1296 O O   . HOH C 3 .   ? -4.635  9.041   17.252  1.00 43.78  ? 350 HOH B O   1 
HETATM 1297 O O   . HOH C 3 .   ? 5.289   2.295   16.022  1.00 32.03  ? 351 HOH B O   1 
HETATM 1298 O O   . HOH C 3 .   ? 0.396   -9.095  5.193   1.00 40.81  ? 352 HOH B O   1 
HETATM 1299 O O   . HOH C 3 .   ? 9.352   -1.672  -9.988  1.00 54.47  ? 353 HOH B O   1 
HETATM 1300 O O   . HOH C 3 .   ? 12.662  5.254   -0.660  1.00 37.05  ? 354 HOH B O   1 
HETATM 1301 O O   . HOH C 3 .   ? -0.301  -20.224 -0.826  1.00 48.44  ? 355 HOH B O   1 
HETATM 1302 O O   . HOH C 3 .   ? 3.703   4.073   18.291  1.00 37.21  ? 356 HOH B O   1 
HETATM 1303 O O   . HOH C 3 .   ? -8.897  -9.894  -15.365 1.00 37.08  ? 357 HOH B O   1 
HETATM 1304 O O   . HOH C 3 .   ? 7.949   -11.909 -20.599 1.00 38.76  ? 358 HOH B O   1 
HETATM 1305 O O   . HOH C 3 .   ? 7.665   1.516   5.160   1.00 35.50  ? 359 HOH B O   1 
HETATM 1306 O O   . HOH C 3 .   ? -10.347 -12.689 -12.460 1.00 42.59  ? 360 HOH B O   1 
HETATM 1307 O O   . HOH C 3 .   ? -9.049  -12.949 -14.964 1.00 33.99  ? 361 HOH B O   1 
HETATM 1308 O O   . HOH C 3 .   ? -5.462  12.534  10.155  1.00 38.76  ? 362 HOH B O   1 
HETATM 1309 O O   . HOH C 3 .   ? 11.741  -3.143  -2.768  1.00 40.10  ? 363 HOH B O   1 
HETATM 1310 O O   . HOH C 3 .   ? -10.393 6.825   -0.400  1.00 36.69  ? 364 HOH B O   1 
HETATM 1311 O O   . HOH C 3 .   ? -0.169  9.206   21.414  1.00 34.44  ? 365 HOH B O   1 
HETATM 1312 O O   . HOH C 3 .   ? -6.076  0.263   16.491  1.00 40.85  ? 366 HOH B O   1 
HETATM 1313 O O   . HOH C 3 .   ? 12.116  13.193  -0.335  1.00 33.24  ? 367 HOH B O   1 
HETATM 1314 O O   . HOH C 3 .   ? 15.087  2.272   3.493   1.00 35.12  ? 368 HOH B O   1 
HETATM 1315 O O   . HOH C 3 .   ? 7.149   -14.514 -10.573 1.00 43.23  ? 369 HOH B O   1 
HETATM 1316 O O   . HOH C 3 .   ? -3.532  5.683   19.370  1.00 32.42  ? 370 HOH B O   1 
HETATM 1317 O O   . HOH C 3 .   ? -11.018 -3.429  3.728   1.00 40.23  ? 371 HOH B O   1 
HETATM 1318 O O   . HOH C 3 .   ? -2.744  -20.343 -2.288  1.00 49.63  ? 372 HOH B O   1 
HETATM 1319 O O   . HOH C 3 .   ? -5.721  -12.548 -22.994 1.00 36.68  ? 373 HOH B O   1 
HETATM 1320 O O   . HOH C 3 .   ? 1.470   -7.199  12.621  1.00 40.34  ? 374 HOH B O   1 
HETATM 1321 O O   . HOH C 3 .   ? 5.381   -8.757  13.237  1.00 52.16  ? 375 HOH B O   1 
HETATM 1322 O O   . HOH C 3 .   ? -5.034  11.751  13.667  1.00 45.78  ? 376 HOH B O   1 
HETATM 1323 O O   . HOH C 3 .   ? 10.309  -4.912  -8.936  1.00 48.15  ? 377 HOH B O   1 
HETATM 1324 O O   . HOH C 3 .   ? 2.867   -1.714  16.329  1.00 35.05  ? 378 HOH B O   1 
HETATM 1325 O O   . HOH C 3 .   ? -13.695 2.391   1.359   1.00 45.25  ? 379 HOH B O   1 
HETATM 1326 O O   . HOH C 3 .   ? -3.172  -2.547  15.908  1.00 40.22  ? 380 HOH B O   1 
HETATM 1327 O O   . HOH C 3 .   ? -6.001  -18.545 -19.096 1.00 51.23  ? 381 HOH B O   1 
HETATM 1328 O O   . HOH C 3 .   ? 8.341   -14.734 -8.680  1.00 36.69  ? 382 HOH B O   1 
HETATM 1329 O O   . HOH C 3 .   ? 0.267   3.461   19.623  1.00 37.79  ? 383 HOH B O   1 
HETATM 1330 O O   . HOH C 3 .   ? -16.363 -10.560 4.868   1.00 40.15  ? 384 HOH B O   1 
HETATM 1331 O O   . HOH C 3 .   ? 8.637   -0.765  9.732   1.00 37.02  ? 385 HOH B O   1 
HETATM 1332 O O   . HOH C 3 .   ? 8.742   -11.861 -3.840  1.00 49.74  ? 386 HOH B O   1 
HETATM 1333 O O   . HOH C 3 .   ? -5.964  -3.250  16.031  1.00 47.55  ? 387 HOH B O   1 
HETATM 1334 O O   . HOH C 3 .   ? -9.866  6.535   7.307   1.00 42.50  ? 388 HOH B O   1 
HETATM 1335 O O   . HOH C 3 .   ? 14.007  -9.382  -2.423  1.00 44.03  ? 389 HOH B O   1 
HETATM 1336 O O   . HOH C 3 .   ? 2.231   -5.163  14.785  1.00 42.17  ? 390 HOH B O   1 
HETATM 1337 O O   . HOH C 3 .   ? 1.839   16.770  0.231   1.00 55.08  ? 391 HOH B O   1 
HETATM 1338 O O   . HOH C 3 .   ? 5.362   16.369  -2.538  1.00 60.45  ? 392 HOH B O   1 
HETATM 1339 O O   . HOH C 3 .   ? 17.025  19.780  5.748   1.00 43.75  ? 393 HOH B O   1 
HETATM 1340 O O   . HOH C 3 .   ? 9.158   -10.244 -17.751 1.00 41.59  ? 394 HOH B O   1 
HETATM 1341 O O   . HOH C 3 .   ? 7.961   15.120  9.666   1.00 45.50  ? 395 HOH B O   1 
HETATM 1342 O O   . HOH C 3 .   ? 11.497  5.005   18.856  1.00 52.13  ? 396 HOH B O   1 
HETATM 1343 O O   . HOH C 3 .   ? 5.372   -10.543 9.689   1.00 52.39  ? 397 HOH B O   1 
HETATM 1344 O O   . HOH C 3 .   ? -5.123  -2.565  -16.579 1.00 48.42  ? 398 HOH B O   1 
HETATM 1345 O O   . HOH C 3 .   ? 3.946   10.208  -9.308  1.00 45.11  ? 399 HOH B O   1 
HETATM 1346 O O   . HOH C 3 .   ? -7.993  4.856   13.881  1.00 44.52  ? 400 HOH B O   1 
HETATM 1347 O O   . HOH C 3 .   ? 14.316  1.392   -0.960  1.00 51.27  ? 401 HOH B O   1 
HETATM 1348 O O   . HOH C 3 .   ? -6.401  14.761  10.323  1.00 58.66  ? 402 HOH B O   1 
HETATM 1349 O O   . HOH C 3 .   ? -5.655  6.735   17.020  1.00 46.34  ? 403 HOH B O   1 
HETATM 1350 O O   . HOH C 3 .   ? -7.523  -14.237 0.529   1.00 43.14  ? 404 HOH B O   1 
HETATM 1351 O O   . HOH C 3 .   ? -5.708  -8.354  9.081   1.00 43.45  ? 405 HOH B O   1 
HETATM 1352 O O   . HOH C 3 .   ? -4.217  -5.565  -16.855 1.00 37.40  ? 406 HOH B O   1 
HETATM 1353 O O   . HOH C 3 .   ? 7.724   -5.309  16.527  1.00 47.59  ? 407 HOH B O   1 
HETATM 1354 O O   . HOH C 3 .   ? -8.298  12.465  1.364   1.00 48.90  ? 408 HOH B O   1 
HETATM 1355 O O   . HOH C 3 .   ? 13.928  11.379  1.777   1.00 47.34  ? 409 HOH B O   1 
HETATM 1356 O O   . HOH C 3 .   ? -3.786  9.050   19.687  1.00 48.13  ? 410 HOH B O   1 
HETATM 1357 O O   . HOH C 3 .   ? -6.328  -18.184 -13.889 1.00 50.60  ? 411 HOH B O   1 
HETATM 1358 O O   . HOH C 3 .   ? 1.460   -11.558 1.844   1.00 41.96  ? 412 HOH B O   1 
HETATM 1359 O O   . HOH C 3 .   ? -7.841  10.559  6.264   1.00 53.78  ? 413 HOH B O   1 
HETATM 1360 O O   . HOH C 3 .   ? -11.142 -17.028 -4.277  1.00 55.19  ? 414 HOH B O   1 
HETATM 1361 O O   . HOH C 3 .   ? 4.738   4.300   20.592  1.00 44.13  ? 415 HOH B O   1 
HETATM 1362 O O   . HOH C 3 .   ? 1.150   -11.008 4.045   1.00 47.63  ? 416 HOH B O   1 
HETATM 1363 O O   . HOH C 3 .   ? 0.074   -12.280 6.473   1.00 55.92  ? 417 HOH B O   1 
HETATM 1364 O O   . HOH C 3 .   ? 18.142  6.757   4.447   1.00 54.99  ? 418 HOH B O   1 
HETATM 1365 O O   . HOH C 3 .   ? 10.979  -12.194 -1.662  1.00 48.63  ? 419 HOH B O   1 
HETATM 1366 O O   . HOH C 3 .   ? 5.845   13.806  -4.238  1.00 50.41  ? 420 HOH B O   1 
HETATM 1367 O O   . HOH C 3 .   ? -2.275  8.026   20.981  1.00 49.82  ? 421 HOH B O   1 
HETATM 1368 O O   . HOH C 3 .   ? -1.633  -13.056 4.062   1.00 49.11  ? 422 HOH B O   1 
HETATM 1369 O O   . HOH C 3 .   ? -8.155  -9.550  -21.654 1.00 53.48  ? 423 HOH B O   1 
HETATM 1370 O O   . HOH C 3 .   ? 10.911  -6.053  -6.806  1.00 45.21  ? 424 HOH B O   1 
HETATM 1371 O O   . HOH C 3 .   ? -8.487  -17.860 -3.038  1.00 50.95  ? 425 HOH B O   1 
HETATM 1372 O O   . HOH C 3 .   ? 6.643   4.695   -13.839 1.00 63.37  ? 426 HOH B O   1 
HETATM 1373 O O   . HOH C 3 .   ? -5.934  3.923   18.429  1.00 55.43  ? 427 HOH B O   1 
HETATM 1374 O O   . HOH C 3 .   ? -9.529  -0.816  13.739  1.00 47.24  ? 428 HOH B O   1 
HETATM 1375 O O   . HOH C 3 .   ? 10.811  17.548  1.705   1.00 43.43  ? 429 HOH B O   1 
HETATM 1376 O O   . HOH C 3 .   ? -16.889 -7.979  5.007   1.00 64.84  ? 430 HOH B O   1 
HETATM 1377 O O   . HOH C 3 .   ? -2.390  16.917  6.874   1.00 57.94  ? 431 HOH B O   1 
HETATM 1378 O O   . HOH C 3 .   ? 7.759   18.016  2.652   1.00 52.67  ? 432 HOH B O   1 
HETATM 1379 O O   . HOH C 3 .   ? -6.192  15.664  5.640   1.00 54.99  ? 433 HOH B O   1 
HETATM 1380 O O   . HOH C 3 .   ? 10.949  4.149   -7.446  1.00 59.66  ? 434 HOH B O   1 
HETATM 1381 O O   . HOH C 3 .   ? 10.698  -0.489  -14.770 1.00 43.95  ? 435 HOH B O   1 
HETATM 1382 O O   . HOH C 3 .   ? 1.218   1.675   -19.450 1.00 37.94  ? 436 HOH B O   1 
HETATM 1383 O O   . HOH C 3 .   ? -8.993  8.634   5.565   1.00 54.40  ? 437 HOH B O   1 
HETATM 1384 O O   . HOH C 3 .   ? -7.949  6.607   11.795  1.00 52.13  ? 438 HOH B O   1 
HETATM 1385 O O   . HOH C 3 .   ? -9.266  -13.640 3.577   1.00 61.21  ? 439 HOH B O   1 
HETATM 1386 O O   . HOH C 3 .   ? 13.692  1.430   -3.878  1.00 50.53  ? 440 HOH B O   1 
HETATM 1387 O O   . HOH C 3 .   ? -4.572  -20.573 -15.577 1.00 49.64  ? 441 HOH B O   1 
HETATM 1388 O O   . HOH C 3 .   ? -11.500 -4.295  -12.381 1.00 59.79  ? 442 HOH B O   1 
HETATM 1389 O O   . HOH C 3 .   ? -17.403 -4.780  -7.343  1.00 63.18  ? 443 HOH B O   1 
HETATM 1390 O O   . HOH C 3 .   ? -1.466  -7.721  13.890  1.00 62.59  ? 444 HOH B O   1 
HETATM 1391 O O   . HOH C 3 .   ? 9.307   -11.076 1.907   1.00 44.87  ? 445 HOH B O   1 
HETATM 1392 O O   . HOH C 3 .   ? -0.310  -6.594  5.850   1.00 54.92  ? 446 HOH B O   1 
HETATM 1393 O O   . HOH C 3 .   ? 8.239   5.240   -9.331  1.00 58.10  ? 447 HOH B O   1 
HETATM 1394 O O   . HOH C 3 .   ? -9.486  -10.141 -19.069 1.00 53.68  ? 448 HOH B O   1 
HETATM 1395 O O   . HOH C 3 .   ? 10.219  -7.126  -15.257 1.00 45.92  ? 449 HOH B O   1 
HETATM 1396 O O   . HOH C 3 .   ? -6.743  13.562  3.998   1.00 64.88  ? 450 HOH B O   1 
HETATM 1397 O O   . HOH C 3 .   ? 7.636   16.777  5.713   1.00 54.74  ? 451 HOH B O   1 
HETATM 1398 O O   . HOH C 3 .   ? -11.002 -16.140 -6.919  1.00 36.15  ? 452 HOH B O   1 
HETATM 1399 O O   . HOH C 3 .   ? 5.811   17.937  7.202   1.00 54.14  ? 453 HOH B O   1 
HETATM 1400 O O   . HOH C 3 .   ? -2.052  14.577  -0.215  1.00 63.95  ? 454 HOH B O   1 
HETATM 1401 O O   . HOH C 3 .   ? 10.645  17.733  4.202   1.00 57.76  ? 455 HOH B O   1 
HETATM 1402 O O   . HOH C 3 .   ? -8.059  -7.250  12.050  1.00 55.80  ? 456 HOH B O   1 
# 
loop_
_pdbx_poly_seq_scheme.asym_id 
_pdbx_poly_seq_scheme.entity_id 
_pdbx_poly_seq_scheme.seq_id 
_pdbx_poly_seq_scheme.mon_id 
_pdbx_poly_seq_scheme.ndb_seq_num 
_pdbx_poly_seq_scheme.pdb_seq_num 
_pdbx_poly_seq_scheme.auth_seq_num 
_pdbx_poly_seq_scheme.pdb_mon_id 
_pdbx_poly_seq_scheme.auth_mon_id 
_pdbx_poly_seq_scheme.pdb_strand_id 
_pdbx_poly_seq_scheme.pdb_ins_code 
_pdbx_poly_seq_scheme.hetero 
A 1 1   GLY 1   -1  ?   ?   ?   B . n 
A 1 2   SER 2   0   ?   ?   ?   B . n 
A 1 3   MET 3   1   ?   ?   ?   B . n 
A 1 4   SER 4   2   2   SER SER B . n 
A 1 5   ALA 5   3   3   ALA ALA B . n 
A 1 6   LYS 6   4   4   LYS LYS B . n 
A 1 7   ASP 7   5   5   ASP ASP B . n 
A 1 8   GLU 8   6   6   GLU GLU B . n 
A 1 9   ARG 9   7   7   ARG ARG B . n 
A 1 10  ALA 10  8   8   ALA ALA B . n 
A 1 11  ARG 11  9   9   ARG ARG B . n 
A 1 12  GLU 12  10  10  GLU GLU B . n 
A 1 13  ILE 13  11  11  ILE ILE B . n 
A 1 14  LEU 14  12  12  LEU LEU B . n 
A 1 15  ARG 15  13  13  ARG ARG B . n 
A 1 16  GLY 16  14  14  GLY GLY B . n 
A 1 17  PHE 17  15  15  PHE PHE B . n 
A 1 18  LYS 18  16  16  LYS LYS B . n 
A 1 19  LEU 19  17  17  LEU LEU B . n 
A 1 20  ASN 20  18  18  ASN ASN B . n 
A 1 21  TRP 21  19  19  TRP TRP B . n 
A 1 22  MET 22  20  20  MET MET B . n 
A 1 23  ASN 23  21  21  ASN ASN B . n 
A 1 24  LEU 24  22  22  LEU LEU B . n 
A 1 25  ARG 25  23  23  ARG ARG B . n 
A 1 26  ASP 26  24  24  ASP ASP B . n 
A 1 27  ALA 27  25  25  ALA ALA B . n 
A 1 28  GLU 28  26  26  GLU ALA B . n 
A 1 29  THR 29  27  27  THR ALA B . n 
A 1 30  GLY 30  28  28  GLY GLY B . n 
A 1 31  LYS 31  29  29  LYS LYS B . n 
A 1 32  ILE 32  30  30  ILE ILE B . n 
A 1 33  LEU 33  31  31  LEU LEU B . n 
A 1 34  TRP 34  32  32  TRP TRP B . n 
A 1 35  GLN 35  33  33  GLN GLN B . n 
A 1 36  GLY 36  34  34  GLY GLY B . n 
A 1 37  THR 37  35  35  THR THR B . n 
A 1 38  GLU 38  36  36  GLU GLU B . n 
A 1 39  ASP 39  37  37  ASP ASP B . n 
A 1 40  LEU 40  38  38  LEU LEU B . n 
A 1 41  SER 41  39  39  SER SER B . n 
A 1 42  VAL 42  40  40  VAL VAL B . n 
A 1 43  PRO 43  41  41  PRO PRO B . n 
A 1 44  GLY 44  42  42  GLY GLY B . n 
A 1 45  VAL 45  43  43  VAL VAL B . n 
A 1 46  GLU 46  44  44  GLU GLU B . n 
A 1 47  HIS 47  45  45  HIS HIS B . n 
A 1 48  GLU 48  46  46  GLU GLU B . n 
A 1 49  ALA 49  47  47  ALA ALA B . n 
A 1 50  ARG 50  48  48  ARG ARG B . n 
A 1 51  VAL 51  49  49  VAL VAL B . n 
A 1 52  PRO 52  50  50  PRO PRO B . n 
A 1 53  LYS 53  51  51  LYS LYS B . n 
A 1 54  LYS 54  52  52  LYS LYS B . n 
A 1 55  ILE 55  53  53  ILE ILE B . n 
A 1 56  LEU 56  54  54  LEU LEU B . n 
A 1 57  LYS 57  55  55  LYS LYS B . n 
A 1 58  CYS 58  56  56  CYS CYS B . n 
A 1 59  LYS 59  57  57  LYS LYS B . n 
A 1 60  ALA 60  58  58  ALA ALA B . n 
A 1 61  VAL 61  59  59  VAL VAL B . n 
A 1 62  SER 62  60  60  SER SER B . n 
A 1 63  ARG 63  61  61  ARG ARG B . n 
A 1 64  GLU 64  62  62  GLU GLU B . n 
A 1 65  LEU 65  63  63  LEU LEU B . n 
A 1 66  ASN 66  64  64  ASN ASN B . n 
A 1 67  PHE 67  65  65  PHE PHE B . n 
A 1 68  SER 68  66  66  SER SER B . n 
A 1 69  SER 69  67  67  SER SER B . n 
A 1 70  THR 70  68  68  THR THR B . n 
A 1 71  GLU 71  69  69  GLU GLU B . n 
A 1 72  GLN 72  70  70  GLN GLN B . n 
A 1 73  MET 73  71  71  MET MET B . n 
A 1 74  GLU 74  72  72  GLU GLU B . n 
A 1 75  LYS 75  73  73  LYS LYS B . n 
A 1 76  PHE 76  74  74  PHE PHE B . n 
A 1 77  ARG 77  75  75  ARG ARG B . n 
A 1 78  LEU 78  76  76  LEU LEU B . n 
A 1 79  GLU 79  77  77  GLU GLU B . n 
A 1 80  GLN 80  78  78  GLN GLN B . n 
A 1 81  LYS 81  79  79  LYS LYS B . n 
A 1 82  VAL 82  80  80  VAL VAL B . n 
A 1 83  TYR 83  81  81  TYR TYR B . n 
A 1 84  PHE 84  82  82  PHE PHE B . n 
A 1 85  LYS 85  83  83  LYS LYS B . n 
A 1 86  GLY 86  84  84  GLY GLY B . n 
A 1 87  GLN 87  85  85  GLN GLN B . n 
A 1 88  CYS 88  86  86  CYS CYS B . n 
A 1 89  LEU 89  87  87  LEU LEU B . n 
A 1 90  GLU 90  88  88  GLU GLU B . n 
A 1 91  GLU 91  89  89  GLU GLU B . n 
A 1 92  TRP 92  90  90  TRP TRP B . n 
A 1 93  PHE 93  91  91  PHE PHE B . n 
A 1 94  PHE 94  92  92  PHE PHE B . n 
A 1 95  GLU 95  93  93  GLU GLU B . n 
A 1 96  PHE 96  94  94  PHE PHE B . n 
A 1 97  GLY 97  95  95  GLY GLY B . n 
A 1 98  PHE 98  96  96  PHE PHE B . n 
A 1 99  VAL 99  97  97  VAL VAL B . n 
A 1 100 ILE 100 98  98  ILE ILE B . n 
A 1 101 PRO 101 99  99  PRO PRO B . n 
A 1 102 ASN 102 100 100 ASN ASN B . n 
A 1 103 SER 103 101 101 SER SER B . n 
A 1 104 THR 104 102 102 THR THR B . n 
A 1 105 ASN 105 103 103 ASN ASN B . n 
A 1 106 THR 106 104 104 THR THR B . n 
A 1 107 TRP 107 105 105 TRP TRP B . n 
A 1 108 GLN 108 106 106 GLN GLN B . n 
A 1 109 SER 109 107 107 SER SER B . n 
A 1 110 LEU 110 108 108 LEU LEU B . n 
A 1 111 ILE 111 109 109 ILE ILE B . n 
A 1 112 GLU 112 110 110 GLU GLU B . n 
A 1 113 ALA 113 111 111 ALA ALA B . n 
A 1 114 ALA 114 112 112 ALA ALA B . n 
A 1 115 PRO 115 113 ?   ?   ?   B . n 
A 1 116 GLU 116 114 ?   ?   ?   B . n 
A 1 117 SER 117 115 ?   ?   ?   B . n 
A 1 118 GLN 118 116 116 GLN GLN B . n 
A 1 119 MET 119 117 117 MET MET B . n 
A 1 120 MET 120 118 118 MET MET B . n 
A 1 121 PRO 121 119 119 PRO PRO B . n 
A 1 122 ALA 122 120 120 ALA ALA B . n 
A 1 123 SER 123 121 121 SER SER B . n 
A 1 124 VAL 124 122 122 VAL VAL B . n 
A 1 125 LEU 125 123 123 LEU LEU B . n 
A 1 126 THR 126 124 124 THR THR B . n 
A 1 127 GLY 127 125 125 GLY GLY B . n 
A 1 128 ASN 128 126 126 ASN ASN B . n 
A 1 129 VAL 129 127 127 VAL VAL B . n 
A 1 130 ILE 130 128 128 ILE ILE B . n 
A 1 131 ILE 131 129 129 ILE ILE B . n 
A 1 132 GLU 132 130 130 GLU GLU B . n 
A 1 133 THR 133 131 131 THR THR B . n 
A 1 134 LYS 134 132 132 LYS LYS B . n 
A 1 135 PHE 135 133 133 PHE PHE B . n 
A 1 136 PHE 136 134 134 PHE PHE B . n 
A 1 137 ASP 137 135 135 ASP ASP B . n 
A 1 138 ASP 138 136 136 ASP ASP B . n 
A 1 139 ASP 139 137 137 ASP ASP B . n 
A 1 140 LEU 140 138 138 LEU LEU B . n 
A 1 141 LEU 141 139 139 LEU LEU B . n 
A 1 142 VAL 142 140 140 VAL VAL B . n 
A 1 143 SER 143 141 141 SER SER B . n 
A 1 144 THR 144 142 142 THR THR B . n 
A 1 145 SER 145 143 143 SER SER B . n 
A 1 146 ARG 146 144 144 ARG ARG B . n 
A 1 147 VAL 147 145 145 VAL VAL B . n 
A 1 148 ARG 148 146 146 ARG ARG B . n 
A 1 149 LEU 149 147 147 LEU LEU B . n 
A 1 150 PHE 150 148 148 PHE PHE B . n 
A 1 151 TYR 151 149 149 TYR TYR B . n 
A 1 152 VAL 152 150 150 VAL VAL B . n 
# 
loop_
_pdbx_nonpoly_scheme.asym_id 
_pdbx_nonpoly_scheme.entity_id 
_pdbx_nonpoly_scheme.mon_id 
_pdbx_nonpoly_scheme.ndb_seq_num 
_pdbx_nonpoly_scheme.pdb_seq_num 
_pdbx_nonpoly_scheme.auth_seq_num 
_pdbx_nonpoly_scheme.pdb_mon_id 
_pdbx_nonpoly_scheme.auth_mon_id 
_pdbx_nonpoly_scheme.pdb_strand_id 
_pdbx_nonpoly_scheme.pdb_ins_code 
B 2 1M0 1   201 1   1M0 1M0 B . 
C 3 HOH 1   301 301 HOH HOH B . 
C 3 HOH 2   302 302 HOH HOH B . 
C 3 HOH 3   303 303 HOH HOH B . 
C 3 HOH 4   304 304 HOH HOH B . 
C 3 HOH 5   305 305 HOH HOH B . 
C 3 HOH 6   306 306 HOH HOH B . 
C 3 HOH 7   307 307 HOH HOH B . 
C 3 HOH 8   308 308 HOH HOH B . 
C 3 HOH 9   309 309 HOH HOH B . 
C 3 HOH 10  310 310 HOH HOH B . 
C 3 HOH 11  311 311 HOH HOH B . 
C 3 HOH 12  312 312 HOH HOH B . 
C 3 HOH 13  313 313 HOH HOH B . 
C 3 HOH 14  314 314 HOH HOH B . 
C 3 HOH 15  315 315 HOH HOH B . 
C 3 HOH 16  316 316 HOH HOH B . 
C 3 HOH 17  317 317 HOH HOH B . 
C 3 HOH 18  318 318 HOH HOH B . 
C 3 HOH 19  319 319 HOH HOH B . 
C 3 HOH 20  320 320 HOH HOH B . 
C 3 HOH 21  321 321 HOH HOH B . 
C 3 HOH 22  322 322 HOH HOH B . 
C 3 HOH 23  323 323 HOH HOH B . 
C 3 HOH 24  324 324 HOH HOH B . 
C 3 HOH 25  325 325 HOH HOH B . 
C 3 HOH 26  326 327 HOH HOH B . 
C 3 HOH 27  327 328 HOH HOH B . 
C 3 HOH 28  328 329 HOH HOH B . 
C 3 HOH 29  329 331 HOH HOH B . 
C 3 HOH 30  330 332 HOH HOH B . 
C 3 HOH 31  331 333 HOH HOH B . 
C 3 HOH 32  332 334 HOH HOH B . 
C 3 HOH 33  333 335 HOH HOH B . 
C 3 HOH 34  334 336 HOH HOH B . 
C 3 HOH 35  335 337 HOH HOH B . 
C 3 HOH 36  336 338 HOH HOH B . 
C 3 HOH 37  337 339 HOH HOH B . 
C 3 HOH 38  338 340 HOH HOH B . 
C 3 HOH 39  339 341 HOH HOH B . 
C 3 HOH 40  340 342 HOH HOH B . 
C 3 HOH 41  341 343 HOH HOH B . 
C 3 HOH 42  342 344 HOH HOH B . 
C 3 HOH 43  343 345 HOH HOH B . 
C 3 HOH 44  344 346 HOH HOH B . 
C 3 HOH 45  345 347 HOH HOH B . 
C 3 HOH 46  346 348 HOH HOH B . 
C 3 HOH 47  347 349 HOH HOH B . 
C 3 HOH 48  348 350 HOH HOH B . 
C 3 HOH 49  349 351 HOH HOH B . 
C 3 HOH 50  350 352 HOH HOH B . 
C 3 HOH 51  351 353 HOH HOH B . 
C 3 HOH 52  352 354 HOH HOH B . 
C 3 HOH 53  353 355 HOH HOH B . 
C 3 HOH 54  354 356 HOH HOH B . 
C 3 HOH 55  355 357 HOH HOH B . 
C 3 HOH 56  356 358 HOH HOH B . 
C 3 HOH 57  357 359 HOH HOH B . 
C 3 HOH 58  358 360 HOH HOH B . 
C 3 HOH 59  359 361 HOH HOH B . 
C 3 HOH 60  360 362 HOH HOH B . 
C 3 HOH 61  361 363 HOH HOH B . 
C 3 HOH 62  362 364 HOH HOH B . 
C 3 HOH 63  363 365 HOH HOH B . 
C 3 HOH 64  364 366 HOH HOH B . 
C 3 HOH 65  365 367 HOH HOH B . 
C 3 HOH 66  366 368 HOH HOH B . 
C 3 HOH 67  367 369 HOH HOH B . 
C 3 HOH 68  368 370 HOH HOH B . 
C 3 HOH 69  369 372 HOH HOH B . 
C 3 HOH 70  370 373 HOH HOH B . 
C 3 HOH 71  371 374 HOH HOH B . 
C 3 HOH 72  372 375 HOH HOH B . 
C 3 HOH 73  373 376 HOH HOH B . 
C 3 HOH 74  374 377 HOH HOH B . 
C 3 HOH 75  375 378 HOH HOH B . 
C 3 HOH 76  376 379 HOH HOH B . 
C 3 HOH 77  377 380 HOH HOH B . 
C 3 HOH 78  378 381 HOH HOH B . 
C 3 HOH 79  379 382 HOH HOH B . 
C 3 HOH 80  380 383 HOH HOH B . 
C 3 HOH 81  381 385 HOH HOH B . 
C 3 HOH 82  382 386 HOH HOH B . 
C 3 HOH 83  383 387 HOH HOH B . 
C 3 HOH 84  384 388 HOH HOH B . 
C 3 HOH 85  385 389 HOH HOH B . 
C 3 HOH 86  386 390 HOH HOH B . 
C 3 HOH 87  387 391 HOH HOH B . 
C 3 HOH 88  388 392 HOH HOH B . 
C 3 HOH 89  389 393 HOH HOH B . 
C 3 HOH 90  390 394 HOH HOH B . 
C 3 HOH 91  391 395 HOH HOH B . 
C 3 HOH 92  392 396 HOH HOH B . 
C 3 HOH 93  393 398 HOH HOH B . 
C 3 HOH 94  394 399 HOH HOH B . 
C 3 HOH 95  395 400 HOH HOH B . 
C 3 HOH 96  396 401 HOH HOH B . 
C 3 HOH 97  397 403 HOH HOH B . 
C 3 HOH 98  398 404 HOH HOH B . 
C 3 HOH 99  399 405 HOH HOH B . 
C 3 HOH 100 400 406 HOH HOH B . 
C 3 HOH 101 401 408 HOH HOH B . 
C 3 HOH 102 402 409 HOH HOH B . 
C 3 HOH 103 403 410 HOH HOH B . 
C 3 HOH 104 404 411 HOH HOH B . 
C 3 HOH 105 405 412 HOH HOH B . 
C 3 HOH 106 406 413 HOH HOH B . 
C 3 HOH 107 407 414 HOH HOH B . 
C 3 HOH 108 408 415 HOH HOH B . 
C 3 HOH 109 409 416 HOH HOH B . 
C 3 HOH 110 410 417 HOH HOH B . 
C 3 HOH 111 411 418 HOH HOH B . 
C 3 HOH 112 412 419 HOH HOH B . 
C 3 HOH 113 413 420 HOH HOH B . 
C 3 HOH 114 414 421 HOH HOH B . 
C 3 HOH 115 415 422 HOH HOH B . 
C 3 HOH 116 416 423 HOH HOH B . 
C 3 HOH 117 417 424 HOH HOH B . 
C 3 HOH 118 418 425 HOH HOH B . 
C 3 HOH 119 419 426 HOH HOH B . 
C 3 HOH 120 420 428 HOH HOH B . 
C 3 HOH 121 421 430 HOH HOH B . 
C 3 HOH 122 422 431 HOH HOH B . 
C 3 HOH 123 423 432 HOH HOH B . 
C 3 HOH 124 424 433 HOH HOH B . 
C 3 HOH 125 425 434 HOH HOH B . 
C 3 HOH 126 426 435 HOH HOH B . 
C 3 HOH 127 427 436 HOH HOH B . 
C 3 HOH 128 428 437 HOH HOH B . 
C 3 HOH 129 429 438 HOH HOH B . 
C 3 HOH 130 430 439 HOH HOH B . 
C 3 HOH 131 431 440 HOH HOH B . 
C 3 HOH 132 432 441 HOH HOH B . 
C 3 HOH 133 433 442 HOH HOH B . 
C 3 HOH 134 434 443 HOH HOH B . 
C 3 HOH 135 435 444 HOH HOH B . 
C 3 HOH 136 436 445 HOH HOH B . 
C 3 HOH 137 437 446 HOH HOH B . 
C 3 HOH 138 438 447 HOH HOH B . 
C 3 HOH 139 439 448 HOH HOH B . 
C 3 HOH 140 440 449 HOH HOH B . 
C 3 HOH 141 441 450 HOH HOH B . 
C 3 HOH 142 442 451 HOH HOH B . 
C 3 HOH 143 443 452 HOH HOH B . 
C 3 HOH 144 444 453 HOH HOH B . 
C 3 HOH 145 445 454 HOH HOH B . 
C 3 HOH 146 446 455 HOH HOH B . 
C 3 HOH 147 447 456 HOH HOH B . 
C 3 HOH 148 448 457 HOH HOH B . 
C 3 HOH 149 449 458 HOH HOH B . 
C 3 HOH 150 450 459 HOH HOH B . 
C 3 HOH 151 451 462 HOH HOH B . 
C 3 HOH 152 452 463 HOH HOH B . 
C 3 HOH 153 453 468 HOH HOH B . 
C 3 HOH 154 454 469 HOH HOH B . 
C 3 HOH 155 455 471 HOH HOH B . 
C 3 HOH 156 456 472 HOH HOH B . 
# 
_pdbx_struct_assembly.id                   1 
_pdbx_struct_assembly.details              author_and_software_defined_assembly 
_pdbx_struct_assembly.method_details       PISA 
_pdbx_struct_assembly.oligomeric_details   monomeric 
_pdbx_struct_assembly.oligomeric_count     1 
# 
_pdbx_struct_assembly_gen.assembly_id       1 
_pdbx_struct_assembly_gen.oper_expression   1 
_pdbx_struct_assembly_gen.asym_id_list      A,B,C 
# 
_pdbx_struct_oper_list.id                   1 
_pdbx_struct_oper_list.type                 'identity operation' 
_pdbx_struct_oper_list.name                 1_555 
_pdbx_struct_oper_list.symmetry_operation   x,y,z 
_pdbx_struct_oper_list.matrix[1][1]         1.0000000000 
_pdbx_struct_oper_list.matrix[1][2]         0.0000000000 
_pdbx_struct_oper_list.matrix[1][3]         0.0000000000 
_pdbx_struct_oper_list.vector[1]            0.0000000000 
_pdbx_struct_oper_list.matrix[2][1]         0.0000000000 
_pdbx_struct_oper_list.matrix[2][2]         1.0000000000 
_pdbx_struct_oper_list.matrix[2][3]         0.0000000000 
_pdbx_struct_oper_list.vector[2]            0.0000000000 
_pdbx_struct_oper_list.matrix[3][1]         0.0000000000 
_pdbx_struct_oper_list.matrix[3][2]         0.0000000000 
_pdbx_struct_oper_list.matrix[3][3]         1.0000000000 
_pdbx_struct_oper_list.vector[3]            0.0000000000 
# 
loop_
_pdbx_audit_revision_history.ordinal 
_pdbx_audit_revision_history.data_content_type 
_pdbx_audit_revision_history.major_revision 
_pdbx_audit_revision_history.minor_revision 
_pdbx_audit_revision_history.revision_date 
1 'Structure model' 1 0 2013-05-22 
2 'Structure model' 1 1 2013-06-05 
3 'Structure model' 1 2 2023-09-20 
# 
_pdbx_audit_revision_details.ordinal             1 
_pdbx_audit_revision_details.revision_ordinal    1 
_pdbx_audit_revision_details.data_content_type   'Structure model' 
_pdbx_audit_revision_details.provider            repository 
_pdbx_audit_revision_details.type                'Initial release' 
_pdbx_audit_revision_details.description         ? 
_pdbx_audit_revision_details.details             ? 
# 
loop_
_pdbx_audit_revision_group.ordinal 
_pdbx_audit_revision_group.revision_ordinal 
_pdbx_audit_revision_group.data_content_type 
_pdbx_audit_revision_group.group 
1 2 'Structure model' 'Database references'    
2 3 'Structure model' 'Data collection'        
3 3 'Structure model' 'Database references'    
4 3 'Structure model' 'Derived calculations'   
5 3 'Structure model' 'Refinement description' 
# 
loop_
_pdbx_audit_revision_category.ordinal 
_pdbx_audit_revision_category.revision_ordinal 
_pdbx_audit_revision_category.data_content_type 
_pdbx_audit_revision_category.category 
1 3 'Structure model' chem_comp_atom                
2 3 'Structure model' chem_comp_bond                
3 3 'Structure model' database_2                    
4 3 'Structure model' pdbx_initial_refinement_model 
5 3 'Structure model' struct_ref_seq_dif            
6 3 'Structure model' struct_site                   
# 
loop_
_pdbx_audit_revision_item.ordinal 
_pdbx_audit_revision_item.revision_ordinal 
_pdbx_audit_revision_item.data_content_type 
_pdbx_audit_revision_item.item 
1 3 'Structure model' '_database_2.pdbx_DOI'                
2 3 'Structure model' '_database_2.pdbx_database_accession' 
3 3 'Structure model' '_struct_ref_seq_dif.details'         
4 3 'Structure model' '_struct_site.pdbx_auth_asym_id'      
5 3 'Structure model' '_struct_site.pdbx_auth_comp_id'      
6 3 'Structure model' '_struct_site.pdbx_auth_seq_id'       
# 
loop_
_software.name 
_software.classification 
_software.version 
_software.citation_id 
_software.pdbx_ordinal 
PRO    'data collection' DC       ? 1 
MOLREP phasing           .        ? 2 
REFMAC refinement        5.6.0093 ? 3 
XDS    'data reduction'  .        ? 4 
XSCALE 'data scaling'    .        ? 5 
# 
_pdbx_validate_close_contact.id               1 
_pdbx_validate_close_contact.PDB_model_num    1 
_pdbx_validate_close_contact.auth_atom_id_1   O 
_pdbx_validate_close_contact.auth_asym_id_1   B 
_pdbx_validate_close_contact.auth_comp_id_1   GLY 
_pdbx_validate_close_contact.auth_seq_id_1    28 
_pdbx_validate_close_contact.PDB_ins_code_1   ? 
_pdbx_validate_close_contact.label_alt_id_1   ? 
_pdbx_validate_close_contact.auth_atom_id_2   O 
_pdbx_validate_close_contact.auth_asym_id_2   B 
_pdbx_validate_close_contact.auth_comp_id_2   HOH 
_pdbx_validate_close_contact.auth_seq_id_2    430 
_pdbx_validate_close_contact.PDB_ins_code_2   ? 
_pdbx_validate_close_contact.label_alt_id_2   ? 
_pdbx_validate_close_contact.dist             2.18 
# 
_pdbx_validate_rmsd_bond.id                        1 
_pdbx_validate_rmsd_bond.PDB_model_num             1 
_pdbx_validate_rmsd_bond.auth_atom_id_1            CG 
_pdbx_validate_rmsd_bond.auth_asym_id_1            B 
_pdbx_validate_rmsd_bond.auth_comp_id_1            GLU 
_pdbx_validate_rmsd_bond.auth_seq_id_1             10 
_pdbx_validate_rmsd_bond.PDB_ins_code_1            ? 
_pdbx_validate_rmsd_bond.label_alt_id_1            ? 
_pdbx_validate_rmsd_bond.auth_atom_id_2            CD 
_pdbx_validate_rmsd_bond.auth_asym_id_2            B 
_pdbx_validate_rmsd_bond.auth_comp_id_2            GLU 
_pdbx_validate_rmsd_bond.auth_seq_id_2             10 
_pdbx_validate_rmsd_bond.PDB_ins_code_2            ? 
_pdbx_validate_rmsd_bond.label_alt_id_2            ? 
_pdbx_validate_rmsd_bond.bond_value                1.618 
_pdbx_validate_rmsd_bond.bond_target_value         1.515 
_pdbx_validate_rmsd_bond.bond_deviation            0.103 
_pdbx_validate_rmsd_bond.bond_standard_deviation   0.015 
_pdbx_validate_rmsd_bond.linker_flag               N 
# 
loop_
_pdbx_validate_rmsd_angle.id 
_pdbx_validate_rmsd_angle.PDB_model_num 
_pdbx_validate_rmsd_angle.auth_atom_id_1 
_pdbx_validate_rmsd_angle.auth_asym_id_1 
_pdbx_validate_rmsd_angle.auth_comp_id_1 
_pdbx_validate_rmsd_angle.auth_seq_id_1 
_pdbx_validate_rmsd_angle.PDB_ins_code_1 
_pdbx_validate_rmsd_angle.label_alt_id_1 
_pdbx_validate_rmsd_angle.auth_atom_id_2 
_pdbx_validate_rmsd_angle.auth_asym_id_2 
_pdbx_validate_rmsd_angle.auth_comp_id_2 
_pdbx_validate_rmsd_angle.auth_seq_id_2 
_pdbx_validate_rmsd_angle.PDB_ins_code_2 
_pdbx_validate_rmsd_angle.label_alt_id_2 
_pdbx_validate_rmsd_angle.auth_atom_id_3 
_pdbx_validate_rmsd_angle.auth_asym_id_3 
_pdbx_validate_rmsd_angle.auth_comp_id_3 
_pdbx_validate_rmsd_angle.auth_seq_id_3 
_pdbx_validate_rmsd_angle.PDB_ins_code_3 
_pdbx_validate_rmsd_angle.label_alt_id_3 
_pdbx_validate_rmsd_angle.angle_value 
_pdbx_validate_rmsd_angle.angle_target_value 
_pdbx_validate_rmsd_angle.angle_deviation 
_pdbx_validate_rmsd_angle.angle_standard_deviation 
_pdbx_validate_rmsd_angle.linker_flag 
1 1 NE B ARG 9 ? ? CZ B ARG 9 ? ? NH1 B ARG 9 ? ? 123.41 120.30 3.11  0.50 N 
2 1 NE B ARG 9 ? ? CZ B ARG 9 ? ? NH2 B ARG 9 ? ? 117.16 120.30 -3.14 0.50 N 
# 
_pdbx_validate_torsion.id              1 
_pdbx_validate_torsion.PDB_model_num   1 
_pdbx_validate_torsion.auth_comp_id    ASP 
_pdbx_validate_torsion.auth_asym_id    B 
_pdbx_validate_torsion.auth_seq_id     136 
_pdbx_validate_torsion.PDB_ins_code    ? 
_pdbx_validate_torsion.label_alt_id    ? 
_pdbx_validate_torsion.phi             61.03 
_pdbx_validate_torsion.psi             -114.44 
# 
loop_
_pdbx_unobs_or_zero_occ_atoms.id 
_pdbx_unobs_or_zero_occ_atoms.PDB_model_num 
_pdbx_unobs_or_zero_occ_atoms.polymer_flag 
_pdbx_unobs_or_zero_occ_atoms.occupancy_flag 
_pdbx_unobs_or_zero_occ_atoms.auth_asym_id 
_pdbx_unobs_or_zero_occ_atoms.auth_comp_id 
_pdbx_unobs_or_zero_occ_atoms.auth_seq_id 
_pdbx_unobs_or_zero_occ_atoms.PDB_ins_code 
_pdbx_unobs_or_zero_occ_atoms.auth_atom_id 
_pdbx_unobs_or_zero_occ_atoms.label_alt_id 
_pdbx_unobs_or_zero_occ_atoms.label_asym_id 
_pdbx_unobs_or_zero_occ_atoms.label_comp_id 
_pdbx_unobs_or_zero_occ_atoms.label_seq_id 
_pdbx_unobs_or_zero_occ_atoms.label_atom_id 
1 1 Y 1 B GLU 26 ? CG  ? A GLU 28 CG  
2 1 Y 1 B GLU 26 ? CD  ? A GLU 28 CD  
3 1 Y 1 B GLU 26 ? OE1 ? A GLU 28 OE1 
4 1 Y 1 B GLU 26 ? OE2 ? A GLU 28 OE2 
5 1 Y 1 B THR 27 ? OG1 ? A THR 29 OG1 
6 1 Y 1 B THR 27 ? CG2 ? A THR 29 CG2 
# 
loop_
_pdbx_unobs_or_zero_occ_residues.id 
_pdbx_unobs_or_zero_occ_residues.PDB_model_num 
_pdbx_unobs_or_zero_occ_residues.polymer_flag 
_pdbx_unobs_or_zero_occ_residues.occupancy_flag 
_pdbx_unobs_or_zero_occ_residues.auth_asym_id 
_pdbx_unobs_or_zero_occ_residues.auth_comp_id 
_pdbx_unobs_or_zero_occ_residues.auth_seq_id 
_pdbx_unobs_or_zero_occ_residues.PDB_ins_code 
_pdbx_unobs_or_zero_occ_residues.label_asym_id 
_pdbx_unobs_or_zero_occ_residues.label_comp_id 
_pdbx_unobs_or_zero_occ_residues.label_seq_id 
1 1 Y 1 B GLY -1  ? A GLY 1   
2 1 Y 1 B SER 0   ? A SER 2   
3 1 Y 1 B MET 1   ? A MET 3   
4 1 Y 1 B PRO 113 ? A PRO 115 
5 1 Y 1 B GLU 114 ? A GLU 116 
6 1 Y 1 B SER 115 ? A SER 117 
# 
loop_
_chem_comp_atom.comp_id 
_chem_comp_atom.atom_id 
_chem_comp_atom.type_symbol 
_chem_comp_atom.pdbx_aromatic_flag 
_chem_comp_atom.pdbx_stereo_config 
_chem_comp_atom.pdbx_ordinal 
1M0 CBK  C Y N 1   
1M0 CBL  C Y N 2   
1M0 CBM  C Y N 3   
1M0 CBN  C Y N 4   
1M0 CBO  C Y N 5   
1M0 CBI  C Y N 6   
1M0 CBH  C N N 7   
1M0 NBC  N Y N 8   
1M0 CBB  C Y N 9   
1M0 CBG  C Y N 10  
1M0 CBF  C Y N 11  
1M0 CBE  C Y N 12  
1M0 CBD  C Y N 13  
1M0 CBA  C Y N 14  
1M0 NAZ  N Y N 15  
1M0 CAY  C Y N 16  
1M0 CAV  C Y N 17  
1M0 CAU  C Y N 18  
1M0 CAT  C Y N 19  
1M0 CAW  C Y N 20  
1M0 CAX  C Y N 21  
1M0 CAS  C Y N 22  
1M0 OAR  O N N 23  
1M0 CAQ  C N N 24  
1M0 CAJ  C N R 25  
1M0 CBJ  C N N 26  
1M0 CBP  C N N 27  
1M0 CBQ  C N N 28  
1M0 NAI  N Y N 29  
1M0 CAE  C Y N 30  
1M0 CAF  C Y N 31  
1M0 CAA  C Y N 32  
1M0 CAB  C Y N 33  
1M0 CAC  C Y N 34  
1M0 CAD  C Y N 35  
1M0 NAG  N Y N 36  
1M0 CAH  C Y N 37  
1M0 CAK  C Y N 38  
1M0 CAL  C Y N 39  
1M0 CAM  C Y N 40  
1M0 CAN  C Y N 41  
1M0 CAO  C Y N 42  
1M0 CAP  C Y N 43  
1M0 H1   H N N 44  
1M0 H2   H N N 45  
1M0 H3   H N N 46  
1M0 H4   H N N 47  
1M0 H5   H N N 48  
1M0 H6   H N N 49  
1M0 H7   H N N 50  
1M0 H8   H N N 51  
1M0 H9   H N N 52  
1M0 H10  H N N 53  
1M0 H11  H N N 54  
1M0 H12  H N N 55  
1M0 H13  H N N 56  
1M0 H14  H N N 57  
1M0 H15  H N N 58  
1M0 H16  H N N 59  
1M0 H17  H N N 60  
1M0 H18  H N N 61  
1M0 H19  H N N 62  
1M0 H20  H N N 63  
1M0 H21  H N N 64  
1M0 H23  H N N 65  
1M0 H24  H N N 66  
1M0 H26  H N N 67  
1M0 H27  H N N 68  
1M0 H28  H N N 69  
1M0 H29  H N N 70  
1M0 H30  H N N 71  
1M0 H31  H N N 72  
1M0 H32  H N N 73  
1M0 H33  H N N 74  
1M0 H34  H N N 75  
ALA N    N N N 76  
ALA CA   C N S 77  
ALA C    C N N 78  
ALA O    O N N 79  
ALA CB   C N N 80  
ALA OXT  O N N 81  
ALA H    H N N 82  
ALA H2   H N N 83  
ALA HA   H N N 84  
ALA HB1  H N N 85  
ALA HB2  H N N 86  
ALA HB3  H N N 87  
ALA HXT  H N N 88  
ARG N    N N N 89  
ARG CA   C N S 90  
ARG C    C N N 91  
ARG O    O N N 92  
ARG CB   C N N 93  
ARG CG   C N N 94  
ARG CD   C N N 95  
ARG NE   N N N 96  
ARG CZ   C N N 97  
ARG NH1  N N N 98  
ARG NH2  N N N 99  
ARG OXT  O N N 100 
ARG H    H N N 101 
ARG H2   H N N 102 
ARG HA   H N N 103 
ARG HB2  H N N 104 
ARG HB3  H N N 105 
ARG HG2  H N N 106 
ARG HG3  H N N 107 
ARG HD2  H N N 108 
ARG HD3  H N N 109 
ARG HE   H N N 110 
ARG HH11 H N N 111 
ARG HH12 H N N 112 
ARG HH21 H N N 113 
ARG HH22 H N N 114 
ARG HXT  H N N 115 
ASN N    N N N 116 
ASN CA   C N S 117 
ASN C    C N N 118 
ASN O    O N N 119 
ASN CB   C N N 120 
ASN CG   C N N 121 
ASN OD1  O N N 122 
ASN ND2  N N N 123 
ASN OXT  O N N 124 
ASN H    H N N 125 
ASN H2   H N N 126 
ASN HA   H N N 127 
ASN HB2  H N N 128 
ASN HB3  H N N 129 
ASN HD21 H N N 130 
ASN HD22 H N N 131 
ASN HXT  H N N 132 
ASP N    N N N 133 
ASP CA   C N S 134 
ASP C    C N N 135 
ASP O    O N N 136 
ASP CB   C N N 137 
ASP CG   C N N 138 
ASP OD1  O N N 139 
ASP OD2  O N N 140 
ASP OXT  O N N 141 
ASP H    H N N 142 
ASP H2   H N N 143 
ASP HA   H N N 144 
ASP HB2  H N N 145 
ASP HB3  H N N 146 
ASP HD2  H N N 147 
ASP HXT  H N N 148 
CYS N    N N N 149 
CYS CA   C N R 150 
CYS C    C N N 151 
CYS O    O N N 152 
CYS CB   C N N 153 
CYS SG   S N N 154 
CYS OXT  O N N 155 
CYS H    H N N 156 
CYS H2   H N N 157 
CYS HA   H N N 158 
CYS HB2  H N N 159 
CYS HB3  H N N 160 
CYS HG   H N N 161 
CYS HXT  H N N 162 
GLN N    N N N 163 
GLN CA   C N S 164 
GLN C    C N N 165 
GLN O    O N N 166 
GLN CB   C N N 167 
GLN CG   C N N 168 
GLN CD   C N N 169 
GLN OE1  O N N 170 
GLN NE2  N N N 171 
GLN OXT  O N N 172 
GLN H    H N N 173 
GLN H2   H N N 174 
GLN HA   H N N 175 
GLN HB2  H N N 176 
GLN HB3  H N N 177 
GLN HG2  H N N 178 
GLN HG3  H N N 179 
GLN HE21 H N N 180 
GLN HE22 H N N 181 
GLN HXT  H N N 182 
GLU N    N N N 183 
GLU CA   C N S 184 
GLU C    C N N 185 
GLU O    O N N 186 
GLU CB   C N N 187 
GLU CG   C N N 188 
GLU CD   C N N 189 
GLU OE1  O N N 190 
GLU OE2  O N N 191 
GLU OXT  O N N 192 
GLU H    H N N 193 
GLU H2   H N N 194 
GLU HA   H N N 195 
GLU HB2  H N N 196 
GLU HB3  H N N 197 
GLU HG2  H N N 198 
GLU HG3  H N N 199 
GLU HE2  H N N 200 
GLU HXT  H N N 201 
GLY N    N N N 202 
GLY CA   C N N 203 
GLY C    C N N 204 
GLY O    O N N 205 
GLY OXT  O N N 206 
GLY H    H N N 207 
GLY H2   H N N 208 
GLY HA2  H N N 209 
GLY HA3  H N N 210 
GLY HXT  H N N 211 
HIS N    N N N 212 
HIS CA   C N S 213 
HIS C    C N N 214 
HIS O    O N N 215 
HIS CB   C N N 216 
HIS CG   C Y N 217 
HIS ND1  N Y N 218 
HIS CD2  C Y N 219 
HIS CE1  C Y N 220 
HIS NE2  N Y N 221 
HIS OXT  O N N 222 
HIS H    H N N 223 
HIS H2   H N N 224 
HIS HA   H N N 225 
HIS HB2  H N N 226 
HIS HB3  H N N 227 
HIS HD1  H N N 228 
HIS HD2  H N N 229 
HIS HE1  H N N 230 
HIS HE2  H N N 231 
HIS HXT  H N N 232 
HOH O    O N N 233 
HOH H1   H N N 234 
HOH H2   H N N 235 
ILE N    N N N 236 
ILE CA   C N S 237 
ILE C    C N N 238 
ILE O    O N N 239 
ILE CB   C N S 240 
ILE CG1  C N N 241 
ILE CG2  C N N 242 
ILE CD1  C N N 243 
ILE OXT  O N N 244 
ILE H    H N N 245 
ILE H2   H N N 246 
ILE HA   H N N 247 
ILE HB   H N N 248 
ILE HG12 H N N 249 
ILE HG13 H N N 250 
ILE HG21 H N N 251 
ILE HG22 H N N 252 
ILE HG23 H N N 253 
ILE HD11 H N N 254 
ILE HD12 H N N 255 
ILE HD13 H N N 256 
ILE HXT  H N N 257 
LEU N    N N N 258 
LEU CA   C N S 259 
LEU C    C N N 260 
LEU O    O N N 261 
LEU CB   C N N 262 
LEU CG   C N N 263 
LEU CD1  C N N 264 
LEU CD2  C N N 265 
LEU OXT  O N N 266 
LEU H    H N N 267 
LEU H2   H N N 268 
LEU HA   H N N 269 
LEU HB2  H N N 270 
LEU HB3  H N N 271 
LEU HG   H N N 272 
LEU HD11 H N N 273 
LEU HD12 H N N 274 
LEU HD13 H N N 275 
LEU HD21 H N N 276 
LEU HD22 H N N 277 
LEU HD23 H N N 278 
LEU HXT  H N N 279 
LYS N    N N N 280 
LYS CA   C N S 281 
LYS C    C N N 282 
LYS O    O N N 283 
LYS CB   C N N 284 
LYS CG   C N N 285 
LYS CD   C N N 286 
LYS CE   C N N 287 
LYS NZ   N N N 288 
LYS OXT  O N N 289 
LYS H    H N N 290 
LYS H2   H N N 291 
LYS HA   H N N 292 
LYS HB2  H N N 293 
LYS HB3  H N N 294 
LYS HG2  H N N 295 
LYS HG3  H N N 296 
LYS HD2  H N N 297 
LYS HD3  H N N 298 
LYS HE2  H N N 299 
LYS HE3  H N N 300 
LYS HZ1  H N N 301 
LYS HZ2  H N N 302 
LYS HZ3  H N N 303 
LYS HXT  H N N 304 
MET N    N N N 305 
MET CA   C N S 306 
MET C    C N N 307 
MET O    O N N 308 
MET CB   C N N 309 
MET CG   C N N 310 
MET SD   S N N 311 
MET CE   C N N 312 
MET OXT  O N N 313 
MET H    H N N 314 
MET H2   H N N 315 
MET HA   H N N 316 
MET HB2  H N N 317 
MET HB3  H N N 318 
MET HG2  H N N 319 
MET HG3  H N N 320 
MET HE1  H N N 321 
MET HE2  H N N 322 
MET HE3  H N N 323 
MET HXT  H N N 324 
PHE N    N N N 325 
PHE CA   C N S 326 
PHE C    C N N 327 
PHE O    O N N 328 
PHE CB   C N N 329 
PHE CG   C Y N 330 
PHE CD1  C Y N 331 
PHE CD2  C Y N 332 
PHE CE1  C Y N 333 
PHE CE2  C Y N 334 
PHE CZ   C Y N 335 
PHE OXT  O N N 336 
PHE H    H N N 337 
PHE H2   H N N 338 
PHE HA   H N N 339 
PHE HB2  H N N 340 
PHE HB3  H N N 341 
PHE HD1  H N N 342 
PHE HD2  H N N 343 
PHE HE1  H N N 344 
PHE HE2  H N N 345 
PHE HZ   H N N 346 
PHE HXT  H N N 347 
PRO N    N N N 348 
PRO CA   C N S 349 
PRO C    C N N 350 
PRO O    O N N 351 
PRO CB   C N N 352 
PRO CG   C N N 353 
PRO CD   C N N 354 
PRO OXT  O N N 355 
PRO H    H N N 356 
PRO HA   H N N 357 
PRO HB2  H N N 358 
PRO HB3  H N N 359 
PRO HG2  H N N 360 
PRO HG3  H N N 361 
PRO HD2  H N N 362 
PRO HD3  H N N 363 
PRO HXT  H N N 364 
SER N    N N N 365 
SER CA   C N S 366 
SER C    C N N 367 
SER O    O N N 368 
SER CB   C N N 369 
SER OG   O N N 370 
SER OXT  O N N 371 
SER H    H N N 372 
SER H2   H N N 373 
SER HA   H N N 374 
SER HB2  H N N 375 
SER HB3  H N N 376 
SER HG   H N N 377 
SER HXT  H N N 378 
THR N    N N N 379 
THR CA   C N S 380 
THR C    C N N 381 
THR O    O N N 382 
THR CB   C N R 383 
THR OG1  O N N 384 
THR CG2  C N N 385 
THR OXT  O N N 386 
THR H    H N N 387 
THR H2   H N N 388 
THR HA   H N N 389 
THR HB   H N N 390 
THR HG1  H N N 391 
THR HG21 H N N 392 
THR HG22 H N N 393 
THR HG23 H N N 394 
THR HXT  H N N 395 
TRP N    N N N 396 
TRP CA   C N S 397 
TRP C    C N N 398 
TRP O    O N N 399 
TRP CB   C N N 400 
TRP CG   C Y N 401 
TRP CD1  C Y N 402 
TRP CD2  C Y N 403 
TRP NE1  N Y N 404 
TRP CE2  C Y N 405 
TRP CE3  C Y N 406 
TRP CZ2  C Y N 407 
TRP CZ3  C Y N 408 
TRP CH2  C Y N 409 
TRP OXT  O N N 410 
TRP H    H N N 411 
TRP H2   H N N 412 
TRP HA   H N N 413 
TRP HB2  H N N 414 
TRP HB3  H N N 415 
TRP HD1  H N N 416 
TRP HE1  H N N 417 
TRP HE3  H N N 418 
TRP HZ2  H N N 419 
TRP HZ3  H N N 420 
TRP HH2  H N N 421 
TRP HXT  H N N 422 
TYR N    N N N 423 
TYR CA   C N S 424 
TYR C    C N N 425 
TYR O    O N N 426 
TYR CB   C N N 427 
TYR CG   C Y N 428 
TYR CD1  C Y N 429 
TYR CD2  C Y N 430 
TYR CE1  C Y N 431 
TYR CE2  C Y N 432 
TYR CZ   C Y N 433 
TYR OH   O N N 434 
TYR OXT  O N N 435 
TYR H    H N N 436 
TYR H2   H N N 437 
TYR HA   H N N 438 
TYR HB2  H N N 439 
TYR HB3  H N N 440 
TYR HD1  H N N 441 
TYR HD2  H N N 442 
TYR HE1  H N N 443 
TYR HE2  H N N 444 
TYR HH   H N N 445 
TYR HXT  H N N 446 
VAL N    N N N 447 
VAL CA   C N S 448 
VAL C    C N N 449 
VAL O    O N N 450 
VAL CB   C N N 451 
VAL CG1  C N N 452 
VAL CG2  C N N 453 
VAL OXT  O N N 454 
VAL H    H N N 455 
VAL H2   H N N 456 
VAL HA   H N N 457 
VAL HB   H N N 458 
VAL HG11 H N N 459 
VAL HG12 H N N 460 
VAL HG13 H N N 461 
VAL HG21 H N N 462 
VAL HG22 H N N 463 
VAL HG23 H N N 464 
VAL HXT  H N N 465 
# 
loop_
_chem_comp_bond.comp_id 
_chem_comp_bond.atom_id_1 
_chem_comp_bond.atom_id_2 
_chem_comp_bond.value_order 
_chem_comp_bond.pdbx_aromatic_flag 
_chem_comp_bond.pdbx_stereo_config 
_chem_comp_bond.pdbx_ordinal 
1M0 CAC CAB  doub Y N 1   
1M0 CAC CAD  sing Y N 2   
1M0 CAB CAA  sing Y N 3   
1M0 NAG CAD  sing Y N 4   
1M0 NAG CAH  doub Y N 5   
1M0 CAD CAE  doub Y N 6   
1M0 CAP CAO  doub Y N 7   
1M0 CAP CAK  sing Y N 8   
1M0 CAO CAN  sing Y N 9   
1M0 CAH CAK  sing N N 10  
1M0 CAH NAI  sing Y N 11  
1M0 CBL CBK  doub Y N 12  
1M0 CBL CBM  sing Y N 13  
1M0 CAK CAL  doub Y N 14  
1M0 CAA CAF  doub Y N 15  
1M0 CAE CAF  sing Y N 16  
1M0 CAE NAI  sing Y N 17  
1M0 CAN CAM  doub Y N 18  
1M0 CBK CBI  sing Y N 19  
1M0 CAL CAM  sing Y N 20  
1M0 CBM CBN  doub Y N 21  
1M0 NAI CAJ  sing N N 22  
1M0 CBI CBH  sing N N 23  
1M0 CBI CBO  doub Y N 24  
1M0 CBN CBO  sing Y N 25  
1M0 CAJ CBJ  sing N N 26  
1M0 CAJ CAQ  sing N N 27  
1M0 CBJ CBP  sing N N 28  
1M0 CBH NBC  sing N N 29  
1M0 CBP CBQ  doub N N 30  
1M0 CAQ OAR  sing N N 31  
1M0 OAR CAS  sing N N 32  
1M0 NBC CBB  sing Y N 33  
1M0 NBC CAY  sing Y N 34  
1M0 CAS CAT  doub Y N 35  
1M0 CAS CAX  sing Y N 36  
1M0 CAT CAU  sing Y N 37  
1M0 CBG CBB  doub Y N 38  
1M0 CBG CBF  sing Y N 39  
1M0 CAX CAW  doub Y N 40  
1M0 CAU CAV  doub Y N 41  
1M0 CBB CBA  sing Y N 42  
1M0 CAW CAV  sing Y N 43  
1M0 CAV CAY  sing N N 44  
1M0 CBF CBE  doub Y N 45  
1M0 CAY NAZ  doub Y N 46  
1M0 CBA NAZ  sing Y N 47  
1M0 CBA CBD  doub Y N 48  
1M0 CBE CBD  sing Y N 49  
1M0 CBK H1   sing N N 50  
1M0 CBL H2   sing N N 51  
1M0 CBM H3   sing N N 52  
1M0 CBN H4   sing N N 53  
1M0 CBO H5   sing N N 54  
1M0 CBH H6   sing N N 55  
1M0 CBH H7   sing N N 56  
1M0 CBG H8   sing N N 57  
1M0 CBF H9   sing N N 58  
1M0 CBE H10  sing N N 59  
1M0 CBD H11  sing N N 60  
1M0 CAU H12  sing N N 61  
1M0 CAT H13  sing N N 62  
1M0 CAW H14  sing N N 63  
1M0 CAX H15  sing N N 64  
1M0 CAQ H16  sing N N 65  
1M0 CAQ H17  sing N N 66  
1M0 CAJ H18  sing N N 67  
1M0 CBJ H19  sing N N 68  
1M0 CBJ H20  sing N N 69  
1M0 CBP H21  sing N N 70  
1M0 CBQ H23  sing N N 71  
1M0 CBQ H24  sing N N 72  
1M0 CAF H26  sing N N 73  
1M0 CAA H27  sing N N 74  
1M0 CAB H28  sing N N 75  
1M0 CAC H29  sing N N 76  
1M0 CAL H30  sing N N 77  
1M0 CAM H31  sing N N 78  
1M0 CAN H32  sing N N 79  
1M0 CAO H33  sing N N 80  
1M0 CAP H34  sing N N 81  
ALA N   CA   sing N N 82  
ALA N   H    sing N N 83  
ALA N   H2   sing N N 84  
ALA CA  C    sing N N 85  
ALA CA  CB   sing N N 86  
ALA CA  HA   sing N N 87  
ALA C   O    doub N N 88  
ALA C   OXT  sing N N 89  
ALA CB  HB1  sing N N 90  
ALA CB  HB2  sing N N 91  
ALA CB  HB3  sing N N 92  
ALA OXT HXT  sing N N 93  
ARG N   CA   sing N N 94  
ARG N   H    sing N N 95  
ARG N   H2   sing N N 96  
ARG CA  C    sing N N 97  
ARG CA  CB   sing N N 98  
ARG CA  HA   sing N N 99  
ARG C   O    doub N N 100 
ARG C   OXT  sing N N 101 
ARG CB  CG   sing N N 102 
ARG CB  HB2  sing N N 103 
ARG CB  HB3  sing N N 104 
ARG CG  CD   sing N N 105 
ARG CG  HG2  sing N N 106 
ARG CG  HG3  sing N N 107 
ARG CD  NE   sing N N 108 
ARG CD  HD2  sing N N 109 
ARG CD  HD3  sing N N 110 
ARG NE  CZ   sing N N 111 
ARG NE  HE   sing N N 112 
ARG CZ  NH1  sing N N 113 
ARG CZ  NH2  doub N N 114 
ARG NH1 HH11 sing N N 115 
ARG NH1 HH12 sing N N 116 
ARG NH2 HH21 sing N N 117 
ARG NH2 HH22 sing N N 118 
ARG OXT HXT  sing N N 119 
ASN N   CA   sing N N 120 
ASN N   H    sing N N 121 
ASN N   H2   sing N N 122 
ASN CA  C    sing N N 123 
ASN CA  CB   sing N N 124 
ASN CA  HA   sing N N 125 
ASN C   O    doub N N 126 
ASN C   OXT  sing N N 127 
ASN CB  CG   sing N N 128 
ASN CB  HB2  sing N N 129 
ASN CB  HB3  sing N N 130 
ASN CG  OD1  doub N N 131 
ASN CG  ND2  sing N N 132 
ASN ND2 HD21 sing N N 133 
ASN ND2 HD22 sing N N 134 
ASN OXT HXT  sing N N 135 
ASP N   CA   sing N N 136 
ASP N   H    sing N N 137 
ASP N   H2   sing N N 138 
ASP CA  C    sing N N 139 
ASP CA  CB   sing N N 140 
ASP CA  HA   sing N N 141 
ASP C   O    doub N N 142 
ASP C   OXT  sing N N 143 
ASP CB  CG   sing N N 144 
ASP CB  HB2  sing N N 145 
ASP CB  HB3  sing N N 146 
ASP CG  OD1  doub N N 147 
ASP CG  OD2  sing N N 148 
ASP OD2 HD2  sing N N 149 
ASP OXT HXT  sing N N 150 
CYS N   CA   sing N N 151 
CYS N   H    sing N N 152 
CYS N   H2   sing N N 153 
CYS CA  C    sing N N 154 
CYS CA  CB   sing N N 155 
CYS CA  HA   sing N N 156 
CYS C   O    doub N N 157 
CYS C   OXT  sing N N 158 
CYS CB  SG   sing N N 159 
CYS CB  HB2  sing N N 160 
CYS CB  HB3  sing N N 161 
CYS SG  HG   sing N N 162 
CYS OXT HXT  sing N N 163 
GLN N   CA   sing N N 164 
GLN N   H    sing N N 165 
GLN N   H2   sing N N 166 
GLN CA  C    sing N N 167 
GLN CA  CB   sing N N 168 
GLN CA  HA   sing N N 169 
GLN C   O    doub N N 170 
GLN C   OXT  sing N N 171 
GLN CB  CG   sing N N 172 
GLN CB  HB2  sing N N 173 
GLN CB  HB3  sing N N 174 
GLN CG  CD   sing N N 175 
GLN CG  HG2  sing N N 176 
GLN CG  HG3  sing N N 177 
GLN CD  OE1  doub N N 178 
GLN CD  NE2  sing N N 179 
GLN NE2 HE21 sing N N 180 
GLN NE2 HE22 sing N N 181 
GLN OXT HXT  sing N N 182 
GLU N   CA   sing N N 183 
GLU N   H    sing N N 184 
GLU N   H2   sing N N 185 
GLU CA  C    sing N N 186 
GLU CA  CB   sing N N 187 
GLU CA  HA   sing N N 188 
GLU C   O    doub N N 189 
GLU C   OXT  sing N N 190 
GLU CB  CG   sing N N 191 
GLU CB  HB2  sing N N 192 
GLU CB  HB3  sing N N 193 
GLU CG  CD   sing N N 194 
GLU CG  HG2  sing N N 195 
GLU CG  HG3  sing N N 196 
GLU CD  OE1  doub N N 197 
GLU CD  OE2  sing N N 198 
GLU OE2 HE2  sing N N 199 
GLU OXT HXT  sing N N 200 
GLY N   CA   sing N N 201 
GLY N   H    sing N N 202 
GLY N   H2   sing N N 203 
GLY CA  C    sing N N 204 
GLY CA  HA2  sing N N 205 
GLY CA  HA3  sing N N 206 
GLY C   O    doub N N 207 
GLY C   OXT  sing N N 208 
GLY OXT HXT  sing N N 209 
HIS N   CA   sing N N 210 
HIS N   H    sing N N 211 
HIS N   H2   sing N N 212 
HIS CA  C    sing N N 213 
HIS CA  CB   sing N N 214 
HIS CA  HA   sing N N 215 
HIS C   O    doub N N 216 
HIS C   OXT  sing N N 217 
HIS CB  CG   sing N N 218 
HIS CB  HB2  sing N N 219 
HIS CB  HB3  sing N N 220 
HIS CG  ND1  sing Y N 221 
HIS CG  CD2  doub Y N 222 
HIS ND1 CE1  doub Y N 223 
HIS ND1 HD1  sing N N 224 
HIS CD2 NE2  sing Y N 225 
HIS CD2 HD2  sing N N 226 
HIS CE1 NE2  sing Y N 227 
HIS CE1 HE1  sing N N 228 
HIS NE2 HE2  sing N N 229 
HIS OXT HXT  sing N N 230 
HOH O   H1   sing N N 231 
HOH O   H2   sing N N 232 
ILE N   CA   sing N N 233 
ILE N   H    sing N N 234 
ILE N   H2   sing N N 235 
ILE CA  C    sing N N 236 
ILE CA  CB   sing N N 237 
ILE CA  HA   sing N N 238 
ILE C   O    doub N N 239 
ILE C   OXT  sing N N 240 
ILE CB  CG1  sing N N 241 
ILE CB  CG2  sing N N 242 
ILE CB  HB   sing N N 243 
ILE CG1 CD1  sing N N 244 
ILE CG1 HG12 sing N N 245 
ILE CG1 HG13 sing N N 246 
ILE CG2 HG21 sing N N 247 
ILE CG2 HG22 sing N N 248 
ILE CG2 HG23 sing N N 249 
ILE CD1 HD11 sing N N 250 
ILE CD1 HD12 sing N N 251 
ILE CD1 HD13 sing N N 252 
ILE OXT HXT  sing N N 253 
LEU N   CA   sing N N 254 
LEU N   H    sing N N 255 
LEU N   H2   sing N N 256 
LEU CA  C    sing N N 257 
LEU CA  CB   sing N N 258 
LEU CA  HA   sing N N 259 
LEU C   O    doub N N 260 
LEU C   OXT  sing N N 261 
LEU CB  CG   sing N N 262 
LEU CB  HB2  sing N N 263 
LEU CB  HB3  sing N N 264 
LEU CG  CD1  sing N N 265 
LEU CG  CD2  sing N N 266 
LEU CG  HG   sing N N 267 
LEU CD1 HD11 sing N N 268 
LEU CD1 HD12 sing N N 269 
LEU CD1 HD13 sing N N 270 
LEU CD2 HD21 sing N N 271 
LEU CD2 HD22 sing N N 272 
LEU CD2 HD23 sing N N 273 
LEU OXT HXT  sing N N 274 
LYS N   CA   sing N N 275 
LYS N   H    sing N N 276 
LYS N   H2   sing N N 277 
LYS CA  C    sing N N 278 
LYS CA  CB   sing N N 279 
LYS CA  HA   sing N N 280 
LYS C   O    doub N N 281 
LYS C   OXT  sing N N 282 
LYS CB  CG   sing N N 283 
LYS CB  HB2  sing N N 284 
LYS CB  HB3  sing N N 285 
LYS CG  CD   sing N N 286 
LYS CG  HG2  sing N N 287 
LYS CG  HG3  sing N N 288 
LYS CD  CE   sing N N 289 
LYS CD  HD2  sing N N 290 
LYS CD  HD3  sing N N 291 
LYS CE  NZ   sing N N 292 
LYS CE  HE2  sing N N 293 
LYS CE  HE3  sing N N 294 
LYS NZ  HZ1  sing N N 295 
LYS NZ  HZ2  sing N N 296 
LYS NZ  HZ3  sing N N 297 
LYS OXT HXT  sing N N 298 
MET N   CA   sing N N 299 
MET N   H    sing N N 300 
MET N   H2   sing N N 301 
MET CA  C    sing N N 302 
MET CA  CB   sing N N 303 
MET CA  HA   sing N N 304 
MET C   O    doub N N 305 
MET C   OXT  sing N N 306 
MET CB  CG   sing N N 307 
MET CB  HB2  sing N N 308 
MET CB  HB3  sing N N 309 
MET CG  SD   sing N N 310 
MET CG  HG2  sing N N 311 
MET CG  HG3  sing N N 312 
MET SD  CE   sing N N 313 
MET CE  HE1  sing N N 314 
MET CE  HE2  sing N N 315 
MET CE  HE3  sing N N 316 
MET OXT HXT  sing N N 317 
PHE N   CA   sing N N 318 
PHE N   H    sing N N 319 
PHE N   H2   sing N N 320 
PHE CA  C    sing N N 321 
PHE CA  CB   sing N N 322 
PHE CA  HA   sing N N 323 
PHE C   O    doub N N 324 
PHE C   OXT  sing N N 325 
PHE CB  CG   sing N N 326 
PHE CB  HB2  sing N N 327 
PHE CB  HB3  sing N N 328 
PHE CG  CD1  doub Y N 329 
PHE CG  CD2  sing Y N 330 
PHE CD1 CE1  sing Y N 331 
PHE CD1 HD1  sing N N 332 
PHE CD2 CE2  doub Y N 333 
PHE CD2 HD2  sing N N 334 
PHE CE1 CZ   doub Y N 335 
PHE CE1 HE1  sing N N 336 
PHE CE2 CZ   sing Y N 337 
PHE CE2 HE2  sing N N 338 
PHE CZ  HZ   sing N N 339 
PHE OXT HXT  sing N N 340 
PRO N   CA   sing N N 341 
PRO N   CD   sing N N 342 
PRO N   H    sing N N 343 
PRO CA  C    sing N N 344 
PRO CA  CB   sing N N 345 
PRO CA  HA   sing N N 346 
PRO C   O    doub N N 347 
PRO C   OXT  sing N N 348 
PRO CB  CG   sing N N 349 
PRO CB  HB2  sing N N 350 
PRO CB  HB3  sing N N 351 
PRO CG  CD   sing N N 352 
PRO CG  HG2  sing N N 353 
PRO CG  HG3  sing N N 354 
PRO CD  HD2  sing N N 355 
PRO CD  HD3  sing N N 356 
PRO OXT HXT  sing N N 357 
SER N   CA   sing N N 358 
SER N   H    sing N N 359 
SER N   H2   sing N N 360 
SER CA  C    sing N N 361 
SER CA  CB   sing N N 362 
SER CA  HA   sing N N 363 
SER C   O    doub N N 364 
SER C   OXT  sing N N 365 
SER CB  OG   sing N N 366 
SER CB  HB2  sing N N 367 
SER CB  HB3  sing N N 368 
SER OG  HG   sing N N 369 
SER OXT HXT  sing N N 370 
THR N   CA   sing N N 371 
THR N   H    sing N N 372 
THR N   H2   sing N N 373 
THR CA  C    sing N N 374 
THR CA  CB   sing N N 375 
THR CA  HA   sing N N 376 
THR C   O    doub N N 377 
THR C   OXT  sing N N 378 
THR CB  OG1  sing N N 379 
THR CB  CG2  sing N N 380 
THR CB  HB   sing N N 381 
THR OG1 HG1  sing N N 382 
THR CG2 HG21 sing N N 383 
THR CG2 HG22 sing N N 384 
THR CG2 HG23 sing N N 385 
THR OXT HXT  sing N N 386 
TRP N   CA   sing N N 387 
TRP N   H    sing N N 388 
TRP N   H2   sing N N 389 
TRP CA  C    sing N N 390 
TRP CA  CB   sing N N 391 
TRP CA  HA   sing N N 392 
TRP C   O    doub N N 393 
TRP C   OXT  sing N N 394 
TRP CB  CG   sing N N 395 
TRP CB  HB2  sing N N 396 
TRP CB  HB3  sing N N 397 
TRP CG  CD1  doub Y N 398 
TRP CG  CD2  sing Y N 399 
TRP CD1 NE1  sing Y N 400 
TRP CD1 HD1  sing N N 401 
TRP CD2 CE2  doub Y N 402 
TRP CD2 CE3  sing Y N 403 
TRP NE1 CE2  sing Y N 404 
TRP NE1 HE1  sing N N 405 
TRP CE2 CZ2  sing Y N 406 
TRP CE3 CZ3  doub Y N 407 
TRP CE3 HE3  sing N N 408 
TRP CZ2 CH2  doub Y N 409 
TRP CZ2 HZ2  sing N N 410 
TRP CZ3 CH2  sing Y N 411 
TRP CZ3 HZ3  sing N N 412 
TRP CH2 HH2  sing N N 413 
TRP OXT HXT  sing N N 414 
TYR N   CA   sing N N 415 
TYR N   H    sing N N 416 
TYR N   H2   sing N N 417 
TYR CA  C    sing N N 418 
TYR CA  CB   sing N N 419 
TYR CA  HA   sing N N 420 
TYR C   O    doub N N 421 
TYR C   OXT  sing N N 422 
TYR CB  CG   sing N N 423 
TYR CB  HB2  sing N N 424 
TYR CB  HB3  sing N N 425 
TYR CG  CD1  doub Y N 426 
TYR CG  CD2  sing Y N 427 
TYR CD1 CE1  sing Y N 428 
TYR CD1 HD1  sing N N 429 
TYR CD2 CE2  doub Y N 430 
TYR CD2 HD2  sing N N 431 
TYR CE1 CZ   doub Y N 432 
TYR CE1 HE1  sing N N 433 
TYR CE2 CZ   sing Y N 434 
TYR CE2 HE2  sing N N 435 
TYR CZ  OH   sing N N 436 
TYR OH  HH   sing N N 437 
TYR OXT HXT  sing N N 438 
VAL N   CA   sing N N 439 
VAL N   H    sing N N 440 
VAL N   H2   sing N N 441 
VAL CA  C    sing N N 442 
VAL CA  CB   sing N N 443 
VAL CA  HA   sing N N 444 
VAL C   O    doub N N 445 
VAL C   OXT  sing N N 446 
VAL CB  CG1  sing N N 447 
VAL CB  CG2  sing N N 448 
VAL CB  HB   sing N N 449 
VAL CG1 HG11 sing N N 450 
VAL CG1 HG12 sing N N 451 
VAL CG1 HG13 sing N N 452 
VAL CG2 HG21 sing N N 453 
VAL CG2 HG22 sing N N 454 
VAL CG2 HG23 sing N N 455 
VAL OXT HXT  sing N N 456 
# 
loop_
_pdbx_entity_nonpoly.entity_id 
_pdbx_entity_nonpoly.name 
_pdbx_entity_nonpoly.comp_id 
2 '1-benzyl-2-(4-{[(2R)-2-(2-phenyl-1H-benzimidazol-1-yl)pent-4-en-1-yl]oxy}phenyl)-1H-benzimidazole' 1M0 
3 water                                                                                               HOH 
# 
_pdbx_initial_refinement_model.id               1 
_pdbx_initial_refinement_model.entity_id_list   ? 
_pdbx_initial_refinement_model.type             'experimental model' 
_pdbx_initial_refinement_model.source_name      PDB 
_pdbx_initial_refinement_model.accession_code   3T5G 
_pdbx_initial_refinement_model.details          ? 
# 
